data_6UDE
#
_entry.id   6UDE
#
_cell.length_a   57.730
_cell.length_b   185.930
_cell.length_c   103.460
_cell.angle_alpha   90.000
_cell.angle_beta   105.776
_cell.angle_gamma   90.000
#
_symmetry.space_group_name_H-M   'P 1 21 1'
#
loop_
_entity.id
_entity.type
_entity.pdbx_description
1 polymer 'Glycerol kinase'
2 non-polymer "ADENOSINE-5'-DIPHOSPHATE"
3 non-polymer GLYCEROL
4 non-polymer 'MAGNESIUM ION'
5 water water
#
_entity_poly.entity_id   1
_entity_poly.type   'polypeptide(L)'
_entity_poly.pdbx_seq_one_letter_code
;MAHHHHHHMMNEKLILALDQGTTSSRAILFNKSGEIKFVSQKSFEQIFPTPGWVEHDPNEIWSSQISVAAEVIAKAGISG
LEVAAIGITNQRETTVVWDRHTSEPIYNAIVWQDRRTSKYCDELKSQGHTDEIKQKTGLVLDAYFSATKLKWILDNVEGA
REKAEAGDLCFGTVDTWLIWKLTRGKMFITDVSNASRTMMFNIRTMDWDDDLLKLFNIPRAILPEVKQSSEVYGETSTTL
FSTKIPIAGIAGDQQAALFGQMCTKPGMVKNTYGTGCFLLMNTGNEAVYSKNNLLTTVAWKINGEVSYALEGSVFVGGAA
IQWLRDGLKIIHDSSEVSTLAETVEDNGGVYFVPALTGLGAPYWDQYARGTIIGVTRGTTDGHIARATLEGIAFQVYDIV
KAMEADAETQSTELRVDGGASASNLLMQIQSDLFGFKIIRPKTLETTALGAAYLAGLAVGFWESIDEIQSQWIIEKEFTP
KEDKTKIDNMVSFWHKAVKRSQAWIED
;
_entity_poly.pdbx_strand_id   A,B,C,D
#
loop_
_chem_comp.id
_chem_comp.type
_chem_comp.name
_chem_comp.formula
ADP non-polymer ADENOSINE-5'-DIPHOSPHATE 'C10 H15 N5 O10 P2'
GOL non-polymer GLYCEROL 'C3 H8 O3'
MG non-polymer 'MAGNESIUM ION' 'Mg 2'
#
# COMPACT_ATOMS: atom_id res chain seq x y z
N GLU A 12 -32.12 27.98 -19.12
CA GLU A 12 -30.99 27.58 -19.95
C GLU A 12 -31.21 26.20 -20.54
N LYS A 13 -31.40 26.15 -21.86
CA LYS A 13 -31.44 24.88 -22.58
C LYS A 13 -30.03 24.33 -22.71
N LEU A 14 -29.93 23.00 -22.75
CA LEU A 14 -28.66 22.29 -22.85
C LEU A 14 -28.77 21.23 -23.94
N ILE A 15 -27.60 20.76 -24.39
CA ILE A 15 -27.50 19.65 -25.32
C ILE A 15 -26.78 18.51 -24.61
N LEU A 16 -27.33 17.30 -24.73
CA LEU A 16 -26.76 16.11 -24.09
C LEU A 16 -25.89 15.36 -25.11
N ALA A 17 -24.62 15.14 -24.75
CA ALA A 17 -23.69 14.32 -25.52
C ALA A 17 -23.48 13.01 -24.76
N LEU A 18 -23.72 11.88 -25.44
CA LEU A 18 -23.41 10.58 -24.87
C LEU A 18 -22.17 10.04 -25.58
N ASP A 19 -21.11 9.82 -24.81
CA ASP A 19 -19.81 9.39 -25.34
C ASP A 19 -19.51 8.03 -24.71
N GLN A 20 -19.82 6.97 -25.46
CA GLN A 20 -19.64 5.60 -25.01
C GLN A 20 -18.24 5.14 -25.42
N GLY A 21 -17.28 5.24 -24.49
CA GLY A 21 -15.89 4.96 -24.79
C GLY A 21 -15.53 3.50 -24.59
N THR A 22 -14.29 3.16 -24.95
CA THR A 22 -13.80 1.80 -24.76
C THR A 22 -13.75 1.38 -23.28
N THR A 23 -13.48 2.30 -22.38
CA THR A 23 -13.36 1.90 -20.98
C THR A 23 -14.36 2.56 -20.04
N SER A 24 -15.02 3.64 -20.45
CA SER A 24 -16.07 4.25 -19.62
C SER A 24 -17.11 4.91 -20.51
N SER A 25 -18.31 5.04 -19.97
CA SER A 25 -19.39 5.76 -20.62
C SER A 25 -19.58 7.12 -19.93
N ARG A 26 -19.78 8.15 -20.74
CA ARG A 26 -19.92 9.53 -20.28
C ARG A 26 -21.22 10.13 -20.78
N ALA A 27 -21.71 11.09 -20.02
CA ALA A 27 -22.82 11.94 -20.41
C ALA A 27 -22.45 13.37 -20.03
N ILE A 28 -22.50 14.28 -21.00
CA ILE A 28 -22.08 15.66 -20.77
C ILE A 28 -23.17 16.60 -21.25
N LEU A 29 -23.51 17.57 -20.42
CA LEU A 29 -24.42 18.65 -20.79
C LEU A 29 -23.60 19.89 -21.09
N PHE A 30 -23.77 20.44 -22.29
CA PHE A 30 -23.13 21.66 -22.74
C PHE A 30 -24.18 22.76 -22.87
N ASN A 31 -23.77 24.00 -22.62
CA ASN A 31 -24.61 25.13 -22.97
C ASN A 31 -24.23 25.68 -24.36
N LYS A 32 -24.88 26.78 -24.75
CA LYS A 32 -24.67 27.37 -26.07
C LYS A 32 -23.27 27.96 -26.22
N SER A 33 -22.57 28.25 -25.13
CA SER A 33 -21.19 28.71 -25.23
C SER A 33 -20.22 27.56 -25.41
N GLY A 34 -20.69 26.32 -25.47
CA GLY A 34 -19.82 25.17 -25.56
C GLY A 34 -19.20 24.76 -24.25
N GLU A 35 -19.64 25.35 -23.15
CA GLU A 35 -19.09 25.03 -21.84
C GLU A 35 -19.72 23.78 -21.27
N ILE A 36 -18.91 22.96 -20.59
CA ILE A 36 -19.41 21.80 -19.88
C ILE A 36 -20.10 22.26 -18.61
N LYS A 37 -21.41 22.00 -18.51
CA LYS A 37 -22.15 22.37 -17.32
C LYS A 37 -22.29 21.22 -16.32
N PHE A 38 -22.42 19.99 -16.81
CA PHE A 38 -22.55 18.82 -15.96
C PHE A 38 -21.97 17.64 -16.71
N VAL A 39 -21.30 16.75 -15.98
CA VAL A 39 -20.68 15.57 -16.59
C VAL A 39 -20.75 14.42 -15.60
N SER A 40 -21.09 13.23 -16.11
CA SER A 40 -21.11 12.00 -15.33
C SER A 40 -20.41 10.91 -16.13
N GLN A 41 -19.65 10.07 -15.46
CA GLN A 41 -18.81 9.08 -16.13
C GLN A 41 -18.84 7.77 -15.33
N LYS A 42 -18.85 6.64 -16.03
CA LYS A 42 -18.89 5.37 -15.32
C LYS A 42 -18.15 4.29 -16.10
N SER A 43 -17.21 3.63 -15.44
CA SER A 43 -16.43 2.59 -16.10
C SER A 43 -17.22 1.29 -16.17
N PHE A 44 -16.79 0.39 -17.07
CA PHE A 44 -17.46 -0.90 -17.19
C PHE A 44 -16.39 -1.94 -17.48
N GLU A 45 -16.75 -3.22 -17.35
CA GLU A 45 -15.74 -4.27 -17.27
C GLU A 45 -15.10 -4.56 -18.62
N GLN A 46 -13.77 -4.64 -18.61
CA GLN A 46 -12.98 -5.08 -19.75
C GLN A 46 -12.74 -6.59 -19.61
N ILE A 47 -13.35 -7.38 -20.49
CA ILE A 47 -13.36 -8.83 -20.34
C ILE A 47 -12.35 -9.45 -21.31
N PHE A 48 -11.45 -10.27 -20.77
CA PHE A 48 -10.37 -10.92 -21.52
C PHE A 48 -10.50 -12.42 -21.38
N PRO A 49 -11.29 -13.10 -22.24
CA PRO A 49 -11.45 -14.55 -22.08
C PRO A 49 -10.15 -15.33 -22.25
N THR A 50 -9.25 -14.83 -23.08
CA THR A 50 -7.91 -15.37 -23.24
C THR A 50 -7.05 -14.19 -23.71
N PRO A 51 -5.74 -14.22 -23.45
CA PRO A 51 -4.89 -13.10 -23.88
C PRO A 51 -5.01 -12.83 -25.38
N GLY A 52 -5.17 -11.56 -25.73
CA GLY A 52 -5.42 -11.16 -27.09
C GLY A 52 -6.89 -10.91 -27.42
N TRP A 53 -7.82 -11.51 -26.66
CA TRP A 53 -9.23 -11.22 -26.83
C TRP A 53 -9.65 -10.07 -25.92
N VAL A 54 -10.60 -9.27 -26.39
CA VAL A 54 -11.13 -8.14 -25.63
C VAL A 54 -12.63 -8.06 -25.88
N GLU A 55 -13.43 -8.18 -24.81
CA GLU A 55 -14.87 -8.16 -24.93
C GLU A 55 -15.47 -7.19 -23.92
N HIS A 56 -16.64 -6.67 -24.28
CA HIS A 56 -17.52 -5.93 -23.38
C HIS A 56 -18.87 -6.63 -23.29
N ASP A 57 -19.50 -6.53 -22.13
CA ASP A 57 -20.89 -6.95 -21.99
C ASP A 57 -21.80 -5.89 -22.58
N PRO A 58 -22.58 -6.20 -23.63
CA PRO A 58 -23.45 -5.18 -24.24
C PRO A 58 -24.46 -4.61 -23.27
N ASN A 59 -24.94 -5.41 -22.33
CA ASN A 59 -25.89 -4.90 -21.35
C ASN A 59 -25.23 -3.96 -20.33
N GLU A 60 -23.93 -4.11 -20.09
CA GLU A 60 -23.23 -3.15 -19.23
C GLU A 60 -22.80 -1.90 -20.01
N ILE A 61 -22.45 -2.03 -21.29
CA ILE A 61 -22.30 -0.84 -22.11
C ILE A 61 -23.55 0.02 -21.98
N TRP A 62 -24.71 -0.63 -22.06
CA TRP A 62 -25.98 0.07 -22.04
C TRP A 62 -26.29 0.61 -20.65
N SER A 63 -26.10 -0.22 -19.61
CA SER A 63 -26.45 0.22 -18.26
C SER A 63 -25.53 1.34 -17.79
N SER A 64 -24.25 1.26 -18.13
CA SER A 64 -23.32 2.33 -17.78
C SER A 64 -23.68 3.61 -18.52
N GLN A 65 -24.03 3.52 -19.81
CA GLN A 65 -24.37 4.72 -20.58
C GLN A 65 -25.69 5.32 -20.13
N ILE A 66 -26.68 4.50 -19.82
CA ILE A 66 -27.97 5.09 -19.47
C ILE A 66 -27.95 5.62 -18.03
N SER A 67 -27.13 5.07 -17.15
CA SER A 67 -27.08 5.59 -15.78
C SER A 67 -26.37 6.93 -15.72
N VAL A 68 -25.33 7.16 -16.53
CA VAL A 68 -24.70 8.47 -16.48
C VAL A 68 -25.55 9.51 -17.18
N ALA A 69 -26.36 9.10 -18.17
CA ALA A 69 -27.34 10.01 -18.76
C ALA A 69 -28.38 10.41 -17.74
N ALA A 70 -28.97 9.42 -17.06
CA ALA A 70 -29.91 9.74 -15.99
C ALA A 70 -29.27 10.62 -14.92
N GLU A 71 -28.02 10.33 -14.53
CA GLU A 71 -27.41 11.09 -13.44
CA GLU A 71 -27.41 11.09 -13.44
C GLU A 71 -27.19 12.54 -13.83
N VAL A 72 -26.65 12.78 -15.02
CA VAL A 72 -26.34 14.15 -15.44
C VAL A 72 -27.61 14.96 -15.63
N ILE A 73 -28.69 14.33 -16.12
CA ILE A 73 -29.98 15.03 -16.21
C ILE A 73 -30.49 15.37 -14.81
N ALA A 74 -30.40 14.42 -13.88
CA ALA A 74 -30.84 14.67 -12.52
C ALA A 74 -29.98 15.75 -11.86
N LYS A 75 -28.66 15.67 -12.01
CA LYS A 75 -27.77 16.70 -11.46
C LYS A 75 -28.21 18.09 -11.89
N ALA A 76 -28.62 18.24 -13.14
CA ALA A 76 -28.99 19.56 -13.65
C ALA A 76 -30.37 20.00 -13.23
N GLY A 77 -31.18 19.10 -12.68
CA GLY A 77 -32.55 19.43 -12.33
C GLY A 77 -33.40 19.75 -13.55
N LEU A 81 -36.19 17.35 -19.97
CA LEU A 81 -37.23 18.29 -20.38
C LEU A 81 -36.62 19.56 -21.01
N GLU A 82 -35.49 20.00 -20.47
CA GLU A 82 -34.76 21.15 -21.01
C GLU A 82 -33.59 20.72 -21.90
N VAL A 83 -33.52 19.46 -22.28
CA VAL A 83 -32.46 18.95 -23.15
C VAL A 83 -32.92 19.12 -24.58
N ALA A 84 -32.19 19.93 -25.35
CA ALA A 84 -32.66 20.21 -26.71
C ALA A 84 -32.52 18.99 -27.61
N ALA A 85 -31.48 18.20 -27.43
CA ALA A 85 -31.22 17.02 -28.27
C ALA A 85 -30.10 16.19 -27.64
N ILE A 86 -29.95 14.98 -28.18
CA ILE A 86 -28.88 14.06 -27.82
C ILE A 86 -28.01 13.84 -29.04
N GLY A 87 -26.69 13.93 -28.86
CA GLY A 87 -25.72 13.48 -29.86
C GLY A 87 -25.06 12.20 -29.36
N ILE A 88 -24.90 11.23 -30.26
CA ILE A 88 -24.38 9.91 -29.93
C ILE A 88 -23.00 9.77 -30.52
N THR A 89 -22.02 9.38 -29.70
CA THR A 89 -20.69 9.07 -30.21
C THR A 89 -20.11 7.90 -29.41
N ASN A 90 -19.18 7.16 -30.02
CA ASN A 90 -18.91 5.82 -29.50
C ASN A 90 -17.56 5.30 -29.96
N GLN A 91 -16.97 4.43 -29.14
CA GLN A 91 -15.90 3.55 -29.60
C GLN A 91 -16.35 2.86 -30.87
N ARG A 92 -15.50 2.91 -31.90
CA ARG A 92 -15.87 2.39 -33.21
C ARG A 92 -15.52 0.90 -33.35
N GLU A 93 -15.99 0.29 -34.45
CA GLU A 93 -15.66 -1.07 -34.88
C GLU A 93 -16.23 -2.16 -33.98
N THR A 94 -16.12 -1.98 -32.67
CA THR A 94 -16.70 -2.89 -31.67
C THR A 94 -18.07 -3.35 -32.12
N THR A 95 -18.30 -4.67 -32.05
CA THR A 95 -19.38 -5.33 -32.77
C THR A 95 -20.36 -5.96 -31.80
N VAL A 96 -21.64 -5.63 -31.94
CA VAL A 96 -22.73 -6.16 -31.12
C VAL A 96 -23.73 -6.83 -32.03
N VAL A 97 -24.20 -8.03 -31.63
CA VAL A 97 -25.20 -8.79 -32.35
C VAL A 97 -26.26 -9.21 -31.33
N TRP A 98 -27.54 -8.99 -31.68
CA TRP A 98 -28.62 -9.28 -30.75
C TRP A 98 -29.84 -9.81 -31.48
N ASP A 99 -30.67 -10.52 -30.71
CA ASP A 99 -31.96 -11.01 -31.18
C ASP A 99 -32.86 -9.80 -31.39
N ARG A 100 -33.46 -9.72 -32.58
CA ARG A 100 -34.24 -8.54 -32.93
C ARG A 100 -35.54 -8.44 -32.13
N HIS A 101 -36.05 -9.56 -31.63
CA HIS A 101 -37.32 -9.56 -30.90
C HIS A 101 -37.18 -9.36 -29.40
N THR A 102 -36.06 -9.76 -28.79
CA THR A 102 -35.89 -9.66 -27.35
C THR A 102 -34.86 -8.63 -26.92
N SER A 103 -34.04 -8.13 -27.84
CA SER A 103 -32.88 -7.27 -27.57
C SER A 103 -31.80 -8.01 -26.77
N GLU A 104 -31.91 -9.32 -26.65
CA GLU A 104 -30.89 -10.14 -25.98
C GLU A 104 -29.64 -10.24 -26.85
N PRO A 105 -28.47 -9.80 -26.37
CA PRO A 105 -27.24 -10.08 -27.13
C PRO A 105 -27.03 -11.58 -27.23
N ILE A 106 -26.57 -12.04 -28.38
CA ILE A 106 -26.31 -13.48 -28.50
C ILE A 106 -24.86 -13.83 -28.17
N TYR A 107 -23.99 -12.83 -28.06
CA TYR A 107 -22.61 -12.96 -27.62
C TYR A 107 -22.22 -11.62 -26.99
N ASN A 108 -21.10 -11.59 -26.29
CA ASN A 108 -20.55 -10.32 -25.81
C ASN A 108 -20.24 -9.42 -27.02
N ALA A 109 -20.08 -8.12 -26.75
CA ALA A 109 -19.51 -7.26 -27.79
C ALA A 109 -18.06 -7.65 -28.02
N ILE A 110 -17.65 -7.79 -29.27
CA ILE A 110 -16.25 -8.02 -29.59
C ILE A 110 -15.61 -6.67 -29.91
N VAL A 111 -14.66 -6.27 -29.07
CA VAL A 111 -14.12 -4.92 -29.09
C VAL A 111 -13.19 -4.74 -30.28
N TRP A 112 -13.04 -3.48 -30.73
CA TRP A 112 -12.12 -3.18 -31.82
C TRP A 112 -10.71 -3.71 -31.55
N GLN A 113 -10.25 -3.72 -30.29
CA GLN A 113 -8.91 -4.20 -29.96
C GLN A 113 -8.74 -5.71 -30.09
N ASP A 114 -9.84 -6.45 -30.08
CA ASP A 114 -9.77 -7.92 -30.09
C ASP A 114 -9.01 -8.46 -31.29
N ARG A 115 -8.16 -9.47 -31.06
CA ARG A 115 -7.28 -10.03 -32.08
C ARG A 115 -7.69 -11.42 -32.57
N ARG A 116 -8.86 -11.94 -32.16
CA ARG A 116 -9.14 -13.35 -32.42
C ARG A 116 -9.29 -13.66 -33.92
N THR A 117 -9.60 -12.66 -34.75
CA THR A 117 -9.83 -12.93 -36.16
C THR A 117 -8.59 -12.71 -37.00
N SER A 118 -7.43 -12.55 -36.36
CA SER A 118 -6.19 -12.24 -37.06
C SER A 118 -5.87 -13.28 -38.13
N LYS A 119 -5.96 -14.57 -37.78
CA LYS A 119 -5.58 -15.61 -38.73
C LYS A 119 -6.53 -15.68 -39.92
N TYR A 120 -7.81 -15.34 -39.71
CA TYR A 120 -8.74 -15.31 -40.83
C TYR A 120 -8.45 -14.13 -41.75
N CYS A 121 -8.17 -12.96 -41.17
CA CYS A 121 -7.71 -11.83 -41.96
C CYS A 121 -6.49 -12.21 -42.81
N ASP A 122 -5.53 -12.92 -42.22
CA ASP A 122 -4.35 -13.33 -42.98
C ASP A 122 -4.73 -14.28 -44.10
N GLU A 123 -5.77 -15.10 -43.89
CA GLU A 123 -6.28 -15.95 -44.96
C GLU A 123 -6.81 -15.12 -46.11
N LEU A 124 -7.62 -14.10 -45.80
CA LEU A 124 -8.13 -13.23 -46.85
C LEU A 124 -7.02 -12.47 -47.56
N LYS A 125 -5.97 -12.08 -46.83
CA LYS A 125 -4.83 -11.42 -47.47
C LYS A 125 -4.21 -12.34 -48.51
N SER A 126 -3.87 -13.57 -48.10
CA SER A 126 -3.19 -14.48 -49.00
C SER A 126 -4.05 -14.83 -50.21
N GLN A 127 -5.37 -14.85 -50.03
CA GLN A 127 -6.27 -15.10 -51.15
C GLN A 127 -6.42 -13.89 -52.06
N GLY A 128 -5.79 -12.76 -51.74
CA GLY A 128 -5.79 -11.61 -52.63
C GLY A 128 -6.93 -10.63 -52.49
N HIS A 129 -7.50 -10.49 -51.30
CA HIS A 129 -8.63 -9.58 -51.09
C HIS A 129 -8.20 -8.24 -50.49
N THR A 130 -6.92 -8.03 -50.25
CA THR A 130 -6.44 -6.84 -49.54
C THR A 130 -6.71 -5.55 -50.31
N ASP A 131 -6.34 -5.51 -51.58
CA ASP A 131 -6.49 -4.27 -52.34
C ASP A 131 -7.96 -4.00 -52.65
N GLU A 132 -8.73 -5.05 -52.95
CA GLU A 132 -10.17 -4.87 -53.16
C GLU A 132 -10.80 -4.23 -51.94
N ILE A 133 -10.44 -4.69 -50.74
CA ILE A 133 -10.98 -4.14 -49.51
C ILE A 133 -10.52 -2.69 -49.32
N LYS A 134 -9.23 -2.42 -49.53
CA LYS A 134 -8.74 -1.04 -49.45
C LYS A 134 -9.50 -0.13 -50.41
N GLN A 135 -9.66 -0.54 -51.67
CA GLN A 135 -10.34 0.32 -52.64
C GLN A 135 -11.80 0.54 -52.29
N LYS A 136 -12.49 -0.50 -51.81
CA LYS A 136 -13.91 -0.35 -51.48
C LYS A 136 -14.14 0.41 -50.18
N THR A 137 -13.38 0.10 -49.12
CA THR A 137 -13.68 0.55 -47.77
C THR A 137 -12.69 1.57 -47.22
N GLY A 138 -11.55 1.78 -47.89
CA GLY A 138 -10.47 2.58 -47.34
C GLY A 138 -9.67 1.91 -46.23
N LEU A 139 -9.98 0.68 -45.88
CA LEU A 139 -9.45 0.06 -44.67
C LEU A 139 -8.36 -0.97 -44.99
N VAL A 140 -7.48 -1.19 -44.00
CA VAL A 140 -6.48 -2.26 -44.02
C VAL A 140 -7.12 -3.53 -43.51
N LEU A 141 -6.92 -4.64 -44.23
CA LEU A 141 -7.40 -5.93 -43.77
C LEU A 141 -6.76 -6.29 -42.43
N ASP A 142 -7.53 -6.21 -41.34
CA ASP A 142 -6.98 -6.38 -40.00
C ASP A 142 -8.14 -6.76 -39.08
N ALA A 143 -7.81 -7.47 -37.99
CA ALA A 143 -8.78 -7.81 -36.94
C ALA A 143 -9.52 -6.60 -36.37
N TYR A 144 -9.00 -5.40 -36.60
CA TYR A 144 -9.54 -4.16 -36.06
C TYR A 144 -11.03 -3.98 -36.41
N PHE A 145 -11.44 -4.32 -37.63
CA PHE A 145 -12.73 -3.86 -38.12
C PHE A 145 -13.85 -4.88 -37.91
N SER A 146 -15.09 -4.43 -38.17
CA SER A 146 -16.26 -5.16 -37.67
C SER A 146 -16.51 -6.47 -38.41
N ALA A 147 -16.33 -6.50 -39.73
CA ALA A 147 -16.87 -7.61 -40.54
C ALA A 147 -16.44 -8.97 -40.00
N THR A 148 -15.16 -9.14 -39.69
CA THR A 148 -14.71 -10.47 -39.29
C THR A 148 -15.20 -10.82 -37.89
N LYS A 149 -15.45 -9.80 -37.05
CA LYS A 149 -16.03 -10.05 -35.75
C LYS A 149 -17.47 -10.53 -35.87
N LEU A 150 -18.25 -9.88 -36.74
CA LEU A 150 -19.60 -10.34 -36.98
C LEU A 150 -19.60 -11.75 -37.55
N LYS A 151 -18.66 -12.04 -38.45
CA LYS A 151 -18.60 -13.38 -39.04
C LYS A 151 -18.27 -14.43 -37.99
N TRP A 152 -17.34 -14.10 -37.08
CA TRP A 152 -17.02 -15.01 -35.99
C TRP A 152 -18.25 -15.33 -35.16
N ILE A 153 -19.04 -14.32 -34.82
CA ILE A 153 -20.23 -14.55 -34.00
C ILE A 153 -21.21 -15.46 -34.74
N LEU A 154 -21.48 -15.16 -36.02
CA LEU A 154 -22.41 -15.97 -36.80
C LEU A 154 -21.92 -17.39 -37.02
N ASP A 155 -20.59 -17.60 -37.09
CA ASP A 155 -20.03 -18.92 -37.30
C ASP A 155 -19.98 -19.75 -36.02
N ASN A 156 -19.76 -19.10 -34.87
CA ASN A 156 -19.41 -19.81 -33.66
C ASN A 156 -20.53 -19.90 -32.64
N VAL A 157 -21.55 -19.06 -32.74
CA VAL A 157 -22.64 -19.05 -31.77
C VAL A 157 -23.73 -19.98 -32.27
N GLU A 158 -24.05 -20.99 -31.47
CA GLU A 158 -25.06 -21.99 -31.81
C GLU A 158 -26.34 -21.32 -32.28
N GLY A 159 -26.79 -21.68 -33.48
CA GLY A 159 -28.04 -21.20 -34.04
C GLY A 159 -28.01 -19.81 -34.61
N ALA A 160 -26.94 -19.04 -34.39
CA ALA A 160 -26.91 -17.66 -34.84
C ALA A 160 -26.99 -17.55 -36.36
N ARG A 161 -26.35 -18.47 -37.08
CA ARG A 161 -26.33 -18.42 -38.54
C ARG A 161 -27.74 -18.54 -39.10
N GLU A 162 -28.50 -19.54 -38.67
CA GLU A 162 -29.86 -19.69 -39.16
C GLU A 162 -30.73 -18.49 -38.79
N LYS A 163 -30.52 -17.92 -37.60
CA LYS A 163 -31.29 -16.74 -37.19
C LYS A 163 -30.96 -15.54 -38.05
N ALA A 164 -29.68 -15.32 -38.34
CA ALA A 164 -29.28 -14.20 -39.19
C ALA A 164 -29.84 -14.35 -40.60
N GLU A 165 -29.89 -15.59 -41.10
CA GLU A 165 -30.39 -15.82 -42.46
C GLU A 165 -31.88 -15.52 -42.57
N ALA A 166 -32.63 -15.72 -41.49
CA ALA A 166 -34.05 -15.46 -41.45
C ALA A 166 -34.39 -14.01 -41.11
N GLY A 167 -33.39 -13.17 -40.83
CA GLY A 167 -33.66 -11.81 -40.43
C GLY A 167 -34.15 -11.63 -39.02
N ASP A 168 -33.79 -12.53 -38.11
CA ASP A 168 -34.17 -12.40 -36.71
C ASP A 168 -33.07 -11.82 -35.83
N LEU A 169 -31.92 -11.46 -36.41
CA LEU A 169 -30.83 -10.84 -35.67
C LEU A 169 -30.56 -9.43 -36.18
N CYS A 170 -29.86 -8.66 -35.35
CA CYS A 170 -29.37 -7.34 -35.70
C CYS A 170 -27.89 -7.25 -35.43
N PHE A 171 -27.14 -6.68 -36.36
CA PHE A 171 -25.77 -6.27 -36.10
C PHE A 171 -25.73 -4.76 -35.88
N GLY A 172 -24.85 -4.32 -34.99
CA GLY A 172 -24.60 -2.89 -34.87
C GLY A 172 -23.23 -2.63 -34.28
N THR A 173 -22.60 -1.55 -34.76
CA THR A 173 -21.60 -0.87 -33.94
C THR A 173 -22.31 -0.22 -32.74
N VAL A 174 -21.52 0.37 -31.82
CA VAL A 174 -22.12 0.72 -30.52
C VAL A 174 -23.17 1.83 -30.66
N ASP A 175 -22.98 2.75 -31.62
CA ASP A 175 -24.01 3.75 -31.87
C ASP A 175 -25.35 3.10 -32.16
N THR A 176 -25.35 2.07 -33.00
CA THR A 176 -26.59 1.39 -33.37
C THR A 176 -27.20 0.67 -32.18
N TRP A 177 -26.35 0.05 -31.37
CA TRP A 177 -26.83 -0.64 -30.17
C TRP A 177 -27.46 0.34 -29.18
N LEU A 178 -26.80 1.49 -28.95
CA LEU A 178 -27.36 2.51 -28.07
C LEU A 178 -28.69 3.02 -28.60
N ILE A 179 -28.76 3.32 -29.91
CA ILE A 179 -30.00 3.87 -30.45
C ILE A 179 -31.10 2.82 -30.44
N TRP A 180 -30.74 1.56 -30.70
CA TRP A 180 -31.73 0.49 -30.58
C TRP A 180 -32.36 0.49 -29.19
N LYS A 181 -31.53 0.52 -28.16
CA LYS A 181 -32.01 0.46 -26.78
C LYS A 181 -32.72 1.74 -26.37
N LEU A 182 -32.22 2.90 -26.83
CA LEU A 182 -32.86 4.18 -26.50
C LEU A 182 -34.26 4.29 -27.09
N THR A 183 -34.51 3.67 -28.25
CA THR A 183 -35.81 3.73 -28.90
C THR A 183 -36.63 2.47 -28.73
N ARG A 184 -36.24 1.58 -27.82
CA ARG A 184 -36.88 0.28 -27.64
C ARG A 184 -37.05 -0.42 -28.97
N GLY A 185 -35.97 -0.43 -29.76
CA GLY A 185 -36.00 -1.14 -31.02
C GLY A 185 -36.82 -0.49 -32.11
N LYS A 186 -37.19 0.78 -31.96
CA LYS A 186 -37.92 1.45 -33.03
C LYS A 186 -37.01 2.03 -34.10
N MET A 187 -35.77 2.39 -33.77
CA MET A 187 -34.82 2.88 -34.77
C MET A 187 -33.61 1.97 -34.81
N PHE A 188 -33.28 1.51 -36.03
CA PHE A 188 -32.16 0.59 -36.29
C PHE A 188 -31.27 1.30 -37.32
N ILE A 189 -30.36 2.14 -36.82
CA ILE A 189 -29.62 3.05 -37.69
C ILE A 189 -28.17 3.18 -37.23
N THR A 190 -27.36 3.71 -38.14
CA THR A 190 -25.98 4.12 -37.92
C THR A 190 -25.74 5.35 -38.79
N ASP A 191 -24.61 6.02 -38.60
CA ASP A 191 -24.25 7.11 -39.51
C ASP A 191 -23.16 6.63 -40.49
N VAL A 192 -22.83 7.49 -41.45
CA VAL A 192 -21.82 7.15 -42.44
C VAL A 192 -20.45 6.93 -41.80
N SER A 193 -20.11 7.66 -40.73
CA SER A 193 -18.75 7.52 -40.20
C SER A 193 -18.58 6.18 -39.50
N ASN A 194 -19.55 5.79 -38.67
CA ASN A 194 -19.48 4.48 -38.02
C ASN A 194 -19.54 3.35 -39.04
N ALA A 195 -20.44 3.47 -40.02
CA ALA A 195 -20.61 2.41 -41.01
C ALA A 195 -19.32 2.17 -41.79
N SER A 196 -18.55 3.24 -42.06
CA SER A 196 -17.32 3.12 -42.84
C SER A 196 -16.24 2.32 -42.12
N ARG A 197 -16.41 2.05 -40.82
CA ARG A 197 -15.44 1.30 -40.04
C ARG A 197 -15.75 -0.18 -40.00
N THR A 198 -16.84 -0.62 -40.64
CA THR A 198 -17.27 -2.02 -40.53
C THR A 198 -16.58 -2.97 -41.50
N MET A 199 -15.92 -2.44 -42.53
CA MET A 199 -15.38 -3.23 -43.65
C MET A 199 -16.49 -3.92 -44.45
N MET A 200 -17.74 -3.50 -44.26
CA MET A 200 -18.90 -3.93 -45.05
C MET A 200 -19.50 -2.80 -45.87
N PHE A 201 -19.01 -1.58 -45.69
CA PHE A 201 -19.58 -0.36 -46.26
C PHE A 201 -18.59 0.19 -47.27
N ASN A 202 -19.05 0.36 -48.49
CA ASN A 202 -18.24 0.93 -49.56
C ASN A 202 -18.26 2.45 -49.44
N ILE A 203 -17.10 3.05 -49.21
CA ILE A 203 -17.04 4.50 -49.03
C ILE A 203 -17.09 5.28 -50.33
N ARG A 204 -17.08 4.60 -51.48
CA ARG A 204 -17.21 5.28 -52.76
C ARG A 204 -18.66 5.33 -53.23
N THR A 205 -19.38 4.21 -53.15
CA THR A 205 -20.81 4.18 -53.40
C THR A 205 -21.61 4.70 -52.21
N MET A 206 -20.99 4.81 -51.04
CA MET A 206 -21.64 5.15 -49.77
C MET A 206 -22.85 4.26 -49.50
N ASP A 207 -22.62 2.94 -49.55
CA ASP A 207 -23.67 1.96 -49.31
C ASP A 207 -23.01 0.67 -48.88
N TRP A 208 -23.80 -0.21 -48.25
CA TRP A 208 -23.30 -1.54 -47.95
C TRP A 208 -22.87 -2.24 -49.25
N ASP A 209 -21.78 -3.00 -49.18
CA ASP A 209 -21.15 -3.59 -50.36
C ASP A 209 -21.53 -5.07 -50.47
N ASP A 210 -22.31 -5.40 -51.50
CA ASP A 210 -22.77 -6.77 -51.70
C ASP A 210 -21.60 -7.74 -51.97
N ASP A 211 -20.56 -7.28 -52.66
CA ASP A 211 -19.38 -8.13 -52.86
C ASP A 211 -18.72 -8.50 -51.54
N LEU A 212 -18.56 -7.52 -50.64
CA LEU A 212 -17.96 -7.77 -49.34
C LEU A 212 -18.89 -8.59 -48.44
N LEU A 213 -20.20 -8.38 -48.54
CA LEU A 213 -21.12 -9.17 -47.72
C LEU A 213 -21.07 -10.63 -48.11
N LYS A 214 -21.01 -10.92 -49.41
CA LYS A 214 -20.85 -12.29 -49.89
C LYS A 214 -19.50 -12.87 -49.45
N LEU A 215 -18.42 -12.09 -49.55
CA LEU A 215 -17.10 -12.56 -49.13
C LEU A 215 -17.12 -13.00 -47.66
N PHE A 216 -17.64 -12.15 -46.78
CA PHE A 216 -17.64 -12.48 -45.35
C PHE A 216 -18.82 -13.37 -44.96
N ASN A 217 -19.71 -13.69 -45.90
CA ASN A 217 -20.89 -14.51 -45.65
C ASN A 217 -21.80 -13.87 -44.60
N ILE A 218 -22.16 -12.62 -44.86
CA ILE A 218 -23.03 -11.83 -43.98
CA ILE A 218 -23.04 -11.86 -43.98
C ILE A 218 -24.32 -11.53 -44.75
N PRO A 219 -25.50 -11.89 -44.24
CA PRO A 219 -26.73 -11.58 -44.96
C PRO A 219 -27.08 -10.11 -44.77
N ARG A 220 -27.41 -9.44 -45.86
CA ARG A 220 -27.71 -8.01 -45.79
C ARG A 220 -28.81 -7.69 -44.79
N ALA A 221 -29.70 -8.64 -44.49
CA ALA A 221 -30.89 -8.34 -43.70
C ALA A 221 -30.54 -7.89 -42.30
N ILE A 222 -29.31 -8.17 -41.85
CA ILE A 222 -28.88 -7.96 -40.47
C ILE A 222 -28.37 -6.55 -40.21
N LEU A 223 -28.24 -5.72 -41.24
CA LEU A 223 -27.56 -4.44 -41.18
C LEU A 223 -28.55 -3.30 -41.00
N PRO A 224 -28.16 -2.30 -40.20
CA PRO A 224 -29.03 -1.14 -40.00
C PRO A 224 -29.04 -0.24 -41.23
N GLU A 225 -29.93 0.75 -41.19
CA GLU A 225 -29.94 1.81 -42.20
C GLU A 225 -28.91 2.88 -41.88
N VAL A 226 -28.17 3.31 -42.90
CA VAL A 226 -27.10 4.31 -42.75
C VAL A 226 -27.69 5.70 -42.95
N LYS A 227 -27.36 6.63 -42.04
CA LYS A 227 -27.93 7.97 -42.07
C LYS A 227 -26.81 9.02 -42.06
N GLN A 228 -27.19 10.28 -42.26
CA GLN A 228 -26.28 11.39 -42.03
C GLN A 228 -25.84 11.45 -40.56
N SER A 229 -24.78 12.23 -40.31
CA SER A 229 -24.22 12.41 -38.97
C SER A 229 -24.94 13.49 -38.17
N SER A 230 -25.75 14.31 -38.83
CA SER A 230 -26.46 15.43 -38.20
C SER A 230 -27.82 15.49 -38.89
N GLU A 231 -28.85 15.06 -38.18
CA GLU A 231 -30.24 15.12 -38.63
C GLU A 231 -31.10 14.56 -37.51
N VAL A 232 -32.34 15.05 -37.39
CA VAL A 232 -33.22 14.53 -36.35
C VAL A 232 -33.73 13.18 -36.85
N TYR A 233 -33.16 12.10 -36.30
CA TYR A 233 -33.58 10.75 -36.68
C TYR A 233 -34.93 10.39 -36.04
N GLY A 234 -35.19 10.95 -34.87
CA GLY A 234 -36.38 10.62 -34.11
C GLY A 234 -36.13 10.99 -32.66
N GLU A 235 -36.93 10.39 -31.78
CA GLU A 235 -36.85 10.72 -30.38
C GLU A 235 -36.64 9.45 -29.57
N THR A 236 -36.16 9.64 -28.34
CA THR A 236 -35.94 8.53 -27.42
C THR A 236 -37.28 7.94 -26.99
N SER A 237 -37.27 6.64 -26.68
CA SER A 237 -38.45 6.00 -26.14
C SER A 237 -38.60 6.32 -24.66
N THR A 238 -39.83 6.16 -24.18
CA THR A 238 -40.23 6.64 -22.86
C THR A 238 -39.38 6.02 -21.74
N THR A 239 -38.69 6.86 -20.97
CA THR A 239 -37.90 6.41 -19.83
C THR A 239 -38.48 6.95 -18.51
N LEU A 240 -37.90 6.46 -17.42
CA LEU A 240 -38.22 6.90 -16.07
C LEU A 240 -37.56 8.25 -15.74
N PHE A 241 -36.36 8.50 -16.27
CA PHE A 241 -35.54 9.63 -15.84
C PHE A 241 -35.73 10.89 -16.66
N SER A 242 -36.34 10.82 -17.84
CA SER A 242 -36.41 12.00 -18.71
C SER A 242 -37.66 11.95 -19.57
N THR A 243 -37.78 12.97 -20.42
CA THR A 243 -38.84 13.07 -21.41
C THR A 243 -38.33 12.56 -22.76
N LYS A 244 -39.24 12.48 -23.73
CA LYS A 244 -38.84 12.17 -25.10
C LYS A 244 -37.92 13.25 -25.63
N ILE A 245 -36.68 12.86 -25.94
CA ILE A 245 -35.65 13.81 -26.36
C ILE A 245 -35.28 13.53 -27.81
N PRO A 246 -35.13 14.55 -28.67
CA PRO A 246 -34.68 14.27 -30.04
C PRO A 246 -33.27 13.72 -30.06
N ILE A 247 -33.08 12.67 -30.85
CA ILE A 247 -31.75 12.15 -31.19
C ILE A 247 -31.36 12.80 -32.51
N ALA A 248 -30.25 13.54 -32.53
CA ALA A 248 -30.00 14.38 -33.69
C ALA A 248 -28.54 14.41 -34.15
N GLY A 249 -27.67 13.61 -33.55
CA GLY A 249 -26.30 13.49 -34.04
C GLY A 249 -25.69 12.14 -33.75
N ILE A 250 -24.93 11.60 -34.71
CA ILE A 250 -24.22 10.34 -34.58
C ILE A 250 -22.89 10.47 -35.30
N ALA A 251 -21.80 10.10 -34.64
CA ALA A 251 -20.52 9.95 -35.34
C ALA A 251 -19.61 9.06 -34.53
N GLY A 252 -18.74 8.32 -35.23
CA GLY A 252 -17.68 7.60 -34.54
C GLY A 252 -16.88 8.57 -33.68
N ASP A 253 -16.38 8.08 -32.53
CA ASP A 253 -15.82 9.02 -31.56
C ASP A 253 -14.65 9.82 -32.15
N GLN A 254 -13.83 9.19 -32.99
CA GLN A 254 -12.66 9.92 -33.46
C GLN A 254 -13.05 10.96 -34.53
N GLN A 255 -14.04 10.66 -35.35
CA GLN A 255 -14.60 11.66 -36.25
C GLN A 255 -15.27 12.79 -35.49
N ALA A 256 -15.99 12.47 -34.40
CA ALA A 256 -16.57 13.53 -33.59
C ALA A 256 -15.48 14.43 -33.01
N ALA A 257 -14.37 13.84 -32.55
CA ALA A 257 -13.27 14.66 -32.04
C ALA A 257 -12.72 15.58 -33.12
N LEU A 258 -12.64 15.09 -34.37
CA LEU A 258 -12.20 15.95 -35.46
C LEU A 258 -13.17 17.10 -35.66
N PHE A 259 -14.49 16.82 -35.63
CA PHE A 259 -15.48 17.89 -35.73
C PHE A 259 -15.43 18.81 -34.52
N GLY A 260 -15.27 18.24 -33.32
CA GLY A 260 -15.13 19.06 -32.12
C GLY A 260 -13.91 19.96 -32.14
N GLN A 261 -12.89 19.61 -32.92
CA GLN A 261 -11.70 20.44 -33.05
C GLN A 261 -11.82 21.45 -34.19
N MET A 262 -13.03 21.64 -34.73
CA MET A 262 -13.30 22.61 -35.79
C MET A 262 -12.55 22.28 -37.08
N CYS A 263 -12.23 21.01 -37.27
CA CYS A 263 -11.38 20.61 -38.39
C CYS A 263 -12.27 20.27 -39.58
N THR A 264 -12.93 21.30 -40.08
CA THR A 264 -13.93 21.20 -41.13
C THR A 264 -13.41 21.67 -42.47
N LYS A 265 -12.12 21.98 -42.56
CA LYS A 265 -11.52 22.40 -43.80
C LYS A 265 -10.48 21.37 -44.24
N PRO A 266 -10.31 21.15 -45.54
CA PRO A 266 -9.31 20.19 -46.01
C PRO A 266 -7.94 20.55 -45.44
N GLY A 267 -7.23 19.53 -44.98
CA GLY A 267 -5.90 19.73 -44.44
C GLY A 267 -5.83 19.85 -42.93
N MET A 268 -6.95 20.13 -42.25
CA MET A 268 -6.93 20.28 -40.81
C MET A 268 -6.85 18.92 -40.12
N VAL A 269 -6.06 18.87 -39.04
CA VAL A 269 -5.68 17.62 -38.40
C VAL A 269 -5.82 17.78 -36.89
N LYS A 270 -6.18 16.68 -36.23
CA LYS A 270 -6.09 16.61 -34.77
C LYS A 270 -5.58 15.23 -34.39
N ASN A 271 -4.99 15.12 -33.20
CA ASN A 271 -4.73 13.81 -32.59
C ASN A 271 -5.39 13.70 -31.24
N THR A 272 -6.08 12.58 -31.02
CA THR A 272 -6.73 12.28 -29.76
C THR A 272 -5.89 11.30 -28.96
N TYR A 273 -5.62 11.64 -27.70
CA TYR A 273 -4.92 10.78 -26.75
C TYR A 273 -5.97 10.23 -25.79
N GLY A 274 -6.56 9.09 -26.14
CA GLY A 274 -7.57 8.48 -25.27
C GLY A 274 -7.18 7.07 -24.88
N THR A 275 -8.12 6.13 -24.92
CA THR A 275 -7.78 4.72 -24.76
C THR A 275 -6.71 4.32 -25.75
N GLY A 276 -6.92 4.65 -27.04
CA GLY A 276 -5.89 4.63 -28.03
C GLY A 276 -5.53 6.03 -28.48
N CYS A 277 -4.76 6.11 -29.56
CA CYS A 277 -4.39 7.41 -30.13
C CYS A 277 -4.82 7.46 -31.59
N PHE A 278 -5.46 8.57 -31.97
CA PHE A 278 -6.09 8.63 -33.28
C PHE A 278 -5.85 10.00 -33.90
N LEU A 279 -5.10 9.98 -35.00
CA LEU A 279 -4.76 11.13 -35.82
C LEU A 279 -5.64 11.15 -37.06
N LEU A 280 -6.44 12.19 -37.23
CA LEU A 280 -7.27 12.32 -38.43
C LEU A 280 -7.05 13.67 -39.08
N MET A 281 -6.95 13.66 -40.42
CA MET A 281 -6.93 14.85 -41.24
C MET A 281 -8.17 14.87 -42.12
N ASN A 282 -8.86 16.00 -42.14
CA ASN A 282 -9.96 16.22 -43.08
C ASN A 282 -9.42 16.33 -44.51
N THR A 283 -9.99 15.56 -45.45
CA THR A 283 -9.61 15.65 -46.85
C THR A 283 -10.76 16.10 -47.74
N GLY A 284 -11.81 16.71 -47.16
CA GLY A 284 -12.84 17.32 -47.97
C GLY A 284 -13.78 16.31 -48.61
N ASN A 285 -14.25 16.63 -49.81
CA ASN A 285 -15.14 15.74 -50.53
C ASN A 285 -14.38 14.63 -51.26
N GLU A 286 -13.08 14.50 -51.03
CA GLU A 286 -12.21 13.60 -51.76
C GLU A 286 -11.72 12.51 -50.82
N ALA A 287 -12.03 11.25 -51.15
CA ALA A 287 -11.39 10.11 -50.48
C ALA A 287 -9.96 10.00 -50.98
N VAL A 288 -9.01 10.12 -50.06
CA VAL A 288 -7.58 10.07 -50.37
C VAL A 288 -7.03 8.73 -49.89
N TYR A 289 -6.51 7.94 -50.81
CA TYR A 289 -5.93 6.65 -50.45
C TYR A 289 -4.48 6.82 -49.98
N SER A 290 -4.15 6.14 -48.90
CA SER A 290 -2.82 6.25 -48.32
C SER A 290 -1.82 5.42 -49.11
N LYS A 291 -0.58 5.87 -49.11
CA LYS A 291 0.54 5.08 -49.58
C LYS A 291 1.48 4.77 -48.43
N ASN A 292 1.06 5.06 -47.20
CA ASN A 292 1.93 5.02 -46.05
C ASN A 292 1.25 4.35 -44.86
N ASN A 293 0.40 3.35 -45.14
CA ASN A 293 -0.20 2.46 -44.15
C ASN A 293 -1.22 3.14 -43.26
N LEU A 294 -1.86 4.21 -43.74
CA LEU A 294 -2.97 4.84 -43.03
C LEU A 294 -4.30 4.36 -43.61
N LEU A 295 -5.40 4.75 -42.94
CA LEU A 295 -6.74 4.42 -43.42
C LEU A 295 -7.39 5.61 -44.12
N THR A 296 -8.22 5.30 -45.11
CA THR A 296 -9.13 6.26 -45.71
C THR A 296 -10.51 6.01 -45.13
N THR A 297 -11.14 7.04 -44.59
CA THR A 297 -12.38 6.82 -43.86
C THR A 297 -13.31 7.99 -44.08
N VAL A 298 -14.55 7.80 -43.66
CA VAL A 298 -15.57 8.84 -43.79
C VAL A 298 -15.54 9.68 -42.52
N ALA A 299 -15.45 11.00 -42.67
CA ALA A 299 -15.49 11.89 -41.52
C ALA A 299 -16.93 12.11 -41.04
N TRP A 300 -17.82 12.48 -41.94
CA TRP A 300 -19.21 12.69 -41.57
C TRP A 300 -19.98 13.00 -42.83
N LYS A 301 -21.31 13.04 -42.67
CA LYS A 301 -22.20 13.54 -43.70
C LYS A 301 -23.10 14.58 -43.04
N ILE A 302 -23.12 15.80 -43.59
CA ILE A 302 -23.86 16.92 -43.02
C ILE A 302 -24.46 17.71 -44.16
N ASN A 303 -25.74 18.09 -44.01
CA ASN A 303 -26.49 18.80 -45.05
C ASN A 303 -26.33 18.14 -46.42
N GLY A 304 -26.29 16.80 -46.41
CA GLY A 304 -26.22 16.05 -47.63
C GLY A 304 -24.85 15.94 -48.27
N GLU A 305 -23.80 16.44 -47.62
CA GLU A 305 -22.46 16.46 -48.19
C GLU A 305 -21.56 15.54 -47.38
N VAL A 306 -20.82 14.66 -48.05
CA VAL A 306 -19.96 13.69 -47.39
C VAL A 306 -18.54 14.25 -47.36
N SER A 307 -17.91 14.22 -46.18
CA SER A 307 -16.52 14.59 -46.02
C SER A 307 -15.74 13.35 -45.61
N TYR A 308 -14.48 13.30 -46.03
CA TYR A 308 -13.60 12.16 -45.81
C TYR A 308 -12.40 12.57 -44.98
N ALA A 309 -11.63 11.57 -44.54
CA ALA A 309 -10.44 11.80 -43.73
C ALA A 309 -9.40 10.74 -44.01
N LEU A 310 -8.15 11.07 -43.70
CA LEU A 310 -7.07 10.11 -43.54
C LEU A 310 -6.83 9.91 -42.04
N GLU A 311 -6.61 8.66 -41.63
CA GLU A 311 -6.52 8.34 -40.21
C GLU A 311 -5.31 7.46 -39.89
N GLY A 312 -4.59 7.82 -38.83
CA GLY A 312 -3.62 6.92 -38.20
C GLY A 312 -4.16 6.42 -36.88
N SER A 313 -4.07 5.09 -36.68
CA SER A 313 -4.77 4.40 -35.59
C SER A 313 -3.77 3.68 -34.69
N VAL A 314 -3.68 4.10 -33.43
CA VAL A 314 -2.82 3.47 -32.42
C VAL A 314 -3.71 2.80 -31.38
N PHE A 315 -3.51 1.49 -31.19
CA PHE A 315 -4.47 0.69 -30.42
C PHE A 315 -4.40 0.99 -28.92
N VAL A 316 -3.20 1.15 -28.37
CA VAL A 316 -3.02 1.28 -26.94
C VAL A 316 -2.21 2.56 -26.67
N GLY A 317 -2.87 3.58 -26.13
CA GLY A 317 -2.26 4.83 -25.76
C GLY A 317 -2.51 5.03 -24.27
N GLY A 318 -3.57 5.76 -23.93
CA GLY A 318 -3.94 5.90 -22.53
C GLY A 318 -4.18 4.56 -21.85
N ALA A 319 -4.67 3.57 -22.58
CA ALA A 319 -4.86 2.25 -21.99
C ALA A 319 -3.56 1.66 -21.41
N ALA A 320 -2.39 2.07 -21.89
CA ALA A 320 -1.14 1.62 -21.27
C ALA A 320 -0.97 2.22 -19.88
N ILE A 321 -1.44 3.46 -19.69
CA ILE A 321 -1.44 4.06 -18.36
C ILE A 321 -2.40 3.31 -17.46
N GLN A 322 -3.56 2.95 -18.00
CA GLN A 322 -4.53 2.13 -17.27
C GLN A 322 -3.93 0.80 -16.86
N TRP A 323 -3.07 0.24 -17.71
CA TRP A 323 -2.41 -1.00 -17.36
C TRP A 323 -1.40 -0.80 -16.22
N LEU A 324 -0.71 0.34 -16.18
CA LEU A 324 0.16 0.61 -15.04
C LEU A 324 -0.63 0.67 -13.75
N ARG A 325 -1.87 1.16 -13.84
CA ARG A 325 -2.71 1.34 -12.67
C ARG A 325 -3.34 0.02 -12.22
N ASP A 326 -4.02 -0.66 -13.14
CA ASP A 326 -4.82 -1.86 -12.85
C ASP A 326 -4.01 -3.14 -12.92
N GLY A 327 -3.06 -3.22 -13.85
CA GLY A 327 -2.27 -4.41 -14.05
C GLY A 327 -1.03 -4.42 -13.20
N LEU A 328 -0.07 -3.56 -13.53
CA LEU A 328 1.18 -3.54 -12.76
C LEU A 328 0.95 -2.96 -11.36
N LYS A 329 0.02 -2.03 -11.23
CA LYS A 329 -0.34 -1.42 -9.96
C LYS A 329 0.80 -0.59 -9.38
N ILE A 330 1.60 0.03 -10.24
CA ILE A 330 2.62 0.97 -9.78
C ILE A 330 2.10 2.39 -9.65
N ILE A 331 0.88 2.67 -10.11
CA ILE A 331 0.18 3.91 -9.78
C ILE A 331 -1.21 3.54 -9.31
N HIS A 332 -1.79 4.39 -8.48
CA HIS A 332 -3.14 4.19 -7.98
C HIS A 332 -4.19 4.88 -8.85
N ASP A 333 -3.82 5.95 -9.55
CA ASP A 333 -4.74 6.64 -10.44
C ASP A 333 -3.98 7.13 -11.67
N SER A 334 -4.72 7.26 -12.78
CA SER A 334 -4.10 7.58 -14.07
C SER A 334 -3.24 8.82 -14.00
N SER A 335 -3.74 9.87 -13.35
CA SER A 335 -3.04 11.14 -13.30
C SER A 335 -1.67 11.01 -12.66
N GLU A 336 -1.44 9.96 -11.88
CA GLU A 336 -0.18 9.80 -11.18
C GLU A 336 0.96 9.36 -12.10
N VAL A 337 0.66 8.97 -13.34
CA VAL A 337 1.74 8.49 -14.21
C VAL A 337 2.77 9.59 -14.45
N SER A 338 2.33 10.85 -14.51
CA SER A 338 3.26 11.93 -14.82
C SER A 338 4.19 12.20 -13.64
N THR A 339 3.63 12.30 -12.43
CA THR A 339 4.45 12.46 -11.23
C THR A 339 5.48 11.34 -11.12
N LEU A 340 5.05 10.09 -11.31
CA LEU A 340 5.98 8.98 -11.19
C LEU A 340 7.06 9.05 -12.27
N ALA A 341 6.68 9.37 -13.50
CA ALA A 341 7.69 9.52 -14.55
C ALA A 341 8.67 10.65 -14.22
N GLU A 342 8.22 11.66 -13.48
CA GLU A 342 9.12 12.76 -13.16
C GLU A 342 10.04 12.45 -11.97
N THR A 343 9.96 11.26 -11.38
CA THR A 343 10.98 10.88 -10.39
C THR A 343 12.29 10.46 -11.04
N VAL A 344 12.33 10.28 -12.36
CA VAL A 344 13.57 9.99 -13.05
C VAL A 344 13.78 11.07 -14.12
N GLU A 345 15.04 11.24 -14.53
CA GLU A 345 15.38 12.31 -15.46
C GLU A 345 15.10 11.94 -16.92
N ASP A 346 15.06 10.65 -17.24
CA ASP A 346 14.90 10.18 -18.61
C ASP A 346 14.46 8.73 -18.54
N ASN A 347 14.35 8.08 -19.69
CA ASN A 347 13.85 6.71 -19.71
C ASN A 347 14.85 5.68 -19.16
N GLY A 348 16.06 6.07 -18.78
CA GLY A 348 17.02 5.14 -18.19
C GLY A 348 17.41 3.98 -19.08
N GLY A 349 17.23 4.11 -20.39
CA GLY A 349 17.48 3.03 -21.32
C GLY A 349 16.29 2.14 -21.61
N VAL A 350 15.13 2.39 -21.01
CA VAL A 350 13.99 1.50 -21.12
C VAL A 350 13.05 1.97 -22.23
N TYR A 351 12.62 1.03 -23.05
CA TYR A 351 11.61 1.26 -24.07
C TYR A 351 10.47 0.29 -23.84
N PHE A 352 9.24 0.78 -24.03
CA PHE A 352 8.01 0.03 -23.82
C PHE A 352 7.20 0.19 -25.10
N VAL A 353 7.12 -0.89 -25.87
CA VAL A 353 6.21 -0.95 -27.03
C VAL A 353 4.86 -1.44 -26.51
N PRO A 354 3.86 -0.55 -26.37
CA PRO A 354 2.59 -0.94 -25.75
C PRO A 354 1.66 -1.68 -26.70
N ALA A 355 2.19 -2.72 -27.35
CA ALA A 355 1.42 -3.54 -28.28
C ALA A 355 0.55 -4.53 -27.51
N LEU A 356 -0.18 -4.06 -26.50
CA LEU A 356 -0.95 -4.97 -25.66
C LEU A 356 -2.11 -5.61 -26.41
N THR A 357 -2.53 -5.04 -27.55
CA THR A 357 -3.53 -5.63 -28.42
C THR A 357 -3.02 -5.69 -29.85
N GLY A 358 -1.73 -5.98 -30.02
CA GLY A 358 -1.11 -5.91 -31.33
C GLY A 358 -0.71 -4.49 -31.66
N LEU A 359 -0.25 -4.29 -32.90
CA LEU A 359 0.17 -2.98 -33.38
C LEU A 359 -0.76 -2.52 -34.51
N GLY A 360 -1.27 -1.30 -34.37
CA GLY A 360 -1.99 -0.63 -35.44
C GLY A 360 -1.09 0.03 -36.47
N ALA A 361 -1.51 1.20 -36.97
CA ALA A 361 -0.76 1.90 -37.99
C ALA A 361 0.56 2.41 -37.43
N PRO A 362 1.64 2.44 -38.25
CA PRO A 362 1.69 1.95 -39.64
C PRO A 362 2.13 0.49 -39.73
N TYR A 363 2.19 -0.21 -38.60
CA TYR A 363 2.76 -1.55 -38.56
C TYR A 363 1.77 -2.64 -38.93
N TRP A 364 0.53 -2.54 -38.45
CA TRP A 364 -0.51 -3.52 -38.72
C TRP A 364 -0.02 -4.94 -38.45
N ASP A 365 0.57 -5.15 -37.27
CA ASP A 365 1.05 -6.46 -36.85
C ASP A 365 0.06 -7.00 -35.81
N GLN A 366 -0.80 -7.92 -36.23
CA GLN A 366 -1.79 -8.49 -35.35
C GLN A 366 -1.17 -9.32 -34.23
N TYR A 367 0.09 -9.72 -34.37
CA TYR A 367 0.73 -10.68 -33.49
C TYR A 367 1.81 -10.06 -32.61
N ALA A 368 2.00 -8.75 -32.70
CA ALA A 368 2.90 -8.05 -31.80
C ALA A 368 2.27 -8.02 -30.41
N ARG A 369 3.12 -8.09 -29.37
CA ARG A 369 2.59 -7.99 -28.01
C ARG A 369 3.48 -7.06 -27.18
N GLY A 370 2.96 -6.68 -26.01
CA GLY A 370 3.57 -5.67 -25.19
C GLY A 370 4.97 -6.07 -24.82
N THR A 371 5.91 -5.14 -24.94
CA THR A 371 7.33 -5.49 -24.81
C THR A 371 8.02 -4.35 -24.07
N ILE A 372 8.67 -4.68 -22.96
CA ILE A 372 9.51 -3.73 -22.24
C ILE A 372 10.94 -4.22 -22.35
N ILE A 373 11.85 -3.37 -22.84
CA ILE A 373 13.21 -3.82 -23.15
C ILE A 373 14.22 -2.77 -22.72
N GLY A 374 15.41 -3.24 -22.33
CA GLY A 374 16.47 -2.37 -21.86
C GLY A 374 16.56 -2.26 -20.35
N VAL A 375 15.90 -3.13 -19.61
CA VAL A 375 15.86 -3.08 -18.14
C VAL A 375 17.22 -3.46 -17.57
N THR A 376 17.70 -2.67 -16.59
CA THR A 376 18.92 -2.98 -15.85
C THR A 376 18.62 -2.99 -14.35
N ARG A 377 19.65 -3.24 -13.52
CA ARG A 377 19.39 -3.39 -12.08
C ARG A 377 18.94 -2.08 -11.43
N GLY A 378 19.41 -0.93 -11.94
CA GLY A 378 18.96 0.36 -11.45
C GLY A 378 17.67 0.90 -12.06
N THR A 379 16.97 0.13 -12.89
CA THR A 379 15.71 0.57 -13.46
C THR A 379 14.63 0.62 -12.38
N THR A 380 13.87 1.71 -12.34
CA THR A 380 12.80 1.83 -11.36
C THR A 380 11.44 1.95 -12.02
N ASP A 381 10.40 1.91 -11.16
CA ASP A 381 9.04 2.18 -11.58
C ASP A 381 8.89 3.58 -12.18
N GLY A 382 9.74 4.51 -11.79
CA GLY A 382 9.75 5.82 -12.46
C GLY A 382 10.13 5.70 -13.92
N HIS A 383 11.16 4.89 -14.21
CA HIS A 383 11.54 4.68 -15.62
C HIS A 383 10.43 3.99 -16.41
N ILE A 384 9.76 3.01 -15.80
CA ILE A 384 8.65 2.34 -16.48
C ILE A 384 7.56 3.34 -16.83
N ALA A 385 7.18 4.20 -15.87
CA ALA A 385 6.22 5.26 -16.17
C ALA A 385 6.71 6.16 -17.30
N ARG A 386 7.97 6.56 -17.24
CA ARG A 386 8.51 7.45 -18.28
CA ARG A 386 8.52 7.44 -18.28
C ARG A 386 8.45 6.76 -19.64
N ALA A 387 8.86 5.48 -19.71
CA ALA A 387 8.83 4.70 -20.95
C ALA A 387 7.42 4.51 -21.46
N THR A 388 6.44 4.42 -20.54
CA THR A 388 5.04 4.31 -20.96
C THR A 388 4.61 5.56 -21.74
N LEU A 389 4.85 6.73 -21.16
CA LEU A 389 4.54 7.98 -21.85
C LEU A 389 5.30 8.09 -23.16
N GLU A 390 6.61 7.80 -23.14
CA GLU A 390 7.38 7.86 -24.38
C GLU A 390 6.83 6.89 -25.42
N GLY A 391 6.38 5.71 -24.97
CA GLY A 391 5.80 4.74 -25.88
C GLY A 391 4.50 5.24 -26.51
N ILE A 392 3.69 5.96 -25.74
CA ILE A 392 2.52 6.62 -26.35
C ILE A 392 2.97 7.65 -27.37
N ALA A 393 3.94 8.49 -27.00
CA ALA A 393 4.40 9.53 -27.92
C ALA A 393 5.11 8.96 -29.15
N PHE A 394 5.88 7.88 -28.99
CA PHE A 394 6.58 7.29 -30.14
C PHE A 394 5.58 6.73 -31.15
N GLN A 395 4.52 6.11 -30.67
CA GLN A 395 3.49 5.59 -31.55
C GLN A 395 2.84 6.72 -32.34
N VAL A 396 2.51 7.83 -31.68
CA VAL A 396 1.92 8.97 -32.39
C VAL A 396 2.93 9.56 -33.36
N TYR A 397 4.20 9.62 -32.95
CA TYR A 397 5.26 10.02 -33.87
C TYR A 397 5.19 9.23 -35.18
N ASP A 398 5.04 7.90 -35.10
CA ASP A 398 5.09 7.07 -36.31
C ASP A 398 3.90 7.35 -37.23
N ILE A 399 2.70 7.58 -36.69
CA ILE A 399 1.60 7.87 -37.60
C ILE A 399 1.65 9.31 -38.12
N VAL A 400 2.23 10.24 -37.37
CA VAL A 400 2.39 11.59 -37.91
C VAL A 400 3.35 11.58 -39.09
N LYS A 401 4.47 10.87 -38.96
CA LYS A 401 5.40 10.79 -40.09
C LYS A 401 4.72 10.15 -41.30
N ALA A 402 3.92 9.10 -41.08
CA ALA A 402 3.15 8.50 -42.18
C ALA A 402 2.21 9.51 -42.82
N MET A 403 1.50 10.28 -42.00
CA MET A 403 0.55 11.23 -42.57
C MET A 403 1.25 12.38 -43.29
N GLU A 404 2.35 12.87 -42.73
CA GLU A 404 3.15 13.86 -43.44
C GLU A 404 3.61 13.36 -44.80
N ALA A 405 3.85 12.06 -44.92
CA ALA A 405 4.23 11.49 -46.20
C ALA A 405 3.05 11.47 -47.16
N ASP A 406 1.87 11.07 -46.67
CA ASP A 406 0.68 11.07 -47.52
C ASP A 406 0.35 12.48 -47.98
N ALA A 407 0.37 13.44 -47.06
CA ALA A 407 0.01 14.81 -47.42
C ALA A 407 1.14 15.55 -48.10
N GLU A 408 2.36 15.00 -48.08
CA GLU A 408 3.54 15.70 -48.60
C GLU A 408 3.68 17.07 -47.95
N THR A 409 3.54 17.10 -46.63
CA THR A 409 3.67 18.31 -45.84
C THR A 409 4.55 18.01 -44.64
N GLN A 410 5.30 19.02 -44.22
CA GLN A 410 5.90 19.03 -42.88
C GLN A 410 5.00 19.92 -42.03
N SER A 411 4.33 19.31 -41.06
CA SER A 411 3.46 20.08 -40.16
C SER A 411 4.30 20.98 -39.26
N THR A 412 3.72 22.11 -38.89
CA THR A 412 4.34 23.05 -37.96
C THR A 412 3.66 23.08 -36.61
N GLU A 413 2.52 22.41 -36.48
CA GLU A 413 1.79 22.35 -35.22
C GLU A 413 0.88 21.13 -35.27
N LEU A 414 0.33 20.77 -34.11
CA LEU A 414 -0.66 19.70 -34.06
C LEU A 414 -1.65 19.99 -32.93
N ARG A 415 -2.94 20.09 -33.27
CA ARG A 415 -4.00 20.14 -32.27
C ARG A 415 -4.21 18.78 -31.63
N VAL A 416 -4.36 18.75 -30.30
CA VAL A 416 -4.55 17.51 -29.57
C VAL A 416 -5.72 17.62 -28.58
N ASP A 417 -6.24 16.48 -28.17
CA ASP A 417 -7.30 16.44 -27.17
C ASP A 417 -7.27 15.08 -26.49
N GLY A 418 -8.27 14.81 -25.65
CA GLY A 418 -8.41 13.50 -25.06
C GLY A 418 -7.92 13.45 -23.62
N GLY A 419 -8.35 12.41 -22.91
CA GLY A 419 -8.07 12.32 -21.48
C GLY A 419 -6.58 12.33 -21.14
N ALA A 420 -5.77 11.62 -21.93
CA ALA A 420 -4.35 11.56 -21.61
C ALA A 420 -3.60 12.80 -22.09
N SER A 421 -4.21 13.66 -22.91
CA SER A 421 -3.52 14.89 -23.25
C SER A 421 -3.43 15.85 -22.06
N ALA A 422 -4.07 15.52 -20.92
CA ALA A 422 -3.90 16.34 -19.73
C ALA A 422 -2.49 16.32 -19.20
N SER A 423 -1.69 15.29 -19.54
CA SER A 423 -0.32 15.19 -19.04
C SER A 423 0.57 16.18 -19.79
N ASN A 424 0.97 17.24 -19.09
CA ASN A 424 1.92 18.21 -19.65
C ASN A 424 3.22 17.53 -20.05
N LEU A 425 3.66 16.55 -19.25
CA LEU A 425 4.90 15.83 -19.56
C LEU A 425 4.76 15.05 -20.87
N LEU A 426 3.64 14.36 -21.06
CA LEU A 426 3.44 13.62 -22.30
C LEU A 426 3.41 14.56 -23.50
N MET A 427 2.81 15.74 -23.35
CA MET A 427 2.76 16.71 -24.44
C MET A 427 4.14 17.30 -24.73
N GLN A 428 4.96 17.50 -23.69
CA GLN A 428 6.31 17.99 -23.92
C GLN A 428 7.16 16.96 -24.63
N ILE A 429 7.08 15.70 -24.19
CA ILE A 429 7.74 14.61 -24.89
C ILE A 429 7.33 14.59 -26.35
N GLN A 430 6.03 14.67 -26.61
CA GLN A 430 5.55 14.59 -27.98
C GLN A 430 6.11 15.73 -28.82
N SER A 431 6.07 16.96 -28.30
CA SER A 431 6.59 18.10 -29.04
C SER A 431 8.07 17.93 -29.34
N ASP A 432 8.84 17.42 -28.37
CA ASP A 432 10.26 17.19 -28.59
C ASP A 432 10.48 16.19 -29.73
N LEU A 433 9.70 15.11 -29.74
CA LEU A 433 9.83 14.14 -30.84
C LEU A 433 9.44 14.74 -32.18
N PHE A 434 8.36 15.52 -32.21
CA PHE A 434 7.86 16.08 -33.47
C PHE A 434 8.83 17.09 -34.07
N GLY A 435 9.46 17.90 -33.24
CA GLY A 435 10.16 19.06 -33.74
C GLY A 435 9.25 20.22 -34.11
N PHE A 436 8.01 20.24 -33.60
CA PHE A 436 7.12 21.39 -33.80
C PHE A 436 6.15 21.47 -32.62
N LYS A 437 5.27 22.48 -32.67
CA LYS A 437 4.42 22.86 -31.53
C LYS A 437 3.20 21.95 -31.38
N ILE A 438 2.72 21.86 -30.13
CA ILE A 438 1.51 21.13 -29.77
C ILE A 438 0.54 22.13 -29.16
N ILE A 439 -0.70 22.13 -29.65
CA ILE A 439 -1.73 23.06 -29.21
C ILE A 439 -2.80 22.26 -28.47
N ARG A 440 -2.99 22.56 -27.19
CA ARG A 440 -4.00 21.89 -26.39
C ARG A 440 -5.10 22.88 -26.05
N PRO A 441 -6.35 22.63 -26.40
CA PRO A 441 -7.42 23.58 -26.14
C PRO A 441 -7.99 23.42 -24.73
N LYS A 442 -8.88 24.35 -24.38
CA LYS A 442 -9.47 24.38 -23.04
C LYS A 442 -10.30 23.13 -22.74
N THR A 443 -11.07 22.67 -23.73
CA THR A 443 -11.95 21.51 -23.56
C THR A 443 -11.29 20.32 -24.20
N LEU A 444 -10.85 19.37 -23.37
CA LEU A 444 -10.22 18.16 -23.88
C LEU A 444 -11.23 17.13 -24.38
N GLU A 445 -12.50 17.24 -23.97
CA GLU A 445 -13.54 16.28 -24.35
C GLU A 445 -14.15 16.64 -25.71
N THR A 446 -13.27 16.74 -26.71
CA THR A 446 -13.71 17.16 -28.05
C THR A 446 -14.54 16.10 -28.73
N THR A 447 -14.41 14.84 -28.30
CA THR A 447 -15.28 13.80 -28.83
C THR A 447 -16.74 14.10 -28.48
N ALA A 448 -17.03 14.31 -27.20
CA ALA A 448 -18.38 14.67 -26.77
C ALA A 448 -18.81 16.01 -27.34
N LEU A 449 -17.91 16.99 -27.38
CA LEU A 449 -18.23 18.29 -27.95
C LEU A 449 -18.68 18.15 -29.41
N GLY A 450 -17.94 17.36 -30.18
CA GLY A 450 -18.32 17.16 -31.58
C GLY A 450 -19.69 16.53 -31.75
N ALA A 451 -20.01 15.55 -30.90
CA ALA A 451 -21.36 14.98 -30.93
C ALA A 451 -22.40 16.02 -30.57
N ALA A 452 -22.10 16.84 -29.56
CA ALA A 452 -23.01 17.92 -29.20
C ALA A 452 -23.21 18.87 -30.38
N TYR A 453 -22.13 19.27 -31.05
CA TYR A 453 -22.25 20.17 -32.20
C TYR A 453 -23.15 19.58 -33.28
N LEU A 454 -22.96 18.29 -33.61
CA LEU A 454 -23.76 17.69 -34.67
C LEU A 454 -25.24 17.68 -34.30
N ALA A 455 -25.55 17.29 -33.07
CA ALA A 455 -26.95 17.32 -32.64
C ALA A 455 -27.49 18.74 -32.62
N GLY A 456 -26.70 19.69 -32.12
CA GLY A 456 -27.21 21.04 -31.90
C GLY A 456 -27.46 21.79 -33.20
N LEU A 457 -26.61 21.56 -34.19
CA LEU A 457 -26.85 22.13 -35.51
C LEU A 457 -28.14 21.60 -36.09
N ALA A 458 -28.46 20.33 -35.81
CA ALA A 458 -29.61 19.67 -36.42
C ALA A 458 -30.92 20.17 -35.85
N VAL A 459 -30.95 20.51 -34.56
CA VAL A 459 -32.15 21.06 -33.95
C VAL A 459 -32.11 22.57 -33.83
N GLY A 460 -31.05 23.21 -34.33
CA GLY A 460 -30.99 24.66 -34.32
C GLY A 460 -30.53 25.26 -33.01
N PHE A 461 -30.01 24.43 -32.11
CA PHE A 461 -29.39 24.93 -30.88
C PHE A 461 -28.30 25.94 -31.21
N TRP A 462 -27.52 25.66 -32.27
CA TRP A 462 -26.63 26.62 -32.90
C TRP A 462 -27.11 26.83 -34.34
N GLU A 463 -27.06 28.08 -34.80
CA GLU A 463 -27.62 28.40 -36.11
C GLU A 463 -26.69 28.06 -37.27
N SER A 464 -25.39 27.92 -37.02
CA SER A 464 -24.43 27.62 -38.07
C SER A 464 -23.08 27.27 -37.43
N ILE A 465 -22.25 26.57 -38.21
CA ILE A 465 -20.90 26.26 -37.76
C ILE A 465 -20.07 27.52 -37.53
N ASP A 466 -20.41 28.61 -38.24
CA ASP A 466 -19.73 29.88 -38.00
C ASP A 466 -19.95 30.35 -36.56
N GLU A 467 -21.07 29.95 -35.96
CA GLU A 467 -21.36 30.37 -34.58
C GLU A 467 -20.47 29.67 -33.57
N ILE A 468 -20.08 28.42 -33.82
CA ILE A 468 -19.33 27.67 -32.81
C ILE A 468 -17.83 27.88 -32.92
N GLN A 469 -17.35 28.57 -33.96
CA GLN A 469 -15.90 28.74 -34.16
C GLN A 469 -15.23 29.31 -32.93
N SER A 470 -15.77 30.41 -32.39
CA SER A 470 -15.16 31.14 -31.29
C SER A 470 -14.97 30.30 -30.04
N GLN A 471 -15.57 29.10 -29.98
CA GLN A 471 -15.48 28.28 -28.78
C GLN A 471 -14.22 27.43 -28.72
N TRP A 472 -13.42 27.39 -29.78
CA TRP A 472 -12.13 26.71 -29.73
C TRP A 472 -11.11 27.66 -29.13
N ILE A 473 -10.70 27.40 -27.89
CA ILE A 473 -9.83 28.29 -27.12
C ILE A 473 -8.55 27.55 -26.78
N ILE A 474 -7.41 28.12 -27.16
CA ILE A 474 -6.12 27.51 -26.87
C ILE A 474 -5.79 27.69 -25.39
N GLU A 475 -5.45 26.60 -24.72
CA GLU A 475 -5.10 26.66 -23.30
C GLU A 475 -3.59 26.58 -23.05
N LYS A 476 -2.86 25.75 -23.79
CA LYS A 476 -1.42 25.70 -23.63
C LYS A 476 -0.76 25.24 -24.92
N GLU A 477 0.36 25.87 -25.26
CA GLU A 477 1.17 25.44 -26.39
C GLU A 477 2.52 24.91 -25.89
N PHE A 478 2.95 23.79 -26.46
CA PHE A 478 4.21 23.14 -26.12
C PHE A 478 5.14 23.24 -27.32
N THR A 479 6.39 23.65 -27.07
CA THR A 479 7.35 23.80 -28.14
C THR A 479 8.57 22.94 -27.87
N PRO A 480 9.22 22.43 -28.92
CA PRO A 480 10.31 21.45 -28.74
C PRO A 480 11.51 22.04 -28.01
N LYS A 481 12.24 21.16 -27.31
CA LYS A 481 13.38 21.55 -26.50
C LYS A 481 14.66 20.74 -26.75
N GLU A 482 14.57 19.53 -27.28
CA GLU A 482 15.71 18.62 -27.24
C GLU A 482 16.50 18.61 -28.55
N ASP A 483 17.79 18.30 -28.42
CA ASP A 483 18.70 18.19 -29.54
C ASP A 483 18.20 17.15 -30.54
N LYS A 484 18.27 17.51 -31.82
CA LYS A 484 17.76 16.63 -32.87
C LYS A 484 18.52 15.30 -32.92
N THR A 485 19.83 15.34 -32.65
CA THR A 485 20.60 14.09 -32.69
C THR A 485 20.22 13.15 -31.55
N LYS A 486 19.94 13.71 -30.36
CA LYS A 486 19.44 12.90 -29.26
C LYS A 486 18.06 12.34 -29.57
N ILE A 487 17.18 13.15 -30.16
CA ILE A 487 15.87 12.65 -30.58
C ILE A 487 16.03 11.52 -31.59
N ASP A 488 16.92 11.70 -32.57
CA ASP A 488 17.14 10.65 -33.56
C ASP A 488 17.58 9.34 -32.92
N ASN A 489 18.45 9.41 -31.90
CA ASN A 489 18.89 8.18 -31.24
C ASN A 489 17.73 7.47 -30.57
N MET A 490 16.91 8.21 -29.83
CA MET A 490 15.77 7.61 -29.14
C MET A 490 14.79 6.98 -30.12
N VAL A 491 14.47 7.68 -31.20
CA VAL A 491 13.59 7.14 -32.23
C VAL A 491 14.19 5.86 -32.82
N SER A 492 15.52 5.85 -32.96
CA SER A 492 16.17 4.66 -33.47
C SER A 492 15.99 3.47 -32.53
N PHE A 493 16.23 3.69 -31.23
CA PHE A 493 15.99 2.59 -30.31
C PHE A 493 14.51 2.23 -30.22
N TRP A 494 13.61 3.23 -30.33
CA TRP A 494 12.19 2.89 -30.34
C TRP A 494 11.86 1.95 -31.50
N HIS A 495 12.35 2.28 -32.70
CA HIS A 495 12.09 1.39 -33.82
C HIS A 495 12.76 0.04 -33.63
N LYS A 496 13.94 0.01 -33.00
CA LYS A 496 14.56 -1.26 -32.67
C LYS A 496 13.69 -2.06 -31.70
N ALA A 497 13.13 -1.41 -30.68
CA ALA A 497 12.24 -2.10 -29.75
C ALA A 497 10.99 -2.61 -30.45
N VAL A 498 10.42 -1.81 -31.35
CA VAL A 498 9.21 -2.24 -32.05
C VAL A 498 9.44 -3.58 -32.76
N LYS A 499 10.60 -3.73 -33.40
CA LYS A 499 10.85 -4.98 -34.10
C LYS A 499 10.98 -6.15 -33.12
N ARG A 500 11.56 -5.91 -31.93
CA ARG A 500 11.58 -6.94 -30.90
C ARG A 500 10.18 -7.34 -30.43
N SER A 501 9.18 -6.48 -30.61
CA SER A 501 7.83 -6.77 -30.18
C SER A 501 7.06 -7.60 -31.19
N GLN A 502 7.51 -7.67 -32.43
CA GLN A 502 6.67 -8.08 -33.54
C GLN A 502 6.64 -9.59 -33.71
N ALA A 503 5.60 -10.09 -34.40
CA ALA A 503 5.51 -11.51 -34.77
C ALA A 503 5.79 -12.40 -33.55
N TRP A 504 5.14 -12.06 -32.45
CA TRP A 504 5.31 -12.77 -31.19
C TRP A 504 4.33 -13.94 -31.08
N ILE A 505 3.03 -13.64 -31.16
CA ILE A 505 2.02 -14.69 -31.16
C ILE A 505 2.08 -15.47 -32.48
N GLU A 506 1.87 -16.78 -32.40
CA GLU A 506 1.85 -17.66 -33.54
C GLU A 506 0.47 -18.24 -33.83
N ASP A 507 -0.44 -18.23 -32.87
CA ASP A 507 -1.71 -18.93 -33.00
C ASP A 507 -2.92 -18.00 -33.13
N ASN B 11 -44.54 -13.46 -20.29
CA ASN B 11 -43.14 -13.12 -20.04
C ASN B 11 -42.96 -12.82 -18.55
N GLU B 12 -41.76 -12.39 -18.17
CA GLU B 12 -41.43 -12.18 -16.76
C GLU B 12 -41.76 -10.76 -16.32
N LYS B 13 -42.34 -10.66 -15.12
CA LYS B 13 -42.61 -9.37 -14.49
C LYS B 13 -41.76 -9.24 -13.24
N LEU B 14 -41.36 -8.01 -12.93
CA LEU B 14 -40.47 -7.74 -11.82
C LEU B 14 -41.05 -6.62 -10.95
N ILE B 15 -40.60 -6.59 -9.70
CA ILE B 15 -40.91 -5.52 -8.76
C ILE B 15 -39.63 -4.73 -8.53
N LEU B 16 -39.74 -3.41 -8.57
CA LEU B 16 -38.60 -2.52 -8.36
C LEU B 16 -38.68 -1.92 -6.96
N ALA B 17 -37.64 -2.14 -6.16
CA ALA B 17 -37.48 -1.50 -4.86
C ALA B 17 -36.38 -0.46 -4.97
N LEU B 18 -36.69 0.76 -4.59
CA LEU B 18 -35.67 1.79 -4.39
C LEU B 18 -35.37 1.87 -2.90
N ASP B 19 -34.12 1.67 -2.53
CA ASP B 19 -33.69 1.71 -1.14
C ASP B 19 -32.69 2.86 -1.00
N GLN B 20 -33.16 4.01 -0.52
CA GLN B 20 -32.34 5.21 -0.39
C GLN B 20 -31.72 5.20 1.00
N GLY B 21 -30.49 4.62 1.10
CA GLY B 21 -29.82 4.43 2.38
C GLY B 21 -28.98 5.63 2.82
N THR B 22 -28.53 5.58 4.08
CA THR B 22 -27.70 6.64 4.62
C THR B 22 -26.38 6.77 3.86
N THR B 23 -25.88 5.66 3.35
CA THR B 23 -24.55 5.55 2.75
C THR B 23 -24.59 5.46 1.23
N SER B 24 -25.58 4.74 0.68
CA SER B 24 -25.72 4.61 -0.76
C SER B 24 -27.20 4.43 -1.09
N SER B 25 -27.54 4.73 -2.35
CA SER B 25 -28.87 4.44 -2.89
C SER B 25 -28.80 3.18 -3.71
N ARG B 26 -29.82 2.32 -3.56
CA ARG B 26 -29.91 1.06 -4.26
C ARG B 26 -31.22 0.99 -5.03
N ALA B 27 -31.20 0.21 -6.11
CA ALA B 27 -32.39 -0.17 -6.85
C ALA B 27 -32.22 -1.66 -7.16
N ILE B 28 -33.24 -2.45 -6.79
CA ILE B 28 -33.17 -3.91 -6.85
C ILE B 28 -34.43 -4.40 -7.56
N LEU B 29 -34.25 -5.35 -8.47
CA LEU B 29 -35.37 -6.00 -9.15
C LEU B 29 -35.55 -7.40 -8.56
N PHE B 30 -36.76 -7.66 -8.06
CA PHE B 30 -37.17 -8.95 -7.52
C PHE B 30 -38.17 -9.61 -8.46
N ASN B 31 -38.23 -10.94 -8.42
CA ASN B 31 -39.25 -11.69 -9.14
C ASN B 31 -40.30 -12.20 -8.16
N LYS B 32 -41.26 -12.96 -8.70
CA LYS B 32 -42.37 -13.45 -7.89
C LYS B 32 -41.92 -14.40 -6.79
N SER B 33 -40.71 -14.94 -6.86
CA SER B 33 -40.19 -15.83 -5.84
C SER B 33 -39.45 -15.09 -4.73
N GLY B 34 -39.42 -13.77 -4.79
CA GLY B 34 -38.66 -12.99 -3.82
C GLY B 34 -37.16 -13.01 -4.04
N GLU B 35 -36.71 -13.39 -5.22
CA GLU B 35 -35.29 -13.49 -5.52
C GLU B 35 -34.79 -12.20 -6.15
N ILE B 36 -33.61 -11.77 -5.74
CA ILE B 36 -32.97 -10.62 -6.39
C ILE B 36 -32.49 -11.03 -7.77
N LYS B 37 -32.99 -10.36 -8.80
CA LYS B 37 -32.49 -10.64 -10.15
C LYS B 37 -31.37 -9.68 -10.54
N PHE B 38 -31.46 -8.41 -10.14
CA PHE B 38 -30.47 -7.42 -10.54
C PHE B 38 -30.42 -6.35 -9.46
N VAL B 39 -29.22 -5.82 -9.22
CA VAL B 39 -28.98 -4.77 -8.24
C VAL B 39 -28.05 -3.74 -8.85
N SER B 40 -28.37 -2.46 -8.64
CA SER B 40 -27.46 -1.36 -8.87
C SER B 40 -27.38 -0.53 -7.60
N GLN B 41 -26.20 0.01 -7.33
CA GLN B 41 -25.96 0.70 -6.07
C GLN B 41 -24.99 1.83 -6.33
N LYS B 42 -25.18 2.96 -5.64
CA LYS B 42 -24.27 4.08 -5.85
C LYS B 42 -24.14 4.89 -4.58
N SER B 43 -22.91 5.16 -4.18
CA SER B 43 -22.67 5.90 -2.96
C SER B 43 -22.82 7.40 -3.22
N PHE B 44 -23.06 8.16 -2.16
CA PHE B 44 -23.15 9.60 -2.27
C PHE B 44 -22.45 10.24 -1.08
N GLU B 45 -22.19 11.54 -1.18
CA GLU B 45 -21.25 12.19 -0.27
C GLU B 45 -21.85 12.37 1.12
N GLN B 46 -21.06 12.01 2.14
CA GLN B 46 -21.37 12.30 3.53
C GLN B 46 -20.69 13.62 3.89
N ILE B 47 -21.49 14.66 4.10
CA ILE B 47 -20.99 16.02 4.28
C ILE B 47 -20.97 16.36 5.77
N PHE B 48 -19.80 16.78 6.27
CA PHE B 48 -19.62 17.14 7.69
C PHE B 48 -19.16 18.59 7.80
N PRO B 49 -20.08 19.56 7.90
CA PRO B 49 -19.65 20.96 7.96
C PRO B 49 -18.83 21.26 9.20
N THR B 50 -19.08 20.52 10.27
CA THR B 50 -18.29 20.61 11.50
C THR B 50 -18.53 19.30 12.23
N PRO B 51 -17.57 18.82 13.04
CA PRO B 51 -17.74 17.50 13.67
C PRO B 51 -19.02 17.47 14.50
N GLY B 52 -19.75 16.36 14.37
CA GLY B 52 -21.07 16.23 14.97
C GLY B 52 -22.21 16.52 14.01
N TRP B 53 -21.98 17.30 12.95
CA TRP B 53 -23.01 17.54 11.96
C TRP B 53 -22.88 16.52 10.83
N VAL B 54 -24.00 16.09 10.29
CA VAL B 54 -24.02 15.18 9.15
C VAL B 54 -25.09 15.66 8.18
N GLU B 55 -24.71 15.85 6.92
CA GLU B 55 -25.61 16.38 5.91
C GLU B 55 -25.46 15.58 4.63
N HIS B 56 -26.52 15.59 3.83
CA HIS B 56 -26.53 15.00 2.50
C HIS B 56 -26.97 16.07 1.51
N ASP B 57 -26.43 16.02 0.31
CA ASP B 57 -26.93 16.89 -0.75
C ASP B 57 -28.25 16.30 -1.24
N PRO B 58 -29.39 16.97 -1.03
CA PRO B 58 -30.66 16.40 -1.52
C PRO B 58 -30.67 16.15 -3.03
N ASN B 59 -29.92 16.96 -3.78
CA ASN B 59 -29.79 16.73 -5.23
C ASN B 59 -28.98 15.47 -5.55
N GLU B 60 -28.05 15.07 -4.67
CA GLU B 60 -27.28 13.85 -4.93
C GLU B 60 -27.98 12.60 -4.40
N ILE B 61 -28.81 12.75 -3.37
CA ILE B 61 -29.76 11.70 -3.02
C ILE B 61 -30.61 11.34 -4.24
N TRP B 62 -31.13 12.37 -4.92
CA TRP B 62 -32.02 12.12 -6.04
C TRP B 62 -31.24 11.57 -7.24
N SER B 63 -30.14 12.23 -7.61
CA SER B 63 -29.37 11.77 -8.77
C SER B 63 -28.83 10.37 -8.53
N SER B 64 -28.39 10.05 -7.31
CA SER B 64 -27.87 8.71 -7.09
C SER B 64 -28.99 7.69 -7.16
N GLN B 65 -30.14 8.02 -6.58
CA GLN B 65 -31.25 7.08 -6.52
C GLN B 65 -31.89 6.85 -7.90
N ILE B 66 -32.09 7.92 -8.68
CA ILE B 66 -32.75 7.72 -9.97
C ILE B 66 -31.76 7.15 -11.00
N SER B 67 -30.46 7.42 -10.85
CA SER B 67 -29.53 6.84 -11.81
C SER B 67 -29.38 5.33 -11.59
N VAL B 68 -29.40 4.86 -10.35
CA VAL B 68 -29.34 3.40 -10.15
C VAL B 68 -30.66 2.76 -10.52
N ALA B 69 -31.78 3.50 -10.42
CA ALA B 69 -33.05 2.98 -10.92
C ALA B 69 -33.00 2.74 -12.43
N ALA B 70 -32.52 3.74 -13.18
CA ALA B 70 -32.34 3.54 -14.61
C ALA B 70 -31.34 2.44 -14.88
N GLU B 71 -30.29 2.36 -14.07
CA GLU B 71 -29.21 1.40 -14.32
C GLU B 71 -29.70 -0.03 -14.17
N VAL B 72 -30.46 -0.34 -13.11
CA VAL B 72 -30.81 -1.73 -12.82
C VAL B 72 -31.80 -2.24 -13.88
N ILE B 73 -32.72 -1.39 -14.33
CA ILE B 73 -33.61 -1.79 -15.41
C ILE B 73 -32.82 -2.09 -16.68
N ALA B 74 -31.93 -1.17 -17.05
CA ALA B 74 -31.08 -1.37 -18.23
C ALA B 74 -30.24 -2.63 -18.09
N LYS B 75 -29.63 -2.80 -16.92
CA LYS B 75 -28.82 -3.98 -16.60
C LYS B 75 -29.61 -5.27 -16.75
N ALA B 76 -30.90 -5.23 -16.42
CA ALA B 76 -31.77 -6.40 -16.54
C ALA B 76 -32.06 -6.76 -17.99
N GLY B 77 -31.63 -5.94 -18.94
CA GLY B 77 -31.97 -6.16 -20.34
C GLY B 77 -33.39 -5.79 -20.71
N ILE B 78 -34.13 -5.17 -19.79
CA ILE B 78 -35.55 -4.88 -19.99
C ILE B 78 -35.75 -3.37 -20.05
N SER B 79 -37.01 -2.93 -20.06
CA SER B 79 -37.39 -1.53 -19.96
C SER B 79 -38.43 -1.38 -18.84
N GLY B 80 -38.90 -0.14 -18.64
CA GLY B 80 -39.89 0.13 -17.62
C GLY B 80 -41.22 -0.56 -17.85
N LEU B 81 -41.45 -1.05 -19.07
CA LEU B 81 -42.68 -1.76 -19.39
C LEU B 81 -42.81 -3.06 -18.61
N GLU B 82 -41.68 -3.67 -18.25
CA GLU B 82 -41.68 -4.95 -17.55
C GLU B 82 -41.79 -4.81 -16.03
N VAL B 83 -41.72 -3.58 -15.52
CA VAL B 83 -41.78 -3.33 -14.08
C VAL B 83 -43.23 -3.24 -13.64
N ALA B 84 -43.60 -4.01 -12.62
CA ALA B 84 -44.99 -4.07 -12.18
C ALA B 84 -45.36 -2.95 -11.23
N ALA B 85 -44.43 -2.49 -10.41
CA ALA B 85 -44.70 -1.48 -9.37
C ALA B 85 -43.38 -1.06 -8.76
N ILE B 86 -43.39 0.12 -8.15
CA ILE B 86 -42.25 0.67 -7.44
C ILE B 86 -42.55 0.69 -5.95
N GLY B 87 -41.60 0.25 -5.14
CA GLY B 87 -41.68 0.37 -3.69
C GLY B 87 -40.55 1.23 -3.17
N ILE B 88 -40.87 2.11 -2.23
CA ILE B 88 -39.96 3.15 -1.74
C ILE B 88 -39.62 2.84 -0.29
N THR B 89 -38.33 2.83 0.03
CA THR B 89 -37.89 2.79 1.41
C THR B 89 -36.60 3.58 1.51
N ASN B 90 -36.28 4.03 2.74
CA ASN B 90 -35.37 5.16 2.86
C ASN B 90 -34.79 5.24 4.27
N GLN B 91 -33.60 5.85 4.36
CA GLN B 91 -33.11 6.32 5.65
C GLN B 91 -34.17 7.21 6.27
N ARG B 92 -34.44 7.01 7.57
CA ARG B 92 -35.54 7.69 8.23
C ARG B 92 -35.05 8.97 8.89
N GLU B 93 -36.01 9.76 9.40
CA GLU B 93 -35.76 10.99 10.16
C GLU B 93 -35.11 12.10 9.34
N THR B 94 -34.13 11.74 8.50
CA THR B 94 -33.43 12.71 7.67
C THR B 94 -34.41 13.68 7.02
N THR B 95 -34.10 14.98 7.09
CA THR B 95 -35.06 16.04 6.80
C THR B 95 -34.64 16.84 5.58
N VAL B 96 -35.53 16.93 4.58
CA VAL B 96 -35.35 17.74 3.37
C VAL B 96 -36.42 18.82 3.36
N VAL B 97 -36.04 20.02 2.95
CA VAL B 97 -36.99 21.14 2.85
C VAL B 97 -36.76 21.82 1.51
N TRP B 98 -37.81 21.96 0.70
CA TRP B 98 -37.64 22.49 -0.65
C TRP B 98 -38.72 23.50 -1.00
N ASP B 99 -38.42 24.30 -2.02
CA ASP B 99 -39.37 25.24 -2.60
C ASP B 99 -40.48 24.47 -3.29
N ARG B 100 -41.74 24.74 -2.91
CA ARG B 100 -42.86 24.02 -3.50
C ARG B 100 -43.00 24.29 -5.00
N HIS B 101 -42.46 25.40 -5.49
CA HIS B 101 -42.63 25.79 -6.88
C HIS B 101 -41.43 25.47 -7.77
N THR B 102 -40.20 25.56 -7.26
CA THR B 102 -39.03 25.25 -8.09
C THR B 102 -38.41 23.90 -7.76
N SER B 103 -38.86 23.26 -6.68
CA SER B 103 -38.34 21.98 -6.17
C SER B 103 -36.89 22.07 -5.72
N GLU B 104 -36.34 23.27 -5.55
CA GLU B 104 -34.97 23.41 -5.10
C GLU B 104 -34.89 23.29 -3.59
N PRO B 105 -34.00 22.46 -3.05
CA PRO B 105 -33.81 22.44 -1.60
C PRO B 105 -33.35 23.82 -1.12
N ILE B 106 -33.88 24.25 0.03
CA ILE B 106 -33.43 25.51 0.61
C ILE B 106 -32.23 25.31 1.51
N TYR B 107 -31.86 24.07 1.76
CA TYR B 107 -30.70 23.72 2.58
C TYR B 107 -30.39 22.25 2.28
N ASN B 108 -29.21 21.81 2.72
CA ASN B 108 -28.89 20.40 2.62
C ASN B 108 -29.87 19.57 3.44
N ALA B 109 -29.92 18.27 3.17
CA ALA B 109 -30.66 17.38 4.04
C ALA B 109 -29.88 17.23 5.35
N ILE B 110 -30.57 17.40 6.48
CA ILE B 110 -29.95 17.14 7.78
C ILE B 110 -30.25 15.69 8.18
N VAL B 111 -29.19 14.89 8.32
CA VAL B 111 -29.31 13.43 8.49
C VAL B 111 -29.69 13.09 9.93
N TRP B 112 -30.32 11.92 10.10
CA TRP B 112 -30.71 11.46 11.42
C TRP B 112 -29.55 11.46 12.41
N GLN B 113 -28.32 11.21 11.93
CA GLN B 113 -27.12 11.20 12.79
C GLN B 113 -26.71 12.60 13.27
N ASP B 114 -27.16 13.65 12.59
CA ASP B 114 -26.68 15.00 12.89
C ASP B 114 -27.01 15.37 14.33
N ARG B 115 -26.06 16.01 15.02
CA ARG B 115 -26.18 16.31 16.45
C ARG B 115 -26.45 17.77 16.78
N ARG B 116 -26.63 18.66 15.77
CA ARG B 116 -26.60 20.09 16.03
C ARG B 116 -27.74 20.57 16.92
N THR B 117 -28.87 19.85 16.93
CA THR B 117 -30.03 20.24 17.71
C THR B 117 -30.02 19.62 19.10
N SER B 118 -28.87 19.11 19.55
CA SER B 118 -28.77 18.47 20.84
C SER B 118 -29.11 19.42 21.98
N LYS B 119 -28.59 20.65 21.94
CA LYS B 119 -28.82 21.59 23.03
C LYS B 119 -30.28 22.00 23.11
N TYR B 120 -30.94 22.15 21.96
CA TYR B 120 -32.37 22.48 21.96
C TYR B 120 -33.19 21.33 22.54
N CYS B 121 -32.84 20.09 22.20
CA CYS B 121 -33.52 18.93 22.78
C CYS B 121 -33.36 18.92 24.30
N ASP B 122 -32.17 19.28 24.80
CA ASP B 122 -31.98 19.39 26.24
C ASP B 122 -32.82 20.50 26.84
N GLU B 123 -32.96 21.63 26.13
CA GLU B 123 -33.85 22.70 26.57
C GLU B 123 -35.27 22.18 26.75
N LEU B 124 -35.75 21.41 25.77
CA LEU B 124 -37.10 20.88 25.81
C LEU B 124 -37.29 19.94 26.99
N LYS B 125 -36.25 19.17 27.33
CA LYS B 125 -36.33 18.35 28.53
C LYS B 125 -36.44 19.22 29.78
N SER B 126 -35.59 20.25 29.87
CA SER B 126 -35.60 21.09 31.06
C SER B 126 -36.92 21.86 31.21
N GLN B 127 -37.60 22.11 30.10
CA GLN B 127 -38.90 22.77 30.08
C GLN B 127 -40.05 21.81 30.37
N GLY B 128 -39.78 20.51 30.44
CA GLY B 128 -40.76 19.56 30.94
C GLY B 128 -41.47 18.71 29.89
N HIS B 129 -40.97 18.66 28.66
CA HIS B 129 -41.78 18.12 27.57
C HIS B 129 -41.59 16.63 27.34
N THR B 130 -40.75 15.96 28.13
CA THR B 130 -40.36 14.58 27.81
C THR B 130 -41.58 13.65 27.78
N ASP B 131 -42.41 13.69 28.83
CA ASP B 131 -43.50 12.73 28.92
C ASP B 131 -44.55 12.99 27.84
N GLU B 132 -44.81 14.26 27.54
CA GLU B 132 -45.77 14.58 26.49
C GLU B 132 -45.28 14.07 25.13
N ILE B 133 -43.99 14.28 24.84
CA ILE B 133 -43.45 13.82 23.57
C ILE B 133 -43.49 12.30 23.49
N LYS B 134 -43.11 11.61 24.57
CA LYS B 134 -43.12 10.16 24.56
C LYS B 134 -44.53 9.62 24.30
N GLN B 135 -45.52 10.15 25.02
CA GLN B 135 -46.88 9.60 24.92
C GLN B 135 -47.45 9.79 23.52
N LYS B 136 -47.25 10.98 22.94
CA LYS B 136 -47.80 11.26 21.63
C LYS B 136 -47.06 10.52 20.52
N THR B 137 -45.74 10.40 20.62
CA THR B 137 -44.93 9.93 19.49
C THR B 137 -44.17 8.64 19.72
N GLY B 138 -44.01 8.19 20.97
CA GLY B 138 -43.16 7.06 21.26
C GLY B 138 -41.69 7.37 21.27
N LEU B 139 -41.32 8.63 21.11
CA LEU B 139 -39.92 9.00 20.91
C LEU B 139 -39.38 9.73 22.13
N VAL B 140 -38.06 9.79 22.18
CA VAL B 140 -37.34 10.49 23.23
C VAL B 140 -36.85 11.82 22.66
N LEU B 141 -36.54 12.76 23.54
CA LEU B 141 -36.06 14.08 23.11
C LEU B 141 -34.60 13.99 22.74
N ASP B 142 -34.34 13.74 21.45
CA ASP B 142 -32.99 13.54 20.94
C ASP B 142 -32.90 14.15 19.55
N ALA B 143 -31.71 14.68 19.23
CA ALA B 143 -31.42 15.27 17.91
C ALA B 143 -31.70 14.32 16.75
N TYR B 144 -31.91 13.03 17.06
CA TYR B 144 -32.21 11.99 16.09
C TYR B 144 -33.38 12.34 15.17
N PHE B 145 -34.45 12.94 15.69
CA PHE B 145 -35.69 12.97 14.93
C PHE B 145 -35.90 14.30 14.22
N SER B 146 -36.92 14.33 13.35
CA SER B 146 -37.00 15.33 12.28
C SER B 146 -37.40 16.72 12.79
N ALA B 147 -38.33 16.79 13.75
CA ALA B 147 -38.93 18.08 14.11
C ALA B 147 -37.86 19.14 14.40
N THR B 148 -36.86 18.81 15.23
CA THR B 148 -35.88 19.85 15.56
C THR B 148 -35.03 20.21 14.35
N LYS B 149 -34.79 19.27 13.45
CA LYS B 149 -34.04 19.57 12.23
C LYS B 149 -34.83 20.50 11.32
N LEU B 150 -36.12 20.22 11.14
CA LEU B 150 -37.00 21.13 10.42
C LEU B 150 -37.03 22.52 11.05
N LYS B 151 -37.17 22.59 12.38
CA LYS B 151 -37.14 23.88 13.05
C LYS B 151 -35.82 24.61 12.82
N TRP B 152 -34.70 23.87 12.81
CA TRP B 152 -33.41 24.51 12.59
C TRP B 152 -33.37 25.21 11.24
N ILE B 153 -33.87 24.53 10.21
CA ILE B 153 -33.86 25.09 8.86
C ILE B 153 -34.76 26.32 8.78
N LEU B 154 -35.96 26.24 9.35
CA LEU B 154 -36.85 27.40 9.30
C LEU B 154 -36.29 28.57 10.08
N ASP B 155 -35.57 28.31 11.17
CA ASP B 155 -35.05 29.41 11.99
C ASP B 155 -33.72 29.95 11.50
N ASN B 156 -32.96 29.20 10.70
CA ASN B 156 -31.59 29.59 10.36
C ASN B 156 -31.36 29.91 8.89
N VAL B 157 -32.14 29.33 7.98
CA VAL B 157 -31.92 29.56 6.56
C VAL B 157 -32.54 30.90 6.18
N GLU B 158 -31.78 31.72 5.45
CA GLU B 158 -32.22 33.05 5.07
C GLU B 158 -33.52 32.99 4.28
N GLY B 159 -34.57 33.61 4.82
CA GLY B 159 -35.85 33.69 4.16
C GLY B 159 -36.74 32.46 4.30
N ALA B 160 -36.36 31.50 5.13
CA ALA B 160 -37.10 30.24 5.18
C ALA B 160 -38.40 30.35 5.98
N ARG B 161 -38.37 31.02 7.14
CA ARG B 161 -39.56 31.10 7.97
C ARG B 161 -40.68 31.84 7.24
N GLU B 162 -40.37 32.92 6.53
CA GLU B 162 -41.40 33.67 5.81
C GLU B 162 -41.97 32.86 4.65
N LYS B 163 -41.13 32.09 3.95
CA LYS B 163 -41.63 31.27 2.86
C LYS B 163 -42.52 30.14 3.39
N ALA B 164 -42.16 29.57 4.55
CA ALA B 164 -42.96 28.49 5.11
C ALA B 164 -44.34 28.98 5.55
N GLU B 165 -44.41 30.21 6.08
CA GLU B 165 -45.70 30.72 6.52
C GLU B 165 -46.58 31.13 5.36
N ALA B 166 -46.01 31.27 4.17
CA ALA B 166 -46.76 31.59 2.96
C ALA B 166 -47.19 30.35 2.19
N GLY B 167 -46.96 29.15 2.75
CA GLY B 167 -47.29 27.93 2.08
C GLY B 167 -46.39 27.56 0.92
N ASP B 168 -45.21 28.17 0.82
CA ASP B 168 -44.31 27.99 -0.31
C ASP B 168 -43.22 26.95 -0.07
N LEU B 169 -43.23 26.27 1.07
CA LEU B 169 -42.20 25.30 1.39
C LEU B 169 -42.80 23.91 1.56
N CYS B 170 -41.95 22.90 1.41
CA CYS B 170 -42.33 21.52 1.60
C CYS B 170 -41.33 20.89 2.56
N PHE B 171 -41.84 20.18 3.55
CA PHE B 171 -41.03 19.29 4.36
C PHE B 171 -41.21 17.87 3.88
N GLY B 172 -40.14 17.09 3.94
CA GLY B 172 -40.28 15.66 3.75
C GLY B 172 -39.15 14.90 4.40
N THR B 173 -39.47 13.70 4.90
CA THR B 173 -38.43 12.69 5.01
C THR B 173 -38.06 12.25 3.58
N VAL B 174 -37.06 11.37 3.46
CA VAL B 174 -36.48 11.08 2.15
C VAL B 174 -37.52 10.47 1.20
N ASP B 175 -38.40 9.62 1.73
CA ASP B 175 -39.46 9.02 0.92
C ASP B 175 -40.28 10.10 0.20
N THR B 176 -40.73 11.11 0.96
CA THR B 176 -41.53 12.19 0.39
C THR B 176 -40.75 12.96 -0.67
N TRP B 177 -39.47 13.24 -0.38
CA TRP B 177 -38.62 13.91 -1.34
C TRP B 177 -38.53 13.11 -2.64
N LEU B 178 -38.23 11.81 -2.53
CA LEU B 178 -38.12 11.00 -3.75
C LEU B 178 -39.44 10.93 -4.49
N ILE B 179 -40.55 10.75 -3.78
CA ILE B 179 -41.84 10.65 -4.47
C ILE B 179 -42.20 11.98 -5.10
N TRP B 180 -41.84 13.08 -4.44
CA TRP B 180 -42.03 14.38 -5.07
C TRP B 180 -41.28 14.46 -6.40
N LYS B 181 -40.00 14.11 -6.39
CA LYS B 181 -39.21 14.16 -7.62
C LYS B 181 -39.70 13.18 -8.66
N LEU B 182 -40.19 12.01 -8.23
CA LEU B 182 -40.69 11.00 -9.16
C LEU B 182 -41.99 11.41 -9.84
N THR B 183 -42.79 12.28 -9.22
CA THR B 183 -44.10 12.65 -9.75
C THR B 183 -44.15 14.09 -10.24
N ARG B 184 -42.99 14.74 -10.41
CA ARG B 184 -42.93 16.13 -10.83
C ARG B 184 -43.70 17.04 -9.88
N GLY B 185 -43.73 16.67 -8.60
CA GLY B 185 -44.47 17.42 -7.61
C GLY B 185 -45.95 17.13 -7.53
N LYS B 186 -46.44 16.14 -8.27
CA LYS B 186 -47.87 15.85 -8.26
C LYS B 186 -48.31 15.01 -7.06
N MET B 187 -47.37 14.34 -6.39
CA MET B 187 -47.68 13.54 -5.20
C MET B 187 -46.75 13.96 -4.07
N PHE B 188 -47.33 14.48 -2.99
CA PHE B 188 -46.62 15.00 -1.83
C PHE B 188 -47.10 14.19 -0.62
N ILE B 189 -46.47 13.03 -0.38
CA ILE B 189 -47.00 12.04 0.55
C ILE B 189 -45.89 11.40 1.36
N THR B 190 -46.30 10.76 2.45
CA THR B 190 -45.43 9.90 3.25
C THR B 190 -46.30 8.76 3.78
N ASP B 191 -45.69 7.78 4.41
CA ASP B 191 -46.48 6.73 5.04
C ASP B 191 -46.44 6.89 6.55
N VAL B 192 -47.25 6.07 7.23
CA VAL B 192 -47.37 6.18 8.69
C VAL B 192 -46.05 5.85 9.37
N SER B 193 -45.27 4.93 8.82
CA SER B 193 -44.05 4.54 9.51
C SER B 193 -43.01 5.66 9.44
N ASN B 194 -42.78 6.22 8.25
CA ASN B 194 -41.89 7.37 8.14
C ASN B 194 -42.40 8.55 8.95
N ALA B 195 -43.72 8.83 8.88
CA ALA B 195 -44.27 9.97 9.61
C ALA B 195 -44.00 9.86 11.10
N SER B 196 -44.14 8.66 11.67
CA SER B 196 -43.99 8.46 13.11
C SER B 196 -42.59 8.81 13.62
N ARG B 197 -41.61 8.96 12.72
CA ARG B 197 -40.24 9.24 13.10
C ARG B 197 -39.94 10.74 13.17
N THR B 198 -40.90 11.59 12.82
CA THR B 198 -40.67 13.02 12.72
C THR B 198 -40.80 13.75 14.04
N MET B 199 -41.38 13.12 15.07
CA MET B 199 -41.75 13.76 16.33
C MET B 199 -42.83 14.83 16.12
N MET B 200 -43.48 14.83 14.96
CA MET B 200 -44.60 15.70 14.68
C MET B 200 -45.87 14.90 14.43
N PHE B 201 -45.79 13.59 14.53
CA PHE B 201 -46.90 12.69 14.18
C PHE B 201 -47.30 11.92 15.42
N ASN B 202 -48.54 12.12 15.86
CA ASN B 202 -49.08 11.45 17.03
C ASN B 202 -49.42 10.03 16.66
N ILE B 203 -48.72 9.06 17.27
CA ILE B 203 -48.94 7.67 16.86
C ILE B 203 -50.18 7.06 17.50
N ARG B 204 -50.83 7.77 18.42
CA ARG B 204 -52.08 7.26 19.00
C ARG B 204 -53.27 7.71 18.18
N THR B 205 -53.32 9.00 17.81
CA THR B 205 -54.37 9.48 16.92
C THR B 205 -54.02 9.26 15.45
N MET B 206 -52.78 8.89 15.15
CA MET B 206 -52.33 8.66 13.77
C MET B 206 -52.61 9.89 12.91
N ASP B 207 -52.13 11.03 13.37
CA ASP B 207 -52.35 12.31 12.70
C ASP B 207 -51.21 13.22 13.12
N TRP B 208 -50.86 14.18 12.24
CA TRP B 208 -49.98 15.27 12.66
C TRP B 208 -50.57 15.94 13.90
N ASP B 209 -49.72 16.28 14.86
CA ASP B 209 -50.18 16.74 16.17
C ASP B 209 -50.03 18.26 16.26
N ASP B 210 -51.17 18.97 16.23
CA ASP B 210 -51.15 20.42 16.26
C ASP B 210 -50.49 20.99 17.51
N ASP B 211 -50.57 20.27 18.64
CA ASP B 211 -49.85 20.72 19.84
C ASP B 211 -48.34 20.63 19.63
N LEU B 212 -47.87 19.54 19.03
CA LEU B 212 -46.44 19.42 18.75
C LEU B 212 -45.99 20.41 17.69
N LEU B 213 -46.81 20.61 16.65
CA LEU B 213 -46.49 21.63 15.65
C LEU B 213 -46.38 23.01 16.30
N LYS B 214 -47.26 23.29 17.27
CA LYS B 214 -47.17 24.57 17.98
C LYS B 214 -45.89 24.65 18.82
N LEU B 215 -45.53 23.57 19.50
CA LEU B 215 -44.32 23.57 20.31
C LEU B 215 -43.09 23.87 19.46
N PHE B 216 -42.99 23.20 18.30
CA PHE B 216 -41.84 23.34 17.41
C PHE B 216 -41.98 24.52 16.46
N ASN B 217 -43.07 25.29 16.52
CA ASN B 217 -43.33 26.42 15.63
C ASN B 217 -43.17 26.00 14.16
N ILE B 218 -43.96 25.00 13.78
CA ILE B 218 -43.97 24.45 12.44
CA ILE B 218 -43.97 24.47 12.43
C ILE B 218 -45.37 24.64 11.87
N PRO B 219 -45.53 25.29 10.71
CA PRO B 219 -46.88 25.44 10.13
C PRO B 219 -47.32 24.14 9.48
N ARG B 220 -48.56 23.75 9.74
CA ARG B 220 -49.05 22.46 9.27
C ARG B 220 -49.02 22.36 7.75
N ALA B 221 -49.13 23.50 7.06
CA ALA B 221 -49.19 23.46 5.60
C ALA B 221 -47.90 22.92 4.98
N ILE B 222 -46.79 22.93 5.72
CA ILE B 222 -45.52 22.43 5.18
C ILE B 222 -45.45 20.92 5.14
N LEU B 223 -46.45 20.19 5.75
CA LEU B 223 -46.37 18.74 5.93
C LEU B 223 -47.02 18.00 4.77
N PRO B 224 -46.56 16.78 4.48
CA PRO B 224 -47.20 15.96 3.46
C PRO B 224 -48.43 15.24 4.01
N GLU B 225 -49.19 14.67 3.09
CA GLU B 225 -50.31 13.79 3.45
C GLU B 225 -49.77 12.43 3.86
N VAL B 226 -50.25 11.92 4.99
CA VAL B 226 -49.83 10.60 5.48
C VAL B 226 -50.73 9.54 4.85
N LYS B 227 -50.12 8.52 4.27
CA LYS B 227 -50.84 7.44 3.62
C LYS B 227 -50.42 6.12 4.25
N GLN B 228 -51.11 5.03 3.90
CA GLN B 228 -50.68 3.75 4.43
C GLN B 228 -49.46 3.26 3.66
N SER B 229 -48.85 2.19 4.19
CA SER B 229 -47.56 1.70 3.73
C SER B 229 -47.65 0.85 2.47
N SER B 230 -48.85 0.38 2.13
CA SER B 230 -49.04 -0.46 0.96
C SER B 230 -50.34 -0.02 0.30
N GLU B 231 -50.23 0.64 -0.86
CA GLU B 231 -51.39 1.18 -1.58
C GLU B 231 -50.96 1.81 -2.90
N VAL B 232 -51.74 1.64 -3.97
CA VAL B 232 -51.41 2.29 -5.23
C VAL B 232 -51.67 3.79 -5.09
N TYR B 233 -50.63 4.56 -4.77
CA TYR B 233 -50.79 6.00 -4.56
C TYR B 233 -50.91 6.75 -5.88
N GLY B 234 -50.35 6.21 -6.95
CA GLY B 234 -50.29 6.90 -8.22
C GLY B 234 -49.17 6.33 -9.06
N GLU B 235 -48.93 6.99 -10.19
CA GLU B 235 -47.92 6.57 -11.16
C GLU B 235 -46.77 7.56 -11.18
N THR B 236 -45.59 7.08 -11.58
CA THR B 236 -44.47 7.97 -11.82
C THR B 236 -44.75 8.88 -13.02
N SER B 237 -44.20 10.10 -12.96
CA SER B 237 -44.25 11.01 -14.09
C SER B 237 -43.19 12.10 -13.93
N THR B 238 -41.92 11.69 -13.80
CA THR B 238 -40.84 12.67 -13.68
C THR B 238 -40.91 13.70 -14.80
N THR B 239 -41.22 13.24 -16.01
CA THR B 239 -41.45 14.12 -17.15
C THR B 239 -42.95 14.18 -17.47
N SER B 242 -42.88 10.62 -19.70
CA SER B 242 -42.10 9.66 -18.93
C SER B 242 -42.93 8.42 -18.58
N THR B 243 -42.25 7.35 -18.18
CA THR B 243 -42.89 6.06 -17.99
C THR B 243 -43.83 6.09 -16.79
N LYS B 244 -45.00 5.46 -16.94
CA LYS B 244 -46.02 5.41 -15.90
C LYS B 244 -45.93 4.06 -15.21
N ILE B 245 -45.24 4.03 -14.07
CA ILE B 245 -45.07 2.83 -13.25
C ILE B 245 -45.76 3.10 -11.93
N PRO B 246 -46.60 2.19 -11.43
CA PRO B 246 -47.31 2.47 -10.18
C PRO B 246 -46.37 2.46 -8.97
N ILE B 247 -46.45 3.52 -8.18
CA ILE B 247 -45.79 3.56 -6.88
C ILE B 247 -46.79 3.04 -5.85
N ALA B 248 -46.47 1.91 -5.22
CA ALA B 248 -47.46 1.19 -4.44
C ALA B 248 -47.02 0.79 -3.04
N GLY B 249 -45.82 1.17 -2.60
CA GLY B 249 -45.35 0.85 -1.26
C GLY B 249 -44.40 1.90 -0.73
N ILE B 250 -44.55 2.25 0.55
CA ILE B 250 -43.67 3.16 1.26
C ILE B 250 -43.45 2.64 2.67
N ALA B 251 -42.21 2.71 3.16
CA ALA B 251 -41.93 2.38 4.55
C ALA B 251 -40.55 2.87 4.90
N GLY B 252 -40.39 3.30 6.16
CA GLY B 252 -39.06 3.54 6.66
C GLY B 252 -38.22 2.28 6.53
N ASP B 253 -36.91 2.46 6.34
CA ASP B 253 -36.10 1.31 5.94
C ASP B 253 -36.10 0.21 7.00
N GLN B 254 -36.05 0.60 8.27
CA GLN B 254 -35.98 -0.42 9.31
C GLN B 254 -37.31 -1.14 9.51
N GLN B 255 -38.44 -0.45 9.31
CA GLN B 255 -39.72 -1.15 9.32
C GLN B 255 -39.84 -2.09 8.13
N ALA B 256 -39.36 -1.65 6.96
CA ALA B 256 -39.41 -2.51 5.77
C ALA B 256 -38.55 -3.75 5.98
N ALA B 257 -37.41 -3.62 6.65
CA ALA B 257 -36.63 -4.80 6.99
C ALA B 257 -37.45 -5.75 7.87
N LEU B 258 -38.15 -5.21 8.86
CA LEU B 258 -39.01 -6.04 9.70
C LEU B 258 -40.07 -6.75 8.86
N PHE B 259 -40.71 -6.01 7.94
CA PHE B 259 -41.67 -6.64 7.04
C PHE B 259 -40.99 -7.67 6.15
N GLY B 260 -39.77 -7.37 5.70
CA GLY B 260 -39.06 -8.30 4.83
C GLY B 260 -38.60 -9.57 5.53
N GLN B 261 -38.42 -9.50 6.85
CA GLN B 261 -38.09 -10.66 7.67
C GLN B 261 -39.31 -11.46 8.10
N MET B 262 -40.47 -11.21 7.50
CA MET B 262 -41.72 -11.93 7.79
C MET B 262 -42.20 -11.72 9.23
N CYS B 263 -41.68 -10.71 9.93
CA CYS B 263 -42.04 -10.48 11.34
C CYS B 263 -43.36 -9.73 11.40
N THR B 264 -44.42 -10.41 10.99
CA THR B 264 -45.76 -9.84 10.90
C THR B 264 -46.69 -10.35 12.00
N LYS B 265 -46.15 -11.04 13.01
CA LYS B 265 -46.93 -11.49 14.16
C LYS B 265 -46.33 -10.92 15.44
N PRO B 266 -47.14 -10.71 16.48
CA PRO B 266 -46.64 -10.04 17.69
C PRO B 266 -45.53 -10.83 18.38
N GLY B 267 -44.43 -10.13 18.67
CA GLY B 267 -43.31 -10.74 19.36
C GLY B 267 -42.14 -11.13 18.47
N MET B 268 -42.31 -11.05 17.15
CA MET B 268 -41.24 -11.40 16.23
C MET B 268 -40.25 -10.26 16.10
N VAL B 269 -38.96 -10.59 15.96
CA VAL B 269 -37.88 -9.63 16.12
C VAL B 269 -36.82 -9.87 15.04
N LYS B 270 -36.20 -8.78 14.58
CA LYS B 270 -35.02 -8.85 13.74
C LYS B 270 -34.06 -7.73 14.13
N ASN B 271 -32.79 -7.90 13.80
CA ASN B 271 -31.81 -6.82 13.88
C ASN B 271 -31.14 -6.64 12.52
N THR B 272 -31.07 -5.40 12.07
CA THR B 272 -30.37 -5.04 10.85
C THR B 272 -28.99 -4.48 11.18
N TYR B 273 -27.99 -4.94 10.45
CA TYR B 273 -26.61 -4.46 10.55
C TYR B 273 -26.32 -3.69 9.27
N GLY B 274 -26.62 -2.39 9.30
CA GLY B 274 -26.40 -1.55 8.14
C GLY B 274 -25.51 -0.38 8.53
N THR B 275 -25.82 0.82 8.06
CA THR B 275 -25.07 1.99 8.47
C THR B 275 -25.09 2.11 9.98
N GLY B 276 -26.29 2.06 10.58
CA GLY B 276 -26.46 1.82 12.00
C GLY B 276 -26.91 0.39 12.25
N CYS B 277 -27.36 0.14 13.49
CA CYS B 277 -27.91 -1.16 13.88
C CYS B 277 -29.27 -0.93 14.53
N PHE B 278 -30.29 -1.65 14.04
CA PHE B 278 -31.67 -1.40 14.45
C PHE B 278 -32.40 -2.70 14.75
N LEU B 279 -32.83 -2.83 15.99
CA LEU B 279 -33.59 -3.97 16.48
C LEU B 279 -35.05 -3.55 16.59
N LEU B 280 -35.94 -4.27 15.91
CA LEU B 280 -37.36 -3.97 15.96
C LEU B 280 -38.13 -5.23 16.29
N MET B 281 -39.08 -5.10 17.23
CA MET B 281 -40.03 -6.16 17.57
C MET B 281 -41.43 -5.71 17.18
N ASN B 282 -42.17 -6.59 16.50
CA ASN B 282 -43.58 -6.32 16.19
C ASN B 282 -44.41 -6.42 17.46
N THR B 283 -45.23 -5.42 17.74
CA THR B 283 -46.12 -5.46 18.90
C THR B 283 -47.60 -5.44 18.52
N GLY B 284 -47.93 -5.93 17.32
CA GLY B 284 -49.34 -6.02 16.96
C GLY B 284 -49.98 -4.65 16.89
N ASN B 285 -51.24 -4.56 17.31
CA ASN B 285 -51.95 -3.29 17.27
C ASN B 285 -51.86 -2.51 18.58
N GLU B 286 -50.92 -2.86 19.46
CA GLU B 286 -50.73 -2.13 20.71
C GLU B 286 -49.40 -1.36 20.67
N ALA B 287 -49.48 -0.05 20.85
CA ALA B 287 -48.29 0.76 21.08
C ALA B 287 -47.77 0.47 22.49
N VAL B 288 -46.62 -0.19 22.58
CA VAL B 288 -46.01 -0.53 23.86
C VAL B 288 -44.95 0.50 24.19
N TYR B 289 -45.08 1.12 25.36
CA TYR B 289 -44.12 2.10 25.84
C TYR B 289 -43.02 1.40 26.62
N SER B 290 -41.78 1.80 26.34
CA SER B 290 -40.63 1.11 26.91
C SER B 290 -40.39 1.54 28.35
N LYS B 291 -39.90 0.60 29.14
CA LYS B 291 -39.32 0.88 30.43
C LYS B 291 -37.80 0.77 30.40
N ASN B 292 -37.22 0.59 29.21
CA ASN B 292 -35.81 0.25 29.10
C ASN B 292 -35.15 1.03 27.96
N ASN B 293 -35.59 2.27 27.75
CA ASN B 293 -34.92 3.26 26.90
C ASN B 293 -35.05 2.94 25.40
N LEU B 294 -36.07 2.20 25.02
CA LEU B 294 -36.33 1.92 23.61
C LEU B 294 -37.44 2.84 23.09
N LEU B 295 -37.62 2.84 21.77
CA LEU B 295 -38.60 3.71 21.12
C LEU B 295 -39.88 2.95 20.84
N THR B 296 -41.01 3.65 20.93
CA THR B 296 -42.28 3.16 20.43
C THR B 296 -42.54 3.78 19.06
N THR B 297 -42.89 2.95 18.08
CA THR B 297 -42.96 3.45 16.71
C THR B 297 -44.04 2.66 15.97
N VAL B 298 -44.39 3.17 14.79
CA VAL B 298 -45.35 2.51 13.91
C VAL B 298 -44.58 1.56 12.99
N ALA B 299 -45.08 0.33 12.86
CA ALA B 299 -44.47 -0.64 11.96
C ALA B 299 -44.88 -0.39 10.52
N TRP B 300 -46.19 -0.44 10.26
CA TRP B 300 -46.74 -0.22 8.92
C TRP B 300 -48.26 -0.06 9.06
N LYS B 301 -48.89 0.30 7.96
CA LYS B 301 -50.34 0.23 7.81
C LYS B 301 -50.63 -0.44 6.48
N ILE B 302 -51.31 -1.59 6.55
CA ILE B 302 -51.70 -2.38 5.39
C ILE B 302 -53.13 -2.84 5.60
N ASN B 303 -53.93 -2.80 4.53
CA ASN B 303 -55.35 -3.15 4.58
C ASN B 303 -56.06 -2.41 5.71
N GLY B 304 -55.71 -1.14 5.87
CA GLY B 304 -56.32 -0.32 6.91
C GLY B 304 -55.97 -0.67 8.34
N GLU B 305 -55.04 -1.59 8.58
CA GLU B 305 -54.71 -2.04 9.92
C GLU B 305 -53.30 -1.58 10.30
N VAL B 306 -53.19 -0.92 11.45
CA VAL B 306 -51.93 -0.37 11.93
C VAL B 306 -51.24 -1.40 12.80
N SER B 307 -49.94 -1.60 12.57
CA SER B 307 -49.11 -2.40 13.45
C SER B 307 -48.01 -1.53 14.04
N TYR B 308 -47.63 -1.85 15.27
CA TYR B 308 -46.66 -1.08 16.04
C TYR B 308 -45.40 -1.89 16.30
N ALA B 309 -44.36 -1.19 16.76
CA ALA B 309 -43.10 -1.84 17.08
C ALA B 309 -42.43 -1.14 18.26
N LEU B 310 -41.55 -1.88 18.93
CA LEU B 310 -40.53 -1.34 19.84
C LEU B 310 -39.20 -1.38 19.12
N GLU B 311 -38.36 -0.37 19.32
CA GLU B 311 -37.13 -0.26 18.55
C GLU B 311 -35.94 0.13 19.41
N GLY B 312 -34.82 -0.57 19.20
CA GLY B 312 -33.52 -0.14 19.68
C GLY B 312 -32.70 0.38 18.51
N SER B 313 -32.13 1.57 18.68
CA SER B 313 -31.51 2.31 17.60
C SER B 313 -30.05 2.58 17.93
N VAL B 314 -29.16 2.02 17.13
CA VAL B 314 -27.72 2.19 17.30
C VAL B 314 -27.23 3.01 16.10
N PHE B 315 -26.64 4.18 16.37
CA PHE B 315 -26.37 5.15 15.30
C PHE B 315 -25.25 4.70 14.36
N VAL B 316 -24.20 4.08 14.88
CA VAL B 316 -23.03 3.78 14.05
C VAL B 316 -22.71 2.31 14.23
N GLY B 317 -23.00 1.51 13.22
CA GLY B 317 -22.67 0.10 13.22
C GLY B 317 -21.70 -0.17 12.10
N GLY B 318 -22.22 -0.52 10.93
CA GLY B 318 -21.39 -0.64 9.77
C GLY B 318 -20.66 0.63 9.40
N ALA B 319 -21.20 1.80 9.80
CA ALA B 319 -20.48 3.04 9.52
C ALA B 319 -19.14 3.10 10.25
N ALA B 320 -18.95 2.32 11.31
CA ALA B 320 -17.63 2.26 11.93
C ALA B 320 -16.65 1.53 11.02
N ILE B 321 -17.12 0.55 10.26
CA ILE B 321 -16.26 -0.09 9.27
C ILE B 321 -15.94 0.87 8.13
N GLN B 322 -16.93 1.63 7.68
CA GLN B 322 -16.67 2.66 6.67
C GLN B 322 -15.66 3.68 7.18
N TRP B 323 -15.69 3.97 8.50
CA TRP B 323 -14.67 4.85 9.06
C TRP B 323 -13.28 4.22 9.02
N LEU B 324 -13.16 2.90 9.24
CA LEU B 324 -11.85 2.28 9.10
C LEU B 324 -11.34 2.39 7.67
N ARG B 325 -12.26 2.37 6.72
CA ARG B 325 -11.92 2.40 5.30
C ARG B 325 -11.54 3.81 4.85
N ASP B 326 -12.43 4.78 5.09
CA ASP B 326 -12.28 6.13 4.53
C ASP B 326 -11.53 7.08 5.45
N GLY B 327 -11.68 6.94 6.77
CA GLY B 327 -11.04 7.86 7.68
C GLY B 327 -9.65 7.38 8.06
N LEU B 328 -9.61 6.28 8.83
CA LEU B 328 -8.35 5.72 9.31
C LEU B 328 -7.57 5.08 8.16
N LYS B 329 -8.28 4.58 7.15
CA LYS B 329 -7.68 3.99 5.96
C LYS B 329 -6.78 2.80 6.32
N ILE B 330 -7.24 1.97 7.27
CA ILE B 330 -6.53 0.71 7.56
C ILE B 330 -7.12 -0.48 6.82
N ILE B 331 -8.22 -0.29 6.09
CA ILE B 331 -8.67 -1.25 5.09
C ILE B 331 -9.00 -0.47 3.83
N HIS B 332 -8.95 -1.18 2.70
CA HIS B 332 -9.27 -0.61 1.40
C HIS B 332 -10.73 -0.85 1.00
N ASP B 333 -11.34 -1.91 1.51
CA ASP B 333 -12.72 -2.25 1.24
C ASP B 333 -13.36 -2.79 2.51
N SER B 334 -14.67 -2.55 2.64
CA SER B 334 -15.41 -2.92 3.84
C SER B 334 -15.22 -4.40 4.17
N SER B 335 -15.19 -5.25 3.15
CA SER B 335 -15.09 -6.69 3.36
C SER B 335 -13.76 -7.11 3.99
N GLU B 336 -12.74 -6.25 3.96
CA GLU B 336 -11.47 -6.64 4.55
C GLU B 336 -11.43 -6.51 6.07
N VAL B 337 -12.45 -5.89 6.70
CA VAL B 337 -12.40 -5.71 8.14
C VAL B 337 -12.33 -7.06 8.85
N SER B 338 -13.05 -8.06 8.32
CA SER B 338 -13.03 -9.38 8.95
C SER B 338 -11.67 -10.05 8.80
N THR B 339 -11.09 -9.96 7.61
CA THR B 339 -9.76 -10.52 7.39
C THR B 339 -8.73 -9.87 8.29
N LEU B 340 -8.78 -8.54 8.42
CA LEU B 340 -7.80 -7.85 9.25
C LEU B 340 -7.99 -8.20 10.72
N ALA B 341 -9.24 -8.24 11.18
CA ALA B 341 -9.56 -8.65 12.55
C ALA B 341 -9.01 -10.05 12.85
N GLU B 342 -8.98 -10.92 11.85
CA GLU B 342 -8.54 -12.29 12.11
C GLU B 342 -7.02 -12.43 12.15
N THR B 343 -6.26 -11.35 11.90
CA THR B 343 -4.81 -11.42 12.10
C THR B 343 -4.43 -11.45 13.58
N VAL B 344 -5.39 -11.25 14.49
CA VAL B 344 -5.16 -11.27 15.93
C VAL B 344 -6.17 -12.24 16.54
N GLU B 345 -5.81 -12.74 17.73
CA GLU B 345 -6.61 -13.78 18.38
C GLU B 345 -7.79 -13.20 19.15
N ASP B 346 -7.67 -11.96 19.62
CA ASP B 346 -8.73 -11.35 20.43
C ASP B 346 -8.58 -9.84 20.31
N ASN B 347 -9.30 -9.10 21.14
CA ASN B 347 -9.25 -7.66 21.00
C ASN B 347 -7.98 -7.06 21.59
N GLY B 348 -7.12 -7.89 22.20
CA GLY B 348 -5.86 -7.40 22.73
C GLY B 348 -6.01 -6.35 23.80
N GLY B 349 -7.17 -6.31 24.46
CA GLY B 349 -7.46 -5.32 25.47
C GLY B 349 -8.05 -4.03 24.95
N VAL B 350 -8.20 -3.88 23.63
CA VAL B 350 -8.73 -2.66 23.02
C VAL B 350 -10.25 -2.74 22.93
N TYR B 351 -10.90 -1.63 23.26
CA TYR B 351 -12.34 -1.44 23.14
C TYR B 351 -12.60 -0.15 22.36
N PHE B 352 -13.59 -0.19 21.47
CA PHE B 352 -13.92 0.92 20.58
C PHE B 352 -15.41 1.19 20.72
N VAL B 353 -15.78 2.28 21.40
CA VAL B 353 -17.16 2.75 21.45
C VAL B 353 -17.38 3.62 20.21
N PRO B 354 -18.10 3.17 19.21
CA PRO B 354 -18.25 3.91 17.95
C PRO B 354 -19.30 5.02 18.01
N ALA B 355 -19.20 5.88 19.04
CA ALA B 355 -20.15 6.98 19.21
C ALA B 355 -19.77 8.14 18.30
N LEU B 356 -19.52 7.84 17.02
CA LEU B 356 -19.07 8.89 16.12
C LEU B 356 -20.16 9.93 15.89
N THR B 357 -21.42 9.59 16.12
CA THR B 357 -22.51 10.57 16.07
C THR B 357 -23.32 10.55 17.36
N GLY B 358 -22.64 10.38 18.49
CA GLY B 358 -23.35 10.27 19.76
C GLY B 358 -23.76 8.84 20.02
N LEU B 359 -24.51 8.63 21.10
CA LEU B 359 -24.99 7.30 21.45
C LEU B 359 -26.51 7.31 21.42
N GLY B 360 -27.07 6.34 20.69
CA GLY B 360 -28.50 6.12 20.73
C GLY B 360 -28.90 5.19 21.85
N ALA B 361 -29.86 4.30 21.60
CA ALA B 361 -30.40 3.50 22.69
C ALA B 361 -29.38 2.48 23.16
N PRO B 362 -29.37 2.15 24.46
CA PRO B 362 -30.22 2.68 25.54
C PRO B 362 -29.65 3.90 26.26
N TYR B 363 -28.54 4.45 25.75
CA TYR B 363 -27.79 5.51 26.42
C TYR B 363 -28.35 6.90 26.15
N TRP B 364 -28.73 7.18 24.90
CA TRP B 364 -29.23 8.49 24.47
C TRP B 364 -28.36 9.63 25.00
N ASP B 365 -27.08 9.57 24.66
CA ASP B 365 -26.10 10.59 25.05
C ASP B 365 -25.66 11.30 23.76
N GLN B 366 -26.31 12.43 23.47
CA GLN B 366 -25.97 13.19 22.28
C GLN B 366 -24.54 13.72 22.29
N TYR B 367 -23.83 13.62 23.42
CA TYR B 367 -22.55 14.27 23.60
C TYR B 367 -21.39 13.29 23.70
N ALA B 368 -21.68 11.99 23.69
CA ALA B 368 -20.65 10.97 23.58
C ALA B 368 -20.02 11.01 22.20
N ARG B 369 -18.73 10.68 22.13
CA ARG B 369 -18.03 10.62 20.85
C ARG B 369 -17.15 9.38 20.80
N GLY B 370 -16.68 9.08 19.58
CA GLY B 370 -15.88 7.90 19.32
C GLY B 370 -14.69 7.77 20.23
N THR B 371 -14.54 6.61 20.85
CA THR B 371 -13.53 6.42 21.89
C THR B 371 -12.89 5.06 21.72
N ILE B 372 -11.57 5.05 21.57
CA ILE B 372 -10.80 3.82 21.54
C ILE B 372 -9.90 3.82 22.78
N ILE B 373 -9.97 2.77 23.57
CA ILE B 373 -9.31 2.78 24.87
C ILE B 373 -8.70 1.41 25.14
N GLY B 374 -7.59 1.40 25.87
CA GLY B 374 -6.87 0.19 26.18
C GLY B 374 -5.68 -0.09 25.29
N VAL B 375 -5.25 0.88 24.47
CA VAL B 375 -4.16 0.67 23.53
C VAL B 375 -2.84 0.55 24.29
N THR B 376 -1.99 -0.40 23.88
CA THR B 376 -0.63 -0.57 24.38
C THR B 376 0.34 -0.61 23.19
N ARG B 377 1.63 -0.83 23.47
CA ARG B 377 2.63 -0.72 22.41
C ARG B 377 2.53 -1.87 21.41
N GLY B 378 2.03 -3.02 21.84
CA GLY B 378 1.84 -4.13 20.92
C GLY B 378 0.49 -4.15 20.21
N THR B 379 -0.37 -3.17 20.45
CA THR B 379 -1.64 -3.07 19.73
C THR B 379 -1.42 -2.80 18.25
N THR B 380 -2.17 -3.51 17.40
CA THR B 380 -2.03 -3.40 15.95
C THR B 380 -3.35 -3.01 15.29
N ASP B 381 -3.28 -2.75 13.98
CA ASP B 381 -4.48 -2.48 13.19
C ASP B 381 -5.44 -3.66 13.23
N GLY B 382 -4.93 -4.88 13.40
CA GLY B 382 -5.81 -6.02 13.56
C GLY B 382 -6.66 -5.91 14.81
N HIS B 383 -6.04 -5.51 15.93
CA HIS B 383 -6.83 -5.29 17.14
C HIS B 383 -7.87 -4.21 16.94
N ILE B 384 -7.55 -3.19 16.14
CA ILE B 384 -8.50 -2.11 15.90
C ILE B 384 -9.70 -2.62 15.10
N ALA B 385 -9.45 -3.44 14.07
CA ALA B 385 -10.57 -3.99 13.29
C ALA B 385 -11.40 -4.94 14.14
N ARG B 386 -10.75 -5.71 14.99
CA ARG B 386 -11.46 -6.66 15.83
C ARG B 386 -12.31 -5.91 16.86
N ALA B 387 -11.78 -4.82 17.43
CA ALA B 387 -12.54 -4.03 18.40
C ALA B 387 -13.67 -3.24 17.75
N THR B 388 -13.51 -2.91 16.46
CA THR B 388 -14.61 -2.31 15.70
C THR B 388 -15.77 -3.29 15.55
N LEU B 389 -15.48 -4.53 15.17
CA LEU B 389 -16.53 -5.54 15.09
C LEU B 389 -17.15 -5.80 16.45
N GLU B 390 -16.33 -5.89 17.50
CA GLU B 390 -16.89 -6.10 18.84
C GLU B 390 -17.72 -4.91 19.28
N GLY B 391 -17.28 -3.69 18.98
CA GLY B 391 -18.08 -2.52 19.34
C GLY B 391 -19.44 -2.51 18.67
N ILE B 392 -19.52 -2.99 17.42
CA ILE B 392 -20.80 -3.17 16.76
C ILE B 392 -21.65 -4.18 17.53
N ALA B 393 -21.06 -5.34 17.83
CA ALA B 393 -21.81 -6.39 18.53
C ALA B 393 -22.12 -6.01 19.98
N PHE B 394 -21.23 -5.23 20.63
CA PHE B 394 -21.55 -4.80 21.99
C PHE B 394 -22.77 -3.88 22.01
N GLN B 395 -22.86 -2.99 21.02
CA GLN B 395 -23.98 -2.07 20.97
C GLN B 395 -25.29 -2.81 20.73
N VAL B 396 -25.28 -3.80 19.84
CA VAL B 396 -26.49 -4.58 19.62
C VAL B 396 -26.83 -5.38 20.86
N TYR B 397 -25.81 -5.90 21.54
CA TYR B 397 -26.02 -6.61 22.81
C TYR B 397 -26.84 -5.75 23.76
N ASP B 398 -26.50 -4.46 23.88
CA ASP B 398 -27.17 -3.59 24.84
C ASP B 398 -28.64 -3.37 24.50
N ILE B 399 -28.96 -3.20 23.22
CA ILE B 399 -30.37 -2.97 22.88
C ILE B 399 -31.16 -4.26 22.94
N VAL B 400 -30.51 -5.41 22.76
CA VAL B 400 -31.21 -6.69 22.95
C VAL B 400 -31.49 -6.91 24.43
N LYS B 401 -30.53 -6.57 25.30
CA LYS B 401 -30.81 -6.71 26.73
C LYS B 401 -31.89 -5.73 27.19
N ALA B 402 -31.99 -4.56 26.55
CA ALA B 402 -33.10 -3.67 26.84
C ALA B 402 -34.42 -4.26 26.38
N MET B 403 -34.45 -4.84 25.18
CA MET B 403 -35.70 -5.34 24.62
C MET B 403 -36.18 -6.57 25.37
N GLU B 404 -35.26 -7.43 25.79
CA GLU B 404 -35.66 -8.62 26.55
C GLU B 404 -36.38 -8.21 27.84
N ALA B 405 -35.95 -7.12 28.47
CA ALA B 405 -36.61 -6.67 29.69
C ALA B 405 -38.00 -6.09 29.38
N ASP B 406 -38.09 -5.24 28.36
CA ASP B 406 -39.39 -4.75 27.92
C ASP B 406 -40.35 -5.89 27.62
N ALA B 407 -39.84 -6.96 26.99
CA ALA B 407 -40.67 -8.12 26.68
C ALA B 407 -40.80 -9.08 27.86
N GLU B 408 -39.94 -8.95 28.87
CA GLU B 408 -39.90 -9.87 30.00
C GLU B 408 -39.70 -11.31 29.51
N THR B 409 -38.88 -11.47 28.48
CA THR B 409 -38.60 -12.76 27.87
C THR B 409 -37.13 -12.87 27.56
N GLN B 410 -36.56 -14.06 27.78
CA GLN B 410 -35.19 -14.36 27.39
C GLN B 410 -35.19 -14.92 25.97
N SER B 411 -34.34 -14.36 25.12
CA SER B 411 -34.29 -14.77 23.73
C SER B 411 -33.47 -16.06 23.55
N THR B 412 -33.87 -16.86 22.56
CA THR B 412 -33.12 -18.05 22.18
C THR B 412 -32.58 -17.97 20.75
N GLU B 413 -32.91 -16.92 20.01
CA GLU B 413 -32.45 -16.76 18.63
C GLU B 413 -32.65 -15.31 18.21
N LEU B 414 -32.01 -14.94 17.10
CA LEU B 414 -32.15 -13.59 16.56
C LEU B 414 -31.96 -13.66 15.05
N ARG B 415 -32.95 -13.17 14.31
CA ARG B 415 -32.86 -13.06 12.86
C ARG B 415 -32.15 -11.77 12.51
N VAL B 416 -31.22 -11.83 11.57
CA VAL B 416 -30.37 -10.69 11.26
C VAL B 416 -30.33 -10.49 9.75
N ASP B 417 -29.89 -9.30 9.35
CA ASP B 417 -29.78 -8.93 7.94
C ASP B 417 -28.92 -7.67 7.85
N GLY B 418 -28.83 -7.11 6.64
CA GLY B 418 -28.06 -5.91 6.39
C GLY B 418 -26.64 -6.21 5.95
N GLY B 419 -25.99 -5.18 5.41
CA GLY B 419 -24.71 -5.39 4.74
C GLY B 419 -23.61 -5.88 5.65
N ALA B 420 -23.59 -5.42 6.90
CA ALA B 420 -22.55 -5.89 7.80
C ALA B 420 -22.85 -7.29 8.34
N SER B 421 -24.05 -7.81 8.12
CA SER B 421 -24.32 -9.16 8.59
C SER B 421 -23.64 -10.21 7.73
N ALA B 422 -23.09 -9.82 6.58
CA ALA B 422 -22.32 -10.74 5.73
C ALA B 422 -21.05 -11.25 6.40
N SER B 423 -20.58 -10.55 7.43
CA SER B 423 -19.34 -10.92 8.13
C SER B 423 -19.63 -12.09 9.06
N ASN B 424 -19.14 -13.28 8.72
CA ASN B 424 -19.31 -14.43 9.59
C ASN B 424 -18.69 -14.18 10.96
N LEU B 425 -17.53 -13.51 10.98
CA LEU B 425 -16.86 -13.19 12.23
C LEU B 425 -17.75 -12.35 13.14
N LEU B 426 -18.33 -11.27 12.58
CA LEU B 426 -19.25 -10.42 13.34
C LEU B 426 -20.40 -11.23 13.91
N MET B 427 -21.02 -12.09 13.10
CA MET B 427 -22.14 -12.88 13.60
C MET B 427 -21.70 -13.88 14.67
N GLN B 428 -20.50 -14.44 14.55
CA GLN B 428 -20.04 -15.37 15.57
C GLN B 428 -19.76 -14.64 16.88
N ILE B 429 -19.05 -13.51 16.80
CA ILE B 429 -18.87 -12.65 17.97
C ILE B 429 -20.20 -12.34 18.62
N GLN B 430 -21.20 -11.95 17.81
CA GLN B 430 -22.50 -11.60 18.35
C GLN B 430 -23.16 -12.81 18.98
N SER B 431 -23.11 -13.95 18.30
CA SER B 431 -23.63 -15.17 18.89
C SER B 431 -22.96 -15.46 20.22
N ASP B 432 -21.63 -15.29 20.28
CA ASP B 432 -20.90 -15.60 21.50
C ASP B 432 -21.30 -14.67 22.65
N LEU B 433 -21.50 -13.39 22.35
CA LEU B 433 -21.95 -12.44 23.37
C LEU B 433 -23.33 -12.80 23.89
N PHE B 434 -24.21 -13.30 23.01
CA PHE B 434 -25.59 -13.52 23.39
C PHE B 434 -25.82 -14.83 24.14
N GLY B 435 -25.00 -15.84 23.87
CA GLY B 435 -25.32 -17.15 24.40
C GLY B 435 -26.49 -17.83 23.74
N PHE B 436 -26.93 -17.37 22.57
CA PHE B 436 -27.94 -18.08 21.80
C PHE B 436 -27.64 -17.93 20.32
N LYS B 437 -28.50 -18.49 19.49
CA LYS B 437 -28.24 -18.64 18.06
C LYS B 437 -28.51 -17.36 17.29
N ILE B 438 -27.73 -17.17 16.23
CA ILE B 438 -27.93 -16.10 15.24
C ILE B 438 -28.39 -16.75 13.95
N ILE B 439 -29.44 -16.20 13.35
CA ILE B 439 -30.05 -16.77 12.15
C ILE B 439 -29.93 -15.76 11.01
N ARG B 440 -29.19 -16.12 9.97
CA ARG B 440 -28.99 -15.26 8.82
C ARG B 440 -29.69 -15.86 7.60
N PRO B 441 -30.65 -15.17 6.99
CA PRO B 441 -31.37 -15.74 5.85
C PRO B 441 -30.65 -15.50 4.53
N LYS B 442 -31.17 -16.14 3.49
CA LYS B 442 -30.53 -16.10 2.18
C LYS B 442 -30.48 -14.68 1.62
N THR B 443 -31.49 -13.88 1.87
CA THR B 443 -31.57 -12.52 1.33
C THR B 443 -31.28 -11.52 2.45
N LEU B 444 -30.10 -10.89 2.39
CA LEU B 444 -29.67 -9.92 3.40
C LEU B 444 -30.27 -8.54 3.20
N GLU B 445 -30.76 -8.24 2.00
CA GLU B 445 -31.36 -6.93 1.69
C GLU B 445 -32.85 -6.92 2.01
N THR B 446 -33.19 -7.27 3.25
CA THR B 446 -34.60 -7.37 3.63
C THR B 446 -35.29 -6.02 3.61
N THR B 447 -34.55 -4.93 3.77
CA THR B 447 -35.11 -3.59 3.65
C THR B 447 -35.75 -3.40 2.28
N ALA B 448 -34.97 -3.61 1.23
CA ALA B 448 -35.54 -3.48 -0.11
C ALA B 448 -36.56 -4.57 -0.36
N LEU B 449 -36.34 -5.76 0.22
CA LEU B 449 -37.29 -6.85 0.03
C LEU B 449 -38.64 -6.51 0.65
N GLY B 450 -38.64 -5.90 1.84
CA GLY B 450 -39.90 -5.49 2.45
C GLY B 450 -40.66 -4.49 1.60
N ALA B 451 -39.95 -3.50 1.06
CA ALA B 451 -40.61 -2.50 0.20
C ALA B 451 -41.18 -3.16 -1.06
N ALA B 452 -40.43 -4.10 -1.62
CA ALA B 452 -40.94 -4.87 -2.75
C ALA B 452 -42.23 -5.60 -2.36
N TYR B 453 -42.25 -6.19 -1.17
CA TYR B 453 -43.45 -6.86 -0.69
C TYR B 453 -44.62 -5.88 -0.58
N LEU B 454 -44.39 -4.74 0.05
CA LEU B 454 -45.47 -3.77 0.27
C LEU B 454 -46.07 -3.31 -1.05
N ALA B 455 -45.21 -2.93 -2.01
CA ALA B 455 -45.70 -2.53 -3.33
C ALA B 455 -46.37 -3.69 -4.06
N GLY B 456 -45.77 -4.88 -3.98
CA GLY B 456 -46.27 -6.01 -4.75
C GLY B 456 -47.66 -6.46 -4.32
N LEU B 457 -47.92 -6.42 -3.02
CA LEU B 457 -49.26 -6.75 -2.55
C LEU B 457 -50.29 -5.76 -3.07
N ALA B 458 -49.93 -4.48 -3.14
CA ALA B 458 -50.90 -3.44 -3.49
C ALA B 458 -51.35 -3.54 -4.95
N VAL B 459 -50.44 -3.85 -5.87
CA VAL B 459 -50.83 -3.97 -7.27
C VAL B 459 -51.32 -5.37 -7.64
N GLY B 460 -51.12 -6.35 -6.77
CA GLY B 460 -51.52 -7.71 -7.04
C GLY B 460 -50.44 -8.61 -7.58
N PHE B 461 -49.17 -8.19 -7.55
CA PHE B 461 -48.06 -9.06 -7.91
C PHE B 461 -48.08 -10.33 -7.05
N TRP B 462 -48.33 -10.19 -5.75
CA TRP B 462 -48.56 -11.32 -4.87
C TRP B 462 -50.00 -11.28 -4.36
N GLU B 463 -50.63 -12.46 -4.32
CA GLU B 463 -52.05 -12.53 -3.96
C GLU B 463 -52.29 -12.34 -2.46
N SER B 464 -51.32 -12.71 -1.62
CA SER B 464 -51.48 -12.58 -0.18
C SER B 464 -50.14 -12.70 0.50
N ILE B 465 -50.14 -12.39 1.80
CA ILE B 465 -48.95 -12.55 2.64
C ILE B 465 -48.58 -14.02 2.80
N ASP B 466 -49.57 -14.90 2.86
CA ASP B 466 -49.29 -16.33 2.95
C ASP B 466 -48.46 -16.80 1.77
N GLU B 467 -48.65 -16.20 0.60
CA GLU B 467 -47.91 -16.59 -0.60
C GLU B 467 -46.41 -16.38 -0.43
N ILE B 468 -46.01 -15.32 0.27
CA ILE B 468 -44.60 -14.98 0.41
C ILE B 468 -43.98 -15.48 1.70
N GLN B 469 -44.73 -16.22 2.51
CA GLN B 469 -44.16 -16.76 3.75
C GLN B 469 -43.04 -17.76 3.46
N SER B 470 -43.24 -18.65 2.49
CA SER B 470 -42.27 -19.70 2.20
C SER B 470 -41.00 -19.19 1.54
N GLN B 471 -40.85 -17.86 1.36
CA GLN B 471 -39.65 -17.31 0.74
C GLN B 471 -38.54 -17.02 1.75
N TRP B 472 -38.84 -17.01 3.04
CA TRP B 472 -37.85 -16.72 4.06
C TRP B 472 -37.03 -17.98 4.31
N ILE B 473 -35.79 -17.99 3.82
CA ILE B 473 -34.95 -19.18 3.78
C ILE B 473 -33.69 -18.91 4.58
N ILE B 474 -33.45 -19.73 5.61
CA ILE B 474 -32.24 -19.61 6.41
C ILE B 474 -31.04 -20.05 5.59
N GLU B 475 -29.97 -19.28 5.65
CA GLU B 475 -28.74 -19.62 4.96
C GLU B 475 -27.64 -20.12 5.89
N LYS B 476 -27.54 -19.57 7.10
CA LYS B 476 -26.51 -19.99 8.04
C LYS B 476 -26.94 -19.64 9.46
N GLU B 477 -26.70 -20.57 10.37
CA GLU B 477 -26.95 -20.37 11.80
C GLU B 477 -25.63 -20.35 12.54
N PHE B 478 -25.48 -19.39 13.45
CA PHE B 478 -24.30 -19.30 14.30
C PHE B 478 -24.70 -19.69 15.72
N THR B 479 -23.87 -20.50 16.37
CA THR B 479 -24.21 -20.89 17.73
C THR B 479 -23.08 -20.53 18.69
N PRO B 480 -23.40 -20.19 19.94
CA PRO B 480 -22.39 -19.67 20.86
C PRO B 480 -21.34 -20.71 21.21
N LYS B 481 -20.08 -20.30 21.19
CA LYS B 481 -18.95 -21.19 21.41
C LYS B 481 -17.97 -20.63 22.43
N GLU B 482 -18.46 -19.85 23.39
CA GLU B 482 -17.60 -19.13 24.31
C GLU B 482 -18.10 -19.24 25.74
N ASP B 483 -17.16 -19.11 26.67
CA ASP B 483 -17.46 -19.23 28.10
C ASP B 483 -18.18 -17.98 28.61
N LYS B 484 -19.30 -18.20 29.29
CA LYS B 484 -20.13 -17.09 29.74
C LYS B 484 -19.40 -16.21 30.74
N THR B 485 -18.45 -16.76 31.49
CA THR B 485 -17.69 -15.92 32.43
C THR B 485 -16.79 -14.95 31.69
N LYS B 486 -16.02 -15.45 30.71
CA LYS B 486 -15.12 -14.57 29.96
C LYS B 486 -15.91 -13.55 29.14
N ILE B 487 -17.08 -13.94 28.62
CA ILE B 487 -17.95 -13.01 27.91
C ILE B 487 -18.39 -11.88 28.84
N ASP B 488 -18.68 -12.21 30.10
CA ASP B 488 -19.15 -11.17 31.01
C ASP B 488 -18.04 -10.21 31.42
N ASN B 489 -16.78 -10.62 31.30
CA ASN B 489 -15.68 -9.71 31.59
C ASN B 489 -15.37 -8.81 30.41
N MET B 490 -15.55 -9.30 29.17
CA MET B 490 -15.52 -8.41 28.02
C MET B 490 -16.67 -7.41 28.07
N VAL B 491 -17.88 -7.89 28.40
CA VAL B 491 -19.03 -7.01 28.53
C VAL B 491 -18.77 -5.96 29.60
N SER B 492 -18.15 -6.36 30.70
CA SER B 492 -17.84 -5.41 31.77
C SER B 492 -16.93 -4.31 31.27
N PHE B 493 -15.86 -4.66 30.55
CA PHE B 493 -14.97 -3.63 30.02
C PHE B 493 -15.65 -2.80 28.93
N TRP B 494 -16.57 -3.40 28.16
CA TRP B 494 -17.34 -2.61 27.22
C TRP B 494 -18.13 -1.52 27.94
N HIS B 495 -18.90 -1.90 28.95
CA HIS B 495 -19.65 -0.91 29.72
C HIS B 495 -18.72 0.12 30.38
N LYS B 496 -17.54 -0.33 30.81
CA LYS B 496 -16.58 0.63 31.36
C LYS B 496 -16.11 1.61 30.28
N ALA B 497 -15.83 1.11 29.06
CA ALA B 497 -15.44 1.99 27.97
C ALA B 497 -16.55 2.95 27.60
N VAL B 498 -17.79 2.46 27.53
CA VAL B 498 -18.90 3.34 27.17
C VAL B 498 -18.92 4.56 28.08
N LYS B 499 -18.77 4.34 29.40
CA LYS B 499 -18.78 5.47 30.31
C LYS B 499 -17.66 6.43 30.00
N ARG B 500 -16.51 5.91 29.55
CA ARG B 500 -15.40 6.80 29.21
C ARG B 500 -15.69 7.65 27.98
N SER B 501 -16.62 7.22 27.12
CA SER B 501 -17.02 7.93 25.92
C SER B 501 -18.04 9.04 26.17
N GLN B 502 -18.67 9.07 27.34
CA GLN B 502 -19.87 9.87 27.52
C GLN B 502 -19.55 11.29 27.96
N ALA B 503 -20.52 12.18 27.74
CA ALA B 503 -20.48 13.57 28.21
C ALA B 503 -19.14 14.21 27.85
N TRP B 504 -18.75 13.99 26.59
CA TRP B 504 -17.48 14.49 26.06
C TRP B 504 -17.65 15.92 25.54
N ILE B 505 -18.57 16.10 24.60
CA ILE B 505 -18.86 17.42 24.02
C ILE B 505 -19.64 18.25 25.02
N GLU B 506 -19.27 19.54 25.12
CA GLU B 506 -19.92 20.46 26.04
C GLU B 506 -20.77 21.51 25.33
N ASP B 507 -20.58 21.70 24.02
CA ASP B 507 -21.26 22.76 23.29
C ASP B 507 -22.25 22.21 22.27
N GLU C 12 30.72 -24.62 24.04
CA GLU C 12 30.72 -25.16 22.68
C GLU C 12 31.70 -24.42 21.77
N LYS C 13 32.46 -25.17 20.99
CA LYS C 13 33.39 -24.60 20.03
C LYS C 13 32.68 -24.32 18.72
N LEU C 14 32.93 -23.13 18.16
CA LEU C 14 32.26 -22.67 16.95
C LEU C 14 33.29 -22.30 15.88
N ILE C 15 32.85 -22.43 14.62
CA ILE C 15 33.63 -22.03 13.45
C ILE C 15 32.94 -20.85 12.79
N LEU C 16 33.71 -19.84 12.39
CA LEU C 16 33.14 -18.61 11.84
C LEU C 16 33.37 -18.56 10.33
N ALA C 17 32.29 -18.46 9.57
CA ALA C 17 32.36 -18.27 8.12
C ALA C 17 31.98 -16.84 7.80
N LEU C 18 32.77 -16.18 6.95
CA LEU C 18 32.42 -14.86 6.43
C LEU C 18 32.10 -15.02 4.96
N ASP C 19 30.87 -14.69 4.59
CA ASP C 19 30.40 -14.86 3.22
C ASP C 19 30.10 -13.45 2.69
N GLN C 20 31.04 -12.91 1.93
CA GLN C 20 30.88 -11.57 1.38
C GLN C 20 30.18 -11.71 0.03
N GLY C 21 28.84 -11.52 0.03
CA GLY C 21 28.04 -11.74 -1.18
C GLY C 21 27.89 -10.50 -2.03
N THR C 22 27.28 -10.69 -3.20
CA THR C 22 27.06 -9.54 -4.09
C THR C 22 26.06 -8.55 -3.50
N THR C 23 25.09 -9.05 -2.73
CA THR C 23 23.97 -8.27 -2.21
C THR C 23 24.14 -7.90 -0.75
N SER C 24 24.67 -8.81 0.06
CA SER C 24 24.81 -8.59 1.48
C SER C 24 26.09 -9.28 1.94
N SER C 25 26.65 -8.79 3.05
CA SER C 25 27.71 -9.52 3.74
C SER C 25 27.08 -10.31 4.88
N ARG C 26 27.57 -11.53 5.09
CA ARG C 26 27.06 -12.39 6.14
C ARG C 26 28.19 -12.95 6.99
N ALA C 27 27.87 -13.21 8.26
CA ALA C 27 28.73 -13.97 9.15
C ALA C 27 27.90 -15.04 9.83
N ILE C 28 28.37 -16.28 9.77
CA ILE C 28 27.64 -17.44 10.29
C ILE C 28 28.57 -18.23 11.20
N LEU C 29 28.06 -18.61 12.37
CA LEU C 29 28.81 -19.48 13.29
C LEU C 29 28.24 -20.89 13.23
N PHE C 30 29.10 -21.87 12.98
CA PHE C 30 28.70 -23.26 12.91
C PHE C 30 29.27 -24.04 14.09
N ASN C 31 28.53 -25.07 14.51
CA ASN C 31 29.05 -25.99 15.50
C ASN C 31 29.67 -27.20 14.80
N LYS C 32 30.17 -28.14 15.61
CA LYS C 32 30.84 -29.31 15.06
C LYS C 32 29.89 -30.21 14.27
N SER C 33 28.59 -30.09 14.50
CA SER C 33 27.58 -30.85 13.76
C SER C 33 27.25 -30.21 12.42
N GLY C 34 27.88 -29.09 12.07
CA GLY C 34 27.57 -28.37 10.86
C GLY C 34 26.33 -27.50 10.95
N GLU C 35 25.74 -27.37 12.13
CA GLU C 35 24.49 -26.65 12.30
C GLU C 35 24.75 -25.14 12.38
N ILE C 36 23.95 -24.37 11.63
CA ILE C 36 23.91 -22.93 11.85
C ILE C 36 23.40 -22.67 13.26
N LYS C 37 24.23 -22.04 14.09
CA LYS C 37 23.80 -21.62 15.42
C LYS C 37 23.45 -20.15 15.48
N PHE C 38 24.16 -19.30 14.75
CA PHE C 38 23.85 -17.88 14.73
C PHE C 38 24.26 -17.33 13.38
N VAL C 39 23.54 -16.32 12.91
CA VAL C 39 23.83 -15.68 11.64
C VAL C 39 23.51 -14.20 11.75
N SER C 40 24.37 -13.35 11.19
CA SER C 40 24.10 -11.93 10.99
C SER C 40 24.31 -11.59 9.53
N GLN C 41 23.59 -10.58 9.04
CA GLN C 41 23.59 -10.23 7.63
C GLN C 41 23.35 -8.73 7.50
N LYS C 42 24.00 -8.10 6.51
CA LYS C 42 23.81 -6.67 6.28
C LYS C 42 24.02 -6.34 4.80
N SER C 43 23.04 -5.68 4.20
CA SER C 43 23.16 -5.27 2.81
C SER C 43 24.08 -4.06 2.68
N PHE C 44 24.51 -3.81 1.44
CA PHE C 44 25.37 -2.68 1.13
C PHE C 44 24.97 -2.18 -0.25
N GLU C 45 25.40 -0.96 -0.57
CA GLU C 45 24.83 -0.25 -1.71
C GLU C 45 25.29 -0.85 -3.04
N GLN C 46 24.34 -1.03 -3.94
CA GLN C 46 24.62 -1.43 -5.32
C GLN C 46 24.68 -0.15 -6.15
N ILE C 47 25.84 0.16 -6.70
CA ILE C 47 26.10 1.46 -7.33
C ILE C 47 26.10 1.28 -8.84
N PHE C 48 25.30 2.09 -9.53
CA PHE C 48 25.16 2.02 -10.98
C PHE C 48 25.44 3.40 -11.59
N PRO C 49 26.70 3.71 -11.92
CA PRO C 49 26.98 5.04 -12.49
C PRO C 49 26.32 5.26 -13.85
N THR C 50 26.13 4.21 -14.66
CA THR C 50 25.34 4.29 -15.88
C THR C 50 24.76 2.89 -16.09
N PRO C 51 23.61 2.76 -16.77
CA PRO C 51 23.05 1.42 -16.97
C PRO C 51 24.05 0.48 -17.61
N GLY C 52 24.18 -0.71 -17.03
CA GLY C 52 25.18 -1.66 -17.45
C GLY C 52 26.40 -1.72 -16.54
N TRP C 53 26.67 -0.64 -15.80
CA TRP C 53 27.76 -0.67 -14.83
C TRP C 53 27.23 -1.08 -13.46
N VAL C 54 28.09 -1.76 -12.71
CA VAL C 54 27.76 -2.24 -11.36
C VAL C 54 29.03 -2.13 -10.53
N GLU C 55 28.97 -1.34 -9.46
CA GLU C 55 30.12 -1.10 -8.59
C GLU C 55 29.72 -1.30 -7.13
N HIS C 56 30.72 -1.60 -6.31
CA HIS C 56 30.54 -1.65 -4.87
C HIS C 56 31.58 -0.73 -4.23
N ASP C 57 31.20 -0.13 -3.11
CA ASP C 57 32.16 0.63 -2.32
C ASP C 57 32.98 -0.34 -1.49
N PRO C 58 34.28 -0.49 -1.73
CA PRO C 58 35.06 -1.50 -1.00
C PRO C 58 35.12 -1.25 0.50
N ASN C 59 35.09 0.01 0.93
CA ASN C 59 35.03 0.33 2.36
C ASN C 59 33.69 -0.07 2.98
N GLU C 60 32.61 -0.08 2.19
CA GLU C 60 31.32 -0.54 2.72
C GLU C 60 31.18 -2.05 2.65
N ILE C 61 31.85 -2.69 1.68
CA ILE C 61 32.05 -4.14 1.77
C ILE C 61 32.74 -4.49 3.08
N TRP C 62 33.79 -3.74 3.42
CA TRP C 62 34.54 -4.04 4.64
C TRP C 62 33.71 -3.73 5.88
N SER C 63 33.11 -2.54 5.94
CA SER C 63 32.41 -2.15 7.15
C SER C 63 31.17 -3.02 7.37
N SER C 64 30.48 -3.40 6.29
CA SER C 64 29.37 -4.32 6.43
C SER C 64 29.83 -5.69 6.87
N GLN C 65 30.96 -6.16 6.32
CA GLN C 65 31.45 -7.50 6.67
C GLN C 65 32.01 -7.54 8.09
N ILE C 66 32.78 -6.53 8.50
CA ILE C 66 33.37 -6.60 9.83
C ILE C 66 32.30 -6.40 10.89
N SER C 67 31.25 -5.64 10.57
CA SER C 67 30.22 -5.39 11.57
C SER C 67 29.29 -6.60 11.75
N VAL C 68 29.06 -7.39 10.70
CA VAL C 68 28.27 -8.60 10.91
C VAL C 68 29.09 -9.65 11.63
N ALA C 69 30.41 -9.70 11.37
CA ALA C 69 31.29 -10.58 12.15
C ALA C 69 31.22 -10.26 13.64
N ALA C 70 31.35 -8.98 13.97
CA ALA C 70 31.23 -8.59 15.37
C ALA C 70 29.85 -8.94 15.92
N GLU C 71 28.80 -8.67 15.13
CA GLU C 71 27.45 -8.85 15.65
C GLU C 71 27.14 -10.33 15.90
N VAL C 72 27.56 -11.22 15.00
CA VAL C 72 27.23 -12.63 15.18
C VAL C 72 27.97 -13.21 16.37
N ILE C 73 29.21 -12.76 16.62
CA ILE C 73 29.95 -13.23 17.78
C ILE C 73 29.26 -12.77 19.07
N ALA C 74 28.81 -11.52 19.10
CA ALA C 74 28.13 -11.00 20.28
C ALA C 74 26.78 -11.67 20.46
N LYS C 75 26.07 -11.87 19.35
CA LYS C 75 24.77 -12.55 19.35
C LYS C 75 24.86 -13.94 19.96
N ALA C 76 26.00 -14.60 19.81
CA ALA C 76 26.23 -15.96 20.28
C ALA C 76 26.53 -16.03 21.77
N GLY C 77 26.51 -14.90 22.46
CA GLY C 77 26.87 -14.86 23.85
C GLY C 77 28.34 -15.15 24.09
N ILE C 78 29.14 -15.19 23.02
CA ILE C 78 30.56 -15.51 23.17
C ILE C 78 31.43 -14.32 22.80
N SER C 79 32.75 -14.54 22.83
CA SER C 79 33.79 -13.63 22.38
C SER C 79 34.56 -14.28 21.23
N GLY C 80 35.47 -13.52 20.62
CA GLY C 80 36.30 -14.05 19.55
C GLY C 80 37.18 -15.21 19.98
N LEU C 81 37.49 -15.32 21.28
CA LEU C 81 38.34 -16.41 21.76
C LEU C 81 37.71 -17.78 21.53
N GLU C 82 36.38 -17.89 21.59
CA GLU C 82 35.73 -19.18 21.41
C GLU C 82 35.74 -19.66 19.96
N VAL C 83 36.04 -18.79 19.01
CA VAL C 83 35.95 -19.14 17.60
C VAL C 83 37.17 -19.96 17.22
N ALA C 84 36.94 -21.19 16.74
CA ALA C 84 38.04 -22.08 16.39
C ALA C 84 38.84 -21.54 15.20
N ALA C 85 38.16 -20.99 14.20
CA ALA C 85 38.82 -20.54 12.98
C ALA C 85 37.84 -19.71 12.17
N ILE C 86 38.38 -19.06 11.14
CA ILE C 86 37.61 -18.25 10.21
C ILE C 86 37.79 -18.82 8.82
N GLY C 87 36.68 -18.99 8.09
CA GLY C 87 36.71 -19.33 6.67
C GLY C 87 36.18 -18.16 5.87
N ILE C 88 36.80 -17.89 4.72
CA ILE C 88 36.49 -16.71 3.92
C ILE C 88 35.92 -17.15 2.58
N THR C 89 34.76 -16.60 2.21
CA THR C 89 34.21 -16.86 0.88
C THR C 89 33.51 -15.60 0.39
N ASN C 90 33.26 -15.53 -0.93
CA ASN C 90 33.05 -14.21 -1.50
C ASN C 90 32.50 -14.28 -2.91
N GLN C 91 31.73 -13.26 -3.28
CA GLN C 91 31.45 -12.99 -4.68
C GLN C 91 32.75 -12.96 -5.47
N ARG C 92 32.77 -13.69 -6.58
CA ARG C 92 34.00 -13.87 -7.34
C ARG C 92 34.15 -12.75 -8.38
N GLU C 93 35.30 -12.75 -9.08
CA GLU C 93 35.64 -11.84 -10.16
C GLU C 93 35.71 -10.36 -9.75
N THR C 94 34.78 -9.91 -8.92
CA THR C 94 34.75 -8.51 -8.48
C THR C 94 36.13 -8.03 -8.07
N THR C 95 36.50 -6.84 -8.56
CA THR C 95 37.88 -6.37 -8.62
C THR C 95 38.06 -5.14 -7.75
N VAL C 96 38.95 -5.23 -6.78
CA VAL C 96 39.30 -4.12 -5.89
C VAL C 96 40.77 -3.78 -6.12
N VAL C 97 41.06 -2.48 -6.19
CA VAL C 97 42.44 -2.01 -6.30
C VAL C 97 42.67 -0.94 -5.25
N TRP C 98 43.71 -1.12 -4.42
CA TRP C 98 43.98 -0.19 -3.33
C TRP C 98 45.46 0.12 -3.24
N ASP C 99 45.76 1.17 -2.48
CA ASP C 99 47.13 1.64 -2.30
C ASP C 99 47.80 0.78 -1.23
N ARG C 100 48.95 0.18 -1.58
CA ARG C 100 49.59 -0.78 -0.68
C ARG C 100 49.89 -0.18 0.68
N HIS C 101 50.15 1.14 0.73
CA HIS C 101 50.64 1.77 1.96
C HIS C 101 49.53 2.36 2.82
N THR C 102 48.47 2.89 2.21
CA THR C 102 47.40 3.53 2.96
C THR C 102 46.16 2.65 3.08
N SER C 103 46.06 1.59 2.27
CA SER C 103 44.92 0.69 2.16
C SER C 103 43.68 1.40 1.63
N GLU C 104 43.82 2.61 1.13
CA GLU C 104 42.68 3.30 0.53
C GLU C 104 42.44 2.76 -0.87
N PRO C 105 41.21 2.39 -1.22
CA PRO C 105 40.92 2.01 -2.61
C PRO C 105 41.12 3.19 -3.56
N ILE C 106 41.59 2.88 -4.77
CA ILE C 106 41.76 3.93 -5.78
C ILE C 106 40.53 4.10 -6.66
N TYR C 107 39.53 3.24 -6.49
CA TYR C 107 38.30 3.27 -7.28
C TYR C 107 37.35 2.29 -6.60
N ASN C 108 36.07 2.39 -6.96
CA ASN C 108 35.12 1.41 -6.46
C ASN C 108 35.52 0.01 -6.91
N ALA C 109 34.97 -0.99 -6.23
CA ALA C 109 35.07 -2.35 -6.74
C ALA C 109 34.23 -2.44 -7.99
N ILE C 110 34.78 -2.99 -9.06
CA ILE C 110 34.01 -3.26 -10.26
C ILE C 110 33.48 -4.68 -10.14
N VAL C 111 32.18 -4.82 -10.12
CA VAL C 111 31.52 -6.08 -9.80
C VAL C 111 31.52 -6.99 -11.01
N TRP C 112 31.46 -8.31 -10.76
CA TRP C 112 31.46 -9.27 -11.85
C TRP C 112 30.36 -9.01 -12.87
N GLN C 113 29.21 -8.47 -12.42
CA GLN C 113 28.09 -8.17 -13.33
C GLN C 113 28.39 -7.02 -14.28
N ASP C 114 29.36 -6.17 -13.97
CA ASP C 114 29.62 -4.95 -14.73
C ASP C 114 29.95 -5.29 -16.18
N ARG C 115 29.43 -4.47 -17.11
CA ARG C 115 29.57 -4.69 -18.55
C ARG C 115 30.48 -3.68 -19.25
N ARG C 116 31.14 -2.77 -18.52
CA ARG C 116 31.84 -1.69 -19.19
C ARG C 116 32.94 -2.18 -20.12
N THR C 117 33.53 -3.35 -19.85
CA THR C 117 34.65 -3.82 -20.65
C THR C 117 34.22 -4.73 -21.81
N SER C 118 32.93 -4.74 -22.15
CA SER C 118 32.43 -5.62 -23.19
C SER C 118 33.15 -5.40 -24.52
N LYS C 119 33.26 -4.13 -24.96
CA LYS C 119 33.81 -3.86 -26.29
C LYS C 119 35.27 -4.28 -26.38
N TYR C 120 36.04 -4.04 -25.32
CA TYR C 120 37.43 -4.46 -25.31
C TYR C 120 37.54 -5.99 -25.37
N CYS C 121 36.65 -6.70 -24.68
CA CYS C 121 36.60 -8.15 -24.81
C CYS C 121 36.38 -8.54 -26.27
N ASP C 122 35.43 -7.89 -26.95
CA ASP C 122 35.20 -8.17 -28.36
C ASP C 122 36.43 -7.86 -29.20
N GLU C 123 37.15 -6.77 -28.86
CA GLU C 123 38.42 -6.48 -29.51
C GLU C 123 39.35 -7.68 -29.44
N LEU C 124 39.54 -8.20 -28.22
CA LEU C 124 40.45 -9.32 -28.04
C LEU C 124 39.98 -10.54 -28.82
N LYS C 125 38.65 -10.73 -28.91
CA LYS C 125 38.10 -11.79 -29.75
C LYS C 125 38.49 -11.62 -31.21
N SER C 126 38.26 -10.42 -31.76
CA SER C 126 38.60 -10.19 -33.16
C SER C 126 40.10 -10.29 -33.43
N GLN C 127 40.94 -10.19 -32.40
CA GLN C 127 42.38 -10.37 -32.56
C GLN C 127 42.83 -11.80 -32.34
N GLY C 128 41.90 -12.75 -32.24
CA GLY C 128 42.22 -14.16 -32.25
C GLY C 128 42.56 -14.79 -30.92
N HIS C 129 42.25 -14.13 -29.79
CA HIS C 129 42.70 -14.60 -28.49
C HIS C 129 41.75 -15.59 -27.83
N THR C 130 40.66 -15.97 -28.50
CA THR C 130 39.63 -16.76 -27.83
C THR C 130 40.16 -18.12 -27.39
N ASP C 131 40.79 -18.86 -28.31
CA ASP C 131 41.28 -20.20 -27.99
C ASP C 131 42.37 -20.13 -26.92
N GLU C 132 43.27 -19.14 -27.02
CA GLU C 132 44.31 -18.91 -26.02
C GLU C 132 43.72 -18.76 -24.62
N ILE C 133 42.75 -17.87 -24.46
CA ILE C 133 42.17 -17.58 -23.15
CA ILE C 133 42.23 -17.59 -23.13
C ILE C 133 41.59 -18.85 -22.55
N LYS C 134 40.84 -19.58 -23.35
CA LYS C 134 40.16 -20.79 -22.85
C LYS C 134 41.18 -21.86 -22.46
N GLN C 135 42.19 -22.07 -23.30
CA GLN C 135 43.21 -23.07 -22.99
C GLN C 135 43.90 -22.75 -21.67
N LYS C 136 44.31 -21.49 -21.49
CA LYS C 136 45.07 -21.12 -20.29
C LYS C 136 44.19 -21.08 -19.04
N THR C 137 43.00 -20.49 -19.15
CA THR C 137 42.20 -20.18 -17.96
C THR C 137 40.92 -20.97 -17.83
N GLY C 138 40.46 -21.62 -18.90
CA GLY C 138 39.14 -22.24 -18.88
C GLY C 138 38.00 -21.28 -19.09
N LEU C 139 38.29 -19.99 -19.29
CA LEU C 139 37.26 -18.96 -19.34
C LEU C 139 36.98 -18.51 -20.77
N VAL C 140 35.92 -17.72 -20.93
CA VAL C 140 35.57 -17.12 -22.20
C VAL C 140 35.87 -15.62 -22.13
N LEU C 141 36.02 -15.01 -23.29
CA LEU C 141 36.28 -13.57 -23.35
C LEU C 141 34.98 -12.84 -23.05
N ASP C 142 34.82 -12.38 -21.81
CA ASP C 142 33.59 -11.71 -21.40
C ASP C 142 33.92 -10.73 -20.29
N ALA C 143 33.16 -9.63 -20.25
CA ALA C 143 33.31 -8.63 -19.20
C ALA C 143 33.19 -9.20 -17.79
N TYR C 144 32.69 -10.43 -17.67
CA TYR C 144 32.54 -11.12 -16.39
C TYR C 144 33.82 -11.12 -15.54
N PHE C 145 34.98 -11.34 -16.16
CA PHE C 145 36.14 -11.74 -15.39
C PHE C 145 37.04 -10.55 -15.02
N SER C 146 37.98 -10.80 -14.09
CA SER C 146 38.68 -9.73 -13.39
C SER C 146 39.62 -8.94 -14.28
N ALA C 147 40.30 -9.61 -15.23
CA ALA C 147 41.46 -9.00 -15.87
C ALA C 147 41.11 -7.69 -16.58
N THR C 148 40.00 -7.66 -17.31
CA THR C 148 39.67 -6.43 -18.04
C THR C 148 39.24 -5.32 -17.10
N LYS C 149 38.64 -5.66 -15.95
CA LYS C 149 38.26 -4.64 -14.97
C LYS C 149 39.51 -4.01 -14.34
N LEU C 150 40.46 -4.84 -13.93
CA LEU C 150 41.73 -4.33 -13.42
C LEU C 150 42.42 -3.46 -14.46
N LYS C 151 42.43 -3.89 -15.73
CA LYS C 151 43.03 -3.08 -16.78
C LYS C 151 42.28 -1.77 -16.95
N TRP C 152 40.96 -1.80 -16.83
CA TRP C 152 40.20 -0.56 -16.93
C TRP C 152 40.64 0.43 -15.86
N ILE C 153 40.81 -0.05 -14.63
CA ILE C 153 41.16 0.86 -13.54
C ILE C 153 42.55 1.43 -13.74
N LEU C 154 43.53 0.59 -14.06
CA LEU C 154 44.87 1.11 -14.29
C LEU C 154 44.89 2.12 -15.43
N ASP C 155 44.02 1.95 -16.45
CA ASP C 155 44.06 2.81 -17.63
C ASP C 155 43.27 4.10 -17.45
N ASN C 156 42.26 4.11 -16.60
CA ASN C 156 41.30 5.22 -16.52
C ASN C 156 41.37 6.02 -15.24
N VAL C 157 41.98 5.49 -14.19
CA VAL C 157 42.11 6.21 -12.93
C VAL C 157 43.37 7.05 -12.97
N GLU C 158 43.24 8.33 -12.60
CA GLU C 158 44.35 9.26 -12.68
C GLU C 158 45.46 8.84 -11.72
N GLY C 159 46.64 8.55 -12.27
CA GLY C 159 47.80 8.15 -11.50
C GLY C 159 47.90 6.66 -11.21
N ALA C 160 46.90 5.87 -11.57
CA ALA C 160 46.92 4.44 -11.27
C ALA C 160 48.05 3.73 -12.00
N ARG C 161 48.22 4.00 -13.30
CA ARG C 161 49.22 3.29 -14.08
C ARG C 161 50.62 3.52 -13.53
N GLU C 162 50.91 4.75 -13.09
CA GLU C 162 52.22 5.06 -12.52
C GLU C 162 52.41 4.35 -11.18
N LYS C 163 51.38 4.34 -10.33
CA LYS C 163 51.51 3.67 -9.05
C LYS C 163 51.71 2.16 -9.21
N ALA C 164 51.06 1.57 -10.22
CA ALA C 164 51.13 0.13 -10.41
C ALA C 164 52.53 -0.31 -10.85
N GLU C 165 53.10 0.37 -11.84
CA GLU C 165 54.44 0.01 -12.29
C GLU C 165 55.47 0.27 -11.21
N ALA C 166 55.22 1.22 -10.32
CA ALA C 166 56.08 1.49 -9.17
C ALA C 166 55.85 0.50 -8.02
N GLY C 167 54.87 -0.39 -8.15
CA GLY C 167 54.59 -1.35 -7.08
C GLY C 167 53.85 -0.79 -5.90
N ASP C 168 53.18 0.34 -6.06
CA ASP C 168 52.46 0.99 -4.96
C ASP C 168 50.98 0.59 -4.89
N LEU C 169 50.54 -0.35 -5.72
CA LEU C 169 49.15 -0.77 -5.76
C LEU C 169 49.01 -2.25 -5.41
N CYS C 170 47.80 -2.61 -4.98
CA CYS C 170 47.42 -4.00 -4.77
C CYS C 170 46.14 -4.27 -5.53
N PHE C 171 46.11 -5.38 -6.24
CA PHE C 171 44.89 -5.94 -6.80
C PHE C 171 44.39 -7.06 -5.91
N GLY C 172 43.08 -7.20 -5.83
CA GLY C 172 42.52 -8.36 -5.19
C GLY C 172 41.08 -8.63 -5.58
N THR C 173 40.71 -9.91 -5.67
CA THR C 173 39.30 -10.26 -5.52
C THR C 173 38.90 -10.03 -4.06
N VAL C 174 37.61 -10.23 -3.76
CA VAL C 174 37.11 -9.78 -2.47
C VAL C 174 37.72 -10.56 -1.32
N ASP C 175 38.02 -11.84 -1.51
CA ASP C 175 38.75 -12.58 -0.47
C ASP C 175 40.05 -11.88 -0.10
N THR C 176 40.80 -11.42 -1.12
CA THR C 176 42.10 -10.79 -0.85
C THR C 176 41.93 -9.46 -0.14
N TRP C 177 40.93 -8.67 -0.55
CA TRP C 177 40.60 -7.40 0.11
C TRP C 177 40.22 -7.62 1.57
N LEU C 178 39.30 -8.53 1.85
CA LEU C 178 38.93 -8.81 3.24
C LEU C 178 40.13 -9.24 4.07
N ILE C 179 40.94 -10.16 3.54
CA ILE C 179 42.07 -10.67 4.32
C ILE C 179 43.11 -9.57 4.55
N TRP C 180 43.31 -8.71 3.54
CA TRP C 180 44.19 -7.56 3.73
C TRP C 180 43.72 -6.70 4.90
N LYS C 181 42.43 -6.33 4.91
CA LYS C 181 41.89 -5.52 6.00
C LYS C 181 41.95 -6.26 7.34
N LEU C 182 41.65 -7.56 7.31
CA LEU C 182 41.66 -8.38 8.53
C LEU C 182 43.04 -8.48 9.14
N THR C 183 44.11 -8.32 8.35
CA THR C 183 45.46 -8.47 8.85
C THR C 183 46.25 -7.17 8.76
N ARG C 184 45.58 -6.06 8.51
CA ARG C 184 46.22 -4.75 8.36
C ARG C 184 47.38 -4.82 7.37
N GLY C 185 47.19 -5.59 6.29
CA GLY C 185 48.17 -5.67 5.24
C GLY C 185 49.26 -6.69 5.42
N LYS C 186 49.21 -7.50 6.47
CA LYS C 186 50.26 -8.49 6.67
C LYS C 186 50.10 -9.71 5.77
N MET C 187 48.86 -10.05 5.38
CA MET C 187 48.61 -11.17 4.48
C MET C 187 47.94 -10.63 3.22
N PHE C 188 48.56 -10.91 2.09
CA PHE C 188 48.12 -10.43 0.78
C PHE C 188 48.01 -11.68 -0.10
N ILE C 189 46.87 -12.38 -0.01
CA ILE C 189 46.76 -13.74 -0.53
C ILE C 189 45.40 -13.96 -1.19
N THR C 190 45.34 -15.02 -1.99
CA THR C 190 44.09 -15.54 -2.52
C THR C 190 44.22 -17.06 -2.58
N ASP C 191 43.12 -17.75 -2.89
CA ASP C 191 43.20 -19.18 -3.11
C ASP C 191 43.09 -19.49 -4.61
N VAL C 192 43.31 -20.77 -4.94
CA VAL C 192 43.34 -21.20 -6.33
C VAL C 192 41.97 -21.04 -7.00
N SER C 193 40.87 -21.16 -6.24
CA SER C 193 39.55 -21.06 -6.86
C SER C 193 39.22 -19.62 -7.23
N ASN C 194 39.41 -18.69 -6.29
CA ASN C 194 39.22 -17.28 -6.60
C ASN C 194 40.18 -16.83 -7.71
N ALA C 195 41.44 -17.24 -7.62
CA ALA C 195 42.43 -16.84 -8.61
C ALA C 195 42.05 -17.29 -10.01
N SER C 196 41.43 -18.47 -10.14
CA SER C 196 41.09 -19.01 -11.46
C SER C 196 40.03 -18.18 -12.18
N ARG C 197 39.36 -17.29 -11.48
CA ARG C 197 38.31 -16.45 -12.05
C ARG C 197 38.83 -15.13 -12.59
N THR C 198 40.12 -14.84 -12.40
CA THR C 198 40.65 -13.54 -12.75
C THR C 198 40.97 -13.40 -14.24
N MET C 199 41.08 -14.50 -14.96
CA MET C 199 41.60 -14.54 -16.34
C MET C 199 43.07 -14.09 -16.39
N MET C 200 43.75 -14.16 -15.25
CA MET C 200 45.19 -13.92 -15.18
C MET C 200 45.91 -15.13 -14.65
N PHE C 201 45.19 -16.18 -14.32
CA PHE C 201 45.72 -17.35 -13.63
C PHE C 201 45.54 -18.54 -14.56
N ASN C 202 46.65 -19.16 -14.93
CA ASN C 202 46.64 -20.35 -15.78
C ASN C 202 46.30 -21.56 -14.92
N ILE C 203 45.18 -22.22 -15.22
CA ILE C 203 44.70 -23.32 -14.38
C ILE C 203 45.37 -24.64 -14.70
N ARG C 204 46.25 -24.68 -15.70
CA ARG C 204 47.03 -25.88 -16.01
C ARG C 204 48.37 -25.86 -15.28
N THR C 205 49.07 -24.74 -15.34
CA THR C 205 50.28 -24.59 -14.55
C THR C 205 49.97 -24.27 -13.09
N MET C 206 48.74 -23.83 -12.80
CA MET C 206 48.33 -23.38 -11.47
C MET C 206 49.22 -22.23 -10.99
N ASP C 207 49.39 -21.23 -11.84
CA ASP C 207 50.21 -20.06 -11.55
C ASP C 207 49.71 -18.88 -12.38
N TRP C 208 50.02 -17.66 -11.92
CA TRP C 208 49.75 -16.49 -12.74
C TRP C 208 50.45 -16.66 -14.09
N ASP C 209 49.83 -16.16 -15.15
CA ASP C 209 50.29 -16.38 -16.53
C ASP C 209 50.93 -15.11 -17.07
N ASP C 210 52.24 -15.16 -17.32
CA ASP C 210 52.95 -13.95 -17.76
C ASP C 210 52.49 -13.48 -19.14
N ASP C 211 52.18 -14.42 -20.04
CA ASP C 211 51.66 -14.01 -21.35
C ASP C 211 50.35 -13.26 -21.20
N LEU C 212 49.45 -13.76 -20.35
CA LEU C 212 48.19 -13.04 -20.12
C LEU C 212 48.45 -11.70 -19.48
N LEU C 213 49.38 -11.62 -18.53
CA LEU C 213 49.73 -10.34 -17.93
C LEU C 213 50.26 -9.37 -18.98
N LYS C 214 51.08 -9.86 -19.91
CA LYS C 214 51.53 -9.00 -21.00
C LYS C 214 50.35 -8.50 -21.84
N LEU C 215 49.40 -9.39 -22.14
CA LEU C 215 48.28 -9.02 -23.00
C LEU C 215 47.43 -7.92 -22.37
N PHE C 216 47.09 -8.07 -21.10
CA PHE C 216 46.28 -7.09 -20.37
C PHE C 216 47.10 -5.94 -19.81
N ASN C 217 48.42 -5.94 -20.02
CA ASN C 217 49.29 -4.86 -19.57
C ASN C 217 49.18 -4.65 -18.05
N ILE C 218 49.31 -5.76 -17.31
CA ILE C 218 49.16 -5.79 -15.86
C ILE C 218 50.50 -6.14 -15.25
N PRO C 219 51.06 -5.31 -14.37
CA PRO C 219 52.35 -5.64 -13.74
C PRO C 219 52.21 -6.73 -12.68
N ARG C 220 53.16 -7.68 -12.69
CA ARG C 220 53.01 -8.85 -11.83
C ARG C 220 53.05 -8.50 -10.35
N ALA C 221 53.80 -7.46 -9.98
CA ALA C 221 53.98 -7.11 -8.57
C ALA C 221 52.68 -6.72 -7.87
N ILE C 222 51.60 -6.49 -8.63
CA ILE C 222 50.34 -6.07 -8.03
C ILE C 222 49.47 -7.25 -7.60
N LEU C 223 49.90 -8.48 -7.84
CA LEU C 223 49.07 -9.67 -7.62
C LEU C 223 49.38 -10.33 -6.28
N PRO C 224 48.36 -10.87 -5.60
CA PRO C 224 48.60 -11.57 -4.33
C PRO C 224 49.20 -12.95 -4.58
N GLU C 225 49.70 -13.56 -3.50
CA GLU C 225 50.19 -14.93 -3.55
C GLU C 225 49.02 -15.90 -3.50
N VAL C 226 49.02 -16.88 -4.39
CA VAL C 226 47.94 -17.87 -4.47
C VAL C 226 48.24 -19.01 -3.51
N LYS C 227 47.28 -19.34 -2.66
CA LYS C 227 47.43 -20.40 -1.67
C LYS C 227 46.39 -21.48 -1.90
N GLN C 228 46.54 -22.59 -1.17
CA GLN C 228 45.51 -23.62 -1.08
C GLN C 228 44.22 -23.05 -0.48
N SER C 229 43.12 -23.79 -0.72
CA SER C 229 41.81 -23.39 -0.23
C SER C 229 41.54 -23.78 1.22
N SER C 230 42.38 -24.64 1.80
CA SER C 230 42.22 -25.13 3.18
C SER C 230 43.62 -25.25 3.78
N GLU C 231 44.04 -24.26 4.56
CA GLU C 231 45.32 -24.25 5.26
CA GLU C 231 45.31 -24.26 5.27
C GLU C 231 45.40 -23.03 6.17
N VAL C 232 46.10 -23.18 7.29
CA VAL C 232 46.24 -22.07 8.23
C VAL C 232 47.18 -21.03 7.65
N TYR C 233 46.62 -19.93 7.13
CA TYR C 233 47.43 -18.91 6.47
C TYR C 233 48.13 -18.01 7.48
N GLY C 234 47.51 -17.79 8.63
CA GLY C 234 47.96 -16.85 9.62
C GLY C 234 46.78 -16.45 10.47
N GLU C 235 46.99 -15.42 11.28
CA GLU C 235 46.01 -14.97 12.26
C GLU C 235 45.42 -13.62 11.84
N THR C 236 44.19 -13.37 12.28
CA THR C 236 43.66 -12.01 12.17
C THR C 236 44.48 -11.06 13.02
N SER C 237 44.58 -9.81 12.58
CA SER C 237 45.26 -8.76 13.33
C SER C 237 44.85 -7.40 12.79
N THR C 238 43.56 -7.07 12.94
CA THR C 238 43.08 -5.77 12.49
C THR C 238 43.82 -4.63 13.15
N THR C 239 44.19 -4.80 14.42
CA THR C 239 45.00 -3.83 15.16
C THR C 239 46.37 -4.39 15.49
N SER C 242 44.75 -6.58 18.19
CA SER C 242 43.44 -7.20 18.34
C SER C 242 43.53 -8.72 18.51
N THR C 243 42.37 -9.38 18.52
CA THR C 243 42.29 -10.79 18.84
C THR C 243 42.77 -11.64 17.67
N LYS C 244 43.56 -12.66 17.98
CA LYS C 244 44.10 -13.57 16.98
C LYS C 244 43.18 -14.77 16.82
N ILE C 245 42.44 -14.80 15.72
CA ILE C 245 41.71 -15.98 15.28
C ILE C 245 42.41 -16.48 14.03
N PRO C 246 42.60 -17.79 13.85
CA PRO C 246 43.27 -18.26 12.62
C PRO C 246 42.33 -18.16 11.43
N ILE C 247 42.83 -17.54 10.37
CA ILE C 247 42.19 -17.59 9.05
C ILE C 247 42.70 -18.84 8.36
N ALA C 248 41.78 -19.74 8.02
CA ALA C 248 42.21 -21.09 7.64
C ALA C 248 41.47 -21.65 6.44
N GLY C 249 40.59 -20.88 5.80
CA GLY C 249 39.91 -21.34 4.61
C GLY C 249 39.53 -20.18 3.73
N ILE C 250 39.76 -20.35 2.42
CA ILE C 250 39.34 -19.39 1.40
C ILE C 250 38.75 -20.16 0.22
N ALA C 251 37.63 -19.69 -0.31
CA ALA C 251 37.16 -20.22 -1.60
C ALA C 251 36.20 -19.23 -2.24
N GLY C 252 36.17 -19.22 -3.57
CA GLY C 252 35.11 -18.50 -4.25
C GLY C 252 33.76 -19.05 -3.82
N ASP C 253 32.75 -18.17 -3.73
CA ASP C 253 31.54 -18.58 -3.05
C ASP C 253 30.87 -19.77 -3.74
N GLN C 254 30.88 -19.79 -5.07
CA GLN C 254 30.17 -20.88 -5.75
C GLN C 254 30.92 -22.21 -5.60
N GLN C 255 32.26 -22.17 -5.56
CA GLN C 255 33.03 -23.36 -5.23
C GLN C 255 32.88 -23.75 -3.77
N ALA C 256 32.79 -22.77 -2.88
CA ALA C 256 32.46 -23.09 -1.49
C ALA C 256 31.14 -23.83 -1.39
N ALA C 257 30.15 -23.39 -2.17
CA ALA C 257 28.84 -24.05 -2.16
C ALA C 257 28.95 -25.50 -2.66
N LEU C 258 29.77 -25.73 -3.69
CA LEU C 258 30.00 -27.10 -4.15
C LEU C 258 30.61 -27.95 -3.03
N PHE C 259 31.59 -27.41 -2.32
CA PHE C 259 32.17 -28.11 -1.19
C PHE C 259 31.15 -28.28 -0.05
N GLY C 260 30.28 -27.28 0.15
CA GLY C 260 29.28 -27.38 1.19
C GLY C 260 28.19 -28.40 0.91
N GLN C 261 27.91 -28.66 -0.37
CA GLN C 261 26.97 -29.71 -0.78
C GLN C 261 27.61 -31.09 -0.83
N MET C 262 28.78 -31.27 -0.23
CA MET C 262 29.53 -32.54 -0.21
C MET C 262 29.84 -33.05 -1.61
N CYS C 263 29.90 -32.16 -2.62
CA CYS C 263 30.11 -32.58 -4.00
C CYS C 263 31.60 -32.72 -4.27
N THR C 264 32.20 -33.70 -3.57
CA THR C 264 33.63 -33.91 -3.50
C THR C 264 34.09 -35.08 -4.35
N LYS C 265 33.19 -35.67 -5.13
CA LYS C 265 33.53 -36.78 -6.01
C LYS C 265 33.20 -36.40 -7.45
N PRO C 266 33.98 -36.88 -8.42
CA PRO C 266 33.72 -36.53 -9.83
C PRO C 266 32.29 -36.79 -10.23
N GLY C 267 31.67 -35.79 -10.86
CA GLY C 267 30.32 -35.88 -11.36
C GLY C 267 29.23 -35.41 -10.42
N MET C 268 29.55 -35.11 -9.16
CA MET C 268 28.56 -34.54 -8.27
C MET C 268 28.32 -33.08 -8.63
N VAL C 269 27.04 -32.65 -8.53
CA VAL C 269 26.57 -31.38 -9.05
C VAL C 269 25.71 -30.68 -8.00
N LYS C 270 25.77 -29.35 -8.01
CA LYS C 270 24.83 -28.52 -7.27
C LYS C 270 24.53 -27.26 -8.09
N ASN C 271 23.33 -26.70 -7.88
CA ASN C 271 23.01 -25.38 -8.39
C ASN C 271 22.63 -24.47 -7.23
N THR C 272 23.23 -23.29 -7.19
CA THR C 272 22.93 -22.28 -6.17
C THR C 272 22.00 -21.22 -6.76
N TYR C 273 20.95 -20.88 -6.03
CA TYR C 273 19.99 -19.84 -6.42
C TYR C 273 20.25 -18.65 -5.52
N GLY C 274 21.16 -17.77 -5.96
CA GLY C 274 21.57 -16.64 -5.15
C GLY C 274 21.30 -15.33 -5.86
N THR C 275 22.23 -14.38 -5.76
CA THR C 275 22.12 -13.19 -6.60
C THR C 275 22.08 -13.59 -8.07
N GLY C 276 23.02 -14.43 -8.49
CA GLY C 276 22.92 -15.15 -9.75
C GLY C 276 22.55 -16.60 -9.51
N CYS C 277 22.70 -17.40 -10.56
CA CYS C 277 22.48 -18.84 -10.44
C CYS C 277 23.72 -19.54 -10.98
N PHE C 278 24.26 -20.47 -10.21
CA PHE C 278 25.54 -21.06 -10.57
C PHE C 278 25.51 -22.56 -10.40
N LEU C 279 25.69 -23.26 -11.52
CA LEU C 279 25.69 -24.72 -11.60
C LEU C 279 27.13 -25.19 -11.73
N LEU C 280 27.58 -26.02 -10.79
CA LEU C 280 28.93 -26.53 -10.80
C LEU C 280 28.94 -28.03 -10.62
N MET C 281 29.74 -28.72 -11.42
CA MET C 281 29.94 -30.15 -11.32
C MET C 281 31.39 -30.42 -10.99
N ASN C 282 31.63 -31.26 -9.99
CA ASN C 282 32.98 -31.70 -9.67
C ASN C 282 33.51 -32.61 -10.78
N THR C 283 34.68 -32.26 -11.34
CA THR C 283 35.33 -33.12 -12.34
C THR C 283 36.65 -33.70 -11.82
N GLY C 284 36.89 -33.66 -10.52
CA GLY C 284 38.06 -34.32 -9.96
C GLY C 284 39.36 -33.68 -10.43
N ASN C 285 40.36 -34.53 -10.72
CA ASN C 285 41.68 -34.03 -11.06
C ASN C 285 41.81 -33.58 -12.50
N GLU C 286 40.73 -33.63 -13.28
CA GLU C 286 40.78 -33.37 -14.71
C GLU C 286 40.02 -32.10 -15.05
N ALA C 287 40.67 -31.20 -15.79
CA ALA C 287 40.03 -30.00 -16.29
C ALA C 287 39.32 -30.34 -17.60
N VAL C 288 38.01 -30.41 -17.58
CA VAL C 288 37.24 -30.79 -18.76
C VAL C 288 36.91 -29.53 -19.56
N TYR C 289 37.17 -29.57 -20.86
CA TYR C 289 36.90 -28.42 -21.71
C TYR C 289 35.52 -28.55 -22.32
N SER C 290 34.73 -27.49 -22.20
CA SER C 290 33.33 -27.53 -22.56
C SER C 290 33.13 -27.38 -24.07
N LYS C 291 32.19 -28.14 -24.62
CA LYS C 291 31.73 -27.95 -25.99
C LYS C 291 30.36 -27.27 -26.04
N ASN C 292 29.84 -26.83 -24.90
CA ASN C 292 28.48 -26.31 -24.81
C ASN C 292 28.47 -25.00 -24.02
N ASN C 293 29.52 -24.19 -24.18
CA ASN C 293 29.55 -22.80 -23.73
C ASN C 293 29.54 -22.68 -22.20
N LEU C 294 30.20 -23.61 -21.53
CA LEU C 294 30.36 -23.55 -20.08
C LEU C 294 31.81 -23.19 -19.75
N LEU C 295 32.08 -22.95 -18.47
CA LEU C 295 33.42 -22.60 -18.02
C LEU C 295 34.12 -23.80 -17.43
N THR C 296 35.43 -23.89 -17.65
CA THR C 296 36.31 -24.79 -16.91
C THR C 296 37.01 -23.99 -15.81
N THR C 297 36.98 -24.51 -14.59
CA THR C 297 37.42 -23.71 -13.46
C THR C 297 38.02 -24.61 -12.39
N VAL C 298 38.73 -23.99 -11.45
CA VAL C 298 39.30 -24.67 -10.29
C VAL C 298 38.25 -24.75 -9.17
N ALA C 299 38.01 -25.96 -8.67
CA ALA C 299 37.10 -26.12 -7.54
C ALA C 299 37.77 -25.75 -6.23
N TRP C 300 38.91 -26.36 -5.93
CA TRP C 300 39.64 -26.07 -4.71
C TRP C 300 40.98 -26.80 -4.79
N LYS C 301 41.84 -26.49 -3.84
CA LYS C 301 43.05 -27.26 -3.60
C LYS C 301 43.14 -27.51 -2.11
N ILE C 302 43.10 -28.79 -1.73
CA ILE C 302 43.19 -29.23 -0.34
C ILE C 302 44.23 -30.35 -0.29
N ASN C 303 45.07 -30.32 0.75
CA ASN C 303 46.09 -31.35 0.96
C ASN C 303 46.96 -31.52 -0.28
N GLY C 304 47.28 -30.42 -0.95
CA GLY C 304 48.09 -30.48 -2.15
C GLY C 304 47.41 -31.03 -3.39
N GLU C 305 46.10 -31.25 -3.35
CA GLU C 305 45.38 -31.87 -4.45
C GLU C 305 44.40 -30.87 -5.06
N VAL C 306 44.52 -30.66 -6.37
CA VAL C 306 43.66 -29.72 -7.09
C VAL C 306 42.46 -30.48 -7.67
N SER C 307 41.26 -29.95 -7.43
CA SER C 307 40.05 -30.42 -8.08
C SER C 307 39.53 -29.34 -9.01
N TYR C 308 39.05 -29.76 -10.17
CA TYR C 308 38.45 -28.86 -11.15
C TYR C 308 36.94 -29.02 -11.17
N ALA C 309 36.29 -28.15 -11.93
CA ALA C 309 34.85 -28.20 -12.06
C ALA C 309 34.45 -27.67 -13.43
N LEU C 310 33.25 -28.03 -13.85
CA LEU C 310 32.54 -27.40 -14.95
C LEU C 310 31.51 -26.46 -14.34
N GLU C 311 31.33 -25.29 -14.94
CA GLU C 311 30.45 -24.29 -14.35
C GLU C 311 29.54 -23.68 -15.40
N GLY C 312 28.27 -23.55 -15.05
CA GLY C 312 27.31 -22.73 -15.80
C GLY C 312 26.94 -21.53 -14.94
N SER C 313 27.04 -20.33 -15.54
CA SER C 313 26.96 -19.06 -14.83
C SER C 313 25.78 -18.23 -15.35
N VAL C 314 24.80 -17.95 -14.48
CA VAL C 314 23.65 -17.11 -14.80
C VAL C 314 23.75 -15.83 -13.95
N PHE C 315 23.78 -14.68 -14.61
CA PHE C 315 24.15 -13.43 -13.95
C PHE C 315 23.06 -12.90 -13.01
N VAL C 316 21.79 -13.07 -13.37
CA VAL C 316 20.69 -12.44 -12.63
C VAL C 316 19.65 -13.52 -12.37
N GLY C 317 19.59 -14.00 -11.12
CA GLY C 317 18.58 -14.94 -10.70
C GLY C 317 17.78 -14.33 -9.59
N GLY C 318 18.22 -14.51 -8.35
CA GLY C 318 17.57 -13.84 -7.24
C GLY C 318 17.62 -12.32 -7.34
N ALA C 319 18.63 -11.78 -8.04
CA ALA C 319 18.66 -10.34 -8.26
C ALA C 319 17.44 -9.85 -9.05
N ALA C 320 16.80 -10.72 -9.82
CA ALA C 320 15.57 -10.31 -10.50
C ALA C 320 14.43 -10.11 -9.50
N ILE C 321 14.44 -10.87 -8.40
CA ILE C 321 13.45 -10.66 -7.34
C ILE C 321 13.72 -9.37 -6.61
N GLN C 322 14.99 -9.10 -6.30
CA GLN C 322 15.35 -7.84 -5.66
C GLN C 322 15.00 -6.65 -6.56
N TRP C 323 15.03 -6.84 -7.88
CA TRP C 323 14.58 -5.80 -8.78
C TRP C 323 13.05 -5.60 -8.68
N LEU C 324 12.27 -6.68 -8.52
CA LEU C 324 10.84 -6.47 -8.32
C LEU C 324 10.57 -5.71 -7.03
N ARG C 325 11.42 -5.91 -6.02
CA ARG C 325 11.23 -5.27 -4.72
C ARG C 325 11.68 -3.82 -4.75
N ASP C 326 12.91 -3.59 -5.22
CA ASP C 326 13.59 -2.30 -5.11
C ASP C 326 13.29 -1.39 -6.28
N GLY C 327 13.19 -1.97 -7.47
CA GLY C 327 13.06 -1.16 -8.67
C GLY C 327 11.61 -0.98 -9.06
N LEU C 328 10.94 -2.08 -9.40
CA LEU C 328 9.54 -2.01 -9.79
C LEU C 328 8.64 -1.72 -8.60
N LYS C 329 9.05 -2.17 -7.41
CA LYS C 329 8.34 -1.97 -6.14
C LYS C 329 6.97 -2.66 -6.15
N ILE C 330 6.83 -3.80 -6.84
CA ILE C 330 5.58 -4.55 -6.77
C ILE C 330 5.54 -5.57 -5.63
N ILE C 331 6.66 -5.77 -4.93
CA ILE C 331 6.68 -6.53 -3.68
C ILE C 331 7.45 -5.70 -2.67
N HIS C 332 7.15 -5.94 -1.40
CA HIS C 332 7.83 -5.25 -0.32
C HIS C 332 9.02 -6.05 0.23
N ASP C 333 8.91 -7.37 0.24
CA ASP C 333 9.96 -8.25 0.74
C ASP C 333 10.20 -9.32 -0.32
N SER C 334 11.44 -9.83 -0.37
CA SER C 334 11.77 -10.82 -1.39
C SER C 334 10.83 -12.03 -1.32
N SER C 335 10.53 -12.49 -0.11
CA SER C 335 9.71 -13.70 0.06
C SER C 335 8.28 -13.51 -0.47
N GLU C 336 7.84 -12.27 -0.72
CA GLU C 336 6.50 -12.06 -1.25
C GLU C 336 6.39 -12.41 -2.73
N VAL C 337 7.50 -12.65 -3.43
CA VAL C 337 7.42 -12.94 -4.87
C VAL C 337 6.64 -14.23 -5.10
N SER C 338 6.78 -15.19 -4.19
CA SER C 338 6.08 -16.46 -4.35
C SER C 338 4.58 -16.29 -4.16
N THR C 339 4.18 -15.55 -3.12
CA THR C 339 2.77 -15.31 -2.88
C THR C 339 2.13 -14.56 -4.05
N LEU C 340 2.82 -13.54 -4.56
CA LEU C 340 2.25 -12.76 -5.64
C LEU C 340 2.13 -13.61 -6.89
N ALA C 341 3.15 -14.42 -7.18
CA ALA C 341 3.13 -15.30 -8.34
C ALA C 341 1.96 -16.28 -8.27
N GLU C 342 1.57 -16.69 -7.06
CA GLU C 342 0.45 -17.62 -6.90
C GLU C 342 -0.90 -16.95 -7.02
N THR C 343 -0.97 -15.63 -7.20
CA THR C 343 -2.28 -15.04 -7.47
C THR C 343 -2.74 -15.32 -8.90
N VAL C 344 -1.89 -15.91 -9.73
CA VAL C 344 -2.27 -16.30 -11.08
C VAL C 344 -1.94 -17.79 -11.24
N GLU C 345 -2.56 -18.41 -12.24
CA GLU C 345 -2.34 -19.84 -12.43
C GLU C 345 -1.17 -20.17 -13.35
N ASP C 346 -0.73 -19.22 -14.16
CA ASP C 346 0.36 -19.43 -15.11
C ASP C 346 0.93 -18.08 -15.48
N ASN C 347 1.89 -18.08 -16.41
CA ASN C 347 2.55 -16.82 -16.74
C ASN C 347 1.69 -15.88 -17.58
N GLY C 348 0.48 -16.28 -17.95
CA GLY C 348 -0.41 -15.41 -18.72
C GLY C 348 0.11 -14.99 -20.07
N GLY C 349 1.06 -15.72 -20.64
CA GLY C 349 1.72 -15.34 -21.88
C GLY C 349 2.96 -14.46 -21.74
N VAL C 350 3.34 -14.09 -20.53
CA VAL C 350 4.42 -13.14 -20.30
C VAL C 350 5.71 -13.91 -20.05
N TYR C 351 6.81 -13.43 -20.63
CA TYR C 351 8.14 -14.00 -20.45
C TYR C 351 9.09 -12.88 -20.04
N PHE C 352 9.98 -13.16 -19.08
CA PHE C 352 10.86 -12.14 -18.53
C PHE C 352 12.28 -12.69 -18.64
N VAL C 353 13.07 -12.13 -19.56
CA VAL C 353 14.47 -12.52 -19.74
C VAL C 353 15.27 -11.60 -18.82
N PRO C 354 15.73 -12.07 -17.67
CA PRO C 354 16.35 -11.17 -16.68
C PRO C 354 17.80 -10.83 -16.98
N ALA C 355 18.07 -10.41 -18.22
CA ALA C 355 19.40 -10.01 -18.66
C ALA C 355 19.73 -8.59 -18.20
N LEU C 356 19.50 -8.30 -16.92
CA LEU C 356 19.74 -6.94 -16.42
C LEU C 356 21.22 -6.56 -16.46
N THR C 357 22.12 -7.55 -16.51
CA THR C 357 23.55 -7.32 -16.65
C THR C 357 24.08 -8.14 -17.82
N GLY C 358 23.29 -8.23 -18.91
CA GLY C 358 23.64 -9.08 -20.04
C GLY C 358 23.29 -10.55 -19.77
N LEU C 359 23.73 -11.44 -20.66
CA LEU C 359 23.47 -12.87 -20.53
C LEU C 359 24.75 -13.65 -20.36
N GLY C 360 24.80 -14.48 -19.32
CA GLY C 360 25.90 -15.40 -19.13
C GLY C 360 25.74 -16.66 -19.95
N ALA C 361 26.14 -17.79 -19.37
CA ALA C 361 26.09 -19.07 -20.08
C ALA C 361 24.63 -19.51 -20.32
N PRO C 362 24.33 -20.16 -21.45
CA PRO C 362 25.24 -20.48 -22.55
C PRO C 362 25.31 -19.41 -23.64
N TYR C 363 24.76 -18.23 -23.39
CA TYR C 363 24.59 -17.22 -24.44
C TYR C 363 25.78 -16.28 -24.56
N TRP C 364 26.36 -15.87 -23.44
CA TRP C 364 27.52 -14.97 -23.41
C TRP C 364 27.27 -13.75 -24.32
N ASP C 365 26.15 -13.08 -24.07
CA ASP C 365 25.78 -11.88 -24.82
C ASP C 365 25.92 -10.68 -23.90
N GLN C 366 27.01 -9.93 -24.09
CA GLN C 366 27.28 -8.79 -23.21
C GLN C 366 26.30 -7.65 -23.40
N TYR C 367 25.54 -7.66 -24.50
CA TYR C 367 24.71 -6.55 -24.93
C TYR C 367 23.23 -6.84 -24.82
N ALA C 368 22.87 -8.05 -24.39
CA ALA C 368 21.48 -8.33 -24.08
C ALA C 368 21.07 -7.54 -22.84
N ARG C 369 19.79 -7.17 -22.79
CA ARG C 369 19.28 -6.41 -21.66
C ARG C 369 17.90 -6.96 -21.25
N GLY C 370 17.51 -6.64 -20.02
CA GLY C 370 16.26 -7.14 -19.46
C GLY C 370 15.06 -6.91 -20.34
N THR C 371 14.24 -7.94 -20.55
CA THR C 371 13.19 -7.88 -21.53
C THR C 371 11.95 -8.59 -21.00
N ILE C 372 10.83 -7.89 -21.04
CA ILE C 372 9.52 -8.44 -20.66
C ILE C 372 8.64 -8.37 -21.90
N ILE C 373 8.16 -9.52 -22.36
CA ILE C 373 7.43 -9.60 -23.62
C ILE C 373 6.23 -10.52 -23.46
N GLY C 374 5.18 -10.22 -24.23
CA GLY C 374 3.93 -10.95 -24.13
C GLY C 374 2.85 -10.24 -23.36
N VAL C 375 3.07 -8.98 -22.95
CA VAL C 375 2.10 -8.28 -22.10
C VAL C 375 0.83 -7.98 -22.90
N THR C 376 -0.32 -8.21 -22.27
CA THR C 376 -1.64 -7.85 -22.80
C THR C 376 -2.39 -7.04 -21.73
N ARG C 377 -3.60 -6.58 -22.07
CA ARG C 377 -4.29 -5.67 -21.16
C ARG C 377 -4.68 -6.36 -19.85
N GLY C 378 -4.83 -7.69 -19.86
CA GLY C 378 -5.16 -8.47 -18.68
C GLY C 378 -3.97 -8.93 -17.87
N THR C 379 -2.74 -8.58 -18.28
CA THR C 379 -1.55 -8.96 -17.54
C THR C 379 -1.48 -8.23 -16.20
N THR C 380 -1.16 -8.96 -15.11
CA THR C 380 -1.10 -8.37 -13.78
C THR C 380 0.30 -8.48 -13.18
N ASP C 381 0.51 -7.75 -12.07
CA ASP C 381 1.72 -7.92 -11.29
C ASP C 381 1.92 -9.37 -10.88
N GLY C 382 0.84 -10.13 -10.76
CA GLY C 382 0.96 -11.55 -10.48
C GLY C 382 1.71 -12.27 -11.57
N HIS C 383 1.33 -12.00 -12.83
CA HIS C 383 2.02 -12.63 -13.95
C HIS C 383 3.48 -12.19 -14.00
N ILE C 384 3.77 -10.93 -13.65
CA ILE C 384 5.16 -10.47 -13.69
C ILE C 384 5.98 -11.23 -12.66
N ALA C 385 5.45 -11.39 -11.45
CA ALA C 385 6.10 -12.19 -10.42
C ALA C 385 6.32 -13.62 -10.90
N ARG C 386 5.29 -14.22 -11.49
CA ARG C 386 5.41 -15.59 -11.97
CA ARG C 386 5.40 -15.59 -11.99
C ARG C 386 6.41 -15.70 -13.12
N ALA C 387 6.42 -14.71 -14.02
CA ALA C 387 7.40 -14.71 -15.11
C ALA C 387 8.81 -14.51 -14.57
N THR C 388 8.95 -13.81 -13.45
CA THR C 388 10.26 -13.63 -12.86
C THR C 388 10.79 -14.97 -12.34
N LEU C 389 9.95 -15.71 -11.62
CA LEU C 389 10.37 -17.02 -11.13
C LEU C 389 10.66 -17.96 -12.30
N GLU C 390 9.76 -18.00 -13.29
CA GLU C 390 10.00 -18.81 -14.47
C GLU C 390 11.31 -18.42 -15.17
N GLY C 391 11.62 -17.13 -15.24
CA GLY C 391 12.84 -16.72 -15.92
C GLY C 391 14.08 -17.18 -15.19
N ILE C 392 14.02 -17.24 -13.87
CA ILE C 392 15.12 -17.83 -13.10
C ILE C 392 15.24 -19.30 -13.46
N ALA C 393 14.10 -20.00 -13.47
CA ALA C 393 14.09 -21.43 -13.75
C ALA C 393 14.51 -21.73 -15.19
N PHE C 394 14.07 -20.89 -16.14
CA PHE C 394 14.43 -21.11 -17.54
C PHE C 394 15.92 -20.95 -17.76
N GLN C 395 16.55 -19.99 -17.07
CA GLN C 395 17.99 -19.79 -17.24
C GLN C 395 18.78 -20.94 -16.64
N VAL C 396 18.32 -21.48 -15.51
CA VAL C 396 18.95 -22.66 -14.94
C VAL C 396 18.72 -23.86 -15.85
N TYR C 397 17.55 -23.92 -16.49
CA TYR C 397 17.29 -24.99 -17.42
C TYR C 397 18.31 -25.01 -18.55
N ASP C 398 18.69 -23.84 -19.06
CA ASP C 398 19.60 -23.81 -20.21
C ASP C 398 21.02 -24.22 -19.80
N ILE C 399 21.46 -23.87 -18.60
CA ILE C 399 22.82 -24.31 -18.25
C ILE C 399 22.84 -25.78 -17.82
N VAL C 400 21.75 -26.29 -17.24
CA VAL C 400 21.71 -27.71 -16.95
C VAL C 400 21.75 -28.53 -18.23
N LYS C 401 20.97 -28.11 -19.24
CA LYS C 401 20.99 -28.82 -20.52
C LYS C 401 22.37 -28.76 -21.16
N ALA C 402 23.06 -27.63 -21.06
CA ALA C 402 24.42 -27.54 -21.57
C ALA C 402 25.36 -28.46 -20.80
N MET C 403 25.20 -28.55 -19.48
CA MET C 403 26.11 -29.40 -18.72
C MET C 403 25.85 -30.89 -18.97
N GLU C 404 24.59 -31.26 -19.21
CA GLU C 404 24.29 -32.65 -19.54
C GLU C 404 24.95 -33.06 -20.84
N ALA C 405 24.94 -32.16 -21.85
CA ALA C 405 25.63 -32.45 -23.10
C ALA C 405 27.13 -32.63 -22.87
N ASP C 406 27.75 -31.70 -22.14
CA ASP C 406 29.19 -31.80 -21.85
C ASP C 406 29.53 -33.10 -21.13
N ALA C 407 28.75 -33.44 -20.13
CA ALA C 407 29.00 -34.64 -19.34
C ALA C 407 28.53 -35.92 -20.03
N GLU C 408 27.78 -35.80 -21.13
CA GLU C 408 27.18 -36.95 -21.80
C GLU C 408 26.37 -37.79 -20.82
N THR C 409 25.63 -37.12 -19.94
CA THR C 409 24.86 -37.75 -18.89
C THR C 409 23.51 -37.08 -18.79
N GLN C 410 22.48 -37.86 -18.52
CA GLN C 410 21.16 -37.34 -18.20
C GLN C 410 21.01 -37.29 -16.69
N SER C 411 20.69 -36.10 -16.17
CA SER C 411 20.46 -35.98 -14.74
C SER C 411 19.13 -36.64 -14.36
N THR C 412 19.08 -37.19 -13.14
CA THR C 412 17.82 -37.62 -12.55
C THR C 412 17.46 -36.85 -11.28
N GLU C 413 18.29 -35.90 -10.87
CA GLU C 413 18.06 -35.11 -9.67
C GLU C 413 18.98 -33.90 -9.72
N LEU C 414 18.69 -32.92 -8.88
CA LEU C 414 19.56 -31.75 -8.74
C LEU C 414 19.52 -31.27 -7.30
N ARG C 415 20.69 -31.26 -6.65
CA ARG C 415 20.82 -30.60 -5.35
C ARG C 415 20.84 -29.09 -5.56
N VAL C 416 20.11 -28.36 -4.70
CA VAL C 416 20.01 -26.90 -4.84
C VAL C 416 20.27 -26.24 -3.50
N ASP C 417 20.57 -24.93 -3.54
CA ASP C 417 20.76 -24.15 -2.33
C ASP C 417 20.63 -22.67 -2.69
N GLY C 418 20.93 -21.81 -1.70
CA GLY C 418 20.96 -20.38 -1.89
C GLY C 418 19.65 -19.71 -1.47
N GLY C 419 19.73 -18.38 -1.31
CA GLY C 419 18.61 -17.65 -0.72
C GLY C 419 17.30 -17.84 -1.45
N ALA C 420 17.33 -17.83 -2.79
CA ALA C 420 16.10 -17.95 -3.57
C ALA C 420 15.59 -19.38 -3.64
N SER C 421 16.40 -20.38 -3.26
CA SER C 421 15.88 -21.73 -3.20
C SER C 421 14.87 -21.92 -2.07
N ALA C 422 14.77 -20.96 -1.16
CA ALA C 422 13.72 -20.98 -0.15
C ALA C 422 12.32 -20.97 -0.77
N SER C 423 12.16 -20.48 -2.01
CA SER C 423 10.85 -20.43 -2.65
C SER C 423 10.41 -21.82 -3.10
N ASN C 424 9.41 -22.39 -2.41
CA ASN C 424 8.86 -23.68 -2.82
C ASN C 424 8.33 -23.64 -4.24
N LEU C 425 7.69 -22.53 -4.63
CA LEU C 425 7.13 -22.43 -5.98
C LEU C 425 8.22 -22.43 -7.05
N LEU C 426 9.32 -21.70 -6.80
CA LEU C 426 10.42 -21.71 -7.75
C LEU C 426 11.00 -23.11 -7.91
N MET C 427 11.13 -23.86 -6.82
CA MET C 427 11.70 -25.20 -6.92
C MET C 427 10.75 -26.16 -7.63
N GLN C 428 9.44 -25.98 -7.42
CA GLN C 428 8.45 -26.81 -8.12
C GLN C 428 8.46 -26.49 -9.62
N ILE C 429 8.48 -25.20 -9.98
CA ILE C 429 8.59 -24.82 -11.39
C ILE C 429 9.81 -25.48 -12.01
N GLN C 430 10.96 -25.39 -11.32
CA GLN C 430 12.20 -25.95 -11.84
C GLN C 430 12.08 -27.45 -12.06
N SER C 431 11.51 -28.15 -11.07
CA SER C 431 11.35 -29.59 -11.19
C SER C 431 10.41 -29.94 -12.34
N ASP C 432 9.35 -29.14 -12.51
CA ASP C 432 8.42 -29.37 -13.61
C ASP C 432 9.12 -29.23 -14.96
N LEU C 433 9.94 -28.19 -15.11
CA LEU C 433 10.69 -28.00 -16.35
C LEU C 433 11.64 -29.16 -16.65
N PHE C 434 12.35 -29.66 -15.63
CA PHE C 434 13.32 -30.72 -15.87
C PHE C 434 12.66 -32.10 -15.98
N GLY C 435 11.52 -32.30 -15.33
CA GLY C 435 10.96 -33.64 -15.24
C GLY C 435 11.69 -34.56 -14.28
N PHE C 436 12.52 -34.04 -13.38
CA PHE C 436 13.12 -34.88 -12.34
C PHE C 436 13.19 -34.08 -11.03
N LYS C 437 13.56 -34.76 -9.96
CA LYS C 437 13.35 -34.20 -8.64
C LYS C 437 14.37 -33.13 -8.30
N ILE C 438 13.97 -32.21 -7.43
CA ILE C 438 14.84 -31.19 -6.86
C ILE C 438 15.05 -31.51 -5.39
N ILE C 439 16.31 -31.56 -4.97
CA ILE C 439 16.68 -31.94 -3.60
C ILE C 439 17.20 -30.70 -2.89
N ARG C 440 16.49 -30.26 -1.86
CA ARG C 440 16.90 -29.10 -1.07
C ARG C 440 17.36 -29.57 0.31
N PRO C 441 18.59 -29.27 0.72
CA PRO C 441 19.07 -29.70 2.04
C PRO C 441 18.60 -28.75 3.14
N LYS C 442 18.87 -29.16 4.38
CA LYS C 442 18.41 -28.40 5.55
C LYS C 442 19.09 -27.03 5.65
N THR C 443 20.40 -26.95 5.33
CA THR C 443 21.13 -25.68 5.34
C THR C 443 21.18 -25.11 3.94
N LEU C 444 20.49 -23.99 3.71
CA LEU C 444 20.55 -23.32 2.42
C LEU C 444 21.84 -22.54 2.20
N GLU C 445 22.54 -22.17 3.27
CA GLU C 445 23.77 -21.38 3.18
C GLU C 445 24.98 -22.30 3.01
N THR C 446 24.97 -23.07 1.92
CA THR C 446 26.07 -24.01 1.69
C THR C 446 27.36 -23.30 1.28
N THR C 447 27.26 -22.10 0.72
CA THR C 447 28.43 -21.27 0.51
C THR C 447 29.17 -21.06 1.83
N ALA C 448 28.45 -20.56 2.84
CA ALA C 448 29.07 -20.33 4.14
C ALA C 448 29.51 -21.64 4.77
N LEU C 449 28.66 -22.67 4.68
CA LEU C 449 29.00 -23.97 5.25
C LEU C 449 30.29 -24.51 4.64
N GLY C 450 30.43 -24.42 3.31
CA GLY C 450 31.63 -24.93 2.66
C GLY C 450 32.88 -24.20 3.11
N ALA C 451 32.79 -22.87 3.25
CA ALA C 451 33.93 -22.10 3.74
C ALA C 451 34.30 -22.52 5.15
N ALA C 452 33.29 -22.79 5.99
CA ALA C 452 33.54 -23.25 7.36
C ALA C 452 34.19 -24.62 7.37
N TYR C 453 33.76 -25.51 6.46
CA TYR C 453 34.40 -26.81 6.33
C TYR C 453 35.88 -26.67 6.00
N LEU C 454 36.19 -25.81 5.03
CA LEU C 454 37.58 -25.62 4.62
C LEU C 454 38.45 -25.16 5.79
N ALA C 455 37.96 -24.21 6.57
CA ALA C 455 38.73 -23.74 7.71
C ALA C 455 38.78 -24.79 8.81
N GLY C 456 37.66 -25.47 9.07
CA GLY C 456 37.64 -26.49 10.11
C GLY C 456 38.58 -27.65 9.83
N LEU C 457 38.63 -28.10 8.57
CA LEU C 457 39.57 -29.16 8.20
C LEU C 457 41.01 -28.72 8.39
N ALA C 458 41.29 -27.44 8.09
CA ALA C 458 42.66 -26.95 8.21
C ALA C 458 43.13 -26.91 9.66
N VAL C 459 42.25 -26.55 10.60
CA VAL C 459 42.65 -26.44 12.00
C VAL C 459 42.37 -27.70 12.80
N GLY C 460 41.79 -28.74 12.18
CA GLY C 460 41.47 -29.93 12.94
C GLY C 460 40.18 -29.86 13.71
N PHE C 461 39.38 -28.80 13.53
CA PHE C 461 38.04 -28.74 14.09
C PHE C 461 37.26 -30.01 13.71
N TRP C 462 37.38 -30.42 12.46
CA TRP C 462 36.98 -31.73 11.98
C TRP C 462 38.21 -32.49 11.54
N GLU C 463 38.14 -33.82 11.62
CA GLU C 463 39.28 -34.65 11.27
C GLU C 463 39.37 -34.97 9.78
N SER C 464 38.25 -35.02 9.06
CA SER C 464 38.29 -35.53 7.71
C SER C 464 36.99 -35.24 6.99
N ILE C 465 37.04 -35.35 5.66
CA ILE C 465 35.86 -35.23 4.83
C ILE C 465 34.83 -36.29 5.18
N ASP C 466 35.28 -37.53 5.41
CA ASP C 466 34.36 -38.60 5.78
C ASP C 466 33.51 -38.19 6.99
N GLU C 467 34.11 -37.52 7.96
CA GLU C 467 33.41 -37.17 9.19
C GLU C 467 32.23 -36.23 8.91
N ILE C 468 32.39 -35.29 7.98
CA ILE C 468 31.34 -34.32 7.71
C ILE C 468 30.29 -34.83 6.74
N GLN C 469 30.51 -35.99 6.11
CA GLN C 469 29.58 -36.49 5.09
C GLN C 469 28.17 -36.64 5.65
N SER C 470 28.05 -37.17 6.87
CA SER C 470 26.74 -37.47 7.44
C SER C 470 25.95 -36.21 7.79
N GLN C 471 26.54 -35.02 7.67
CA GLN C 471 25.84 -33.80 8.03
C GLN C 471 24.93 -33.28 6.92
N TRP C 472 25.01 -33.87 5.72
CA TRP C 472 24.18 -33.45 4.59
C TRP C 472 22.85 -34.19 4.68
N ILE C 473 21.77 -33.45 4.95
CA ILE C 473 20.47 -34.02 5.28
C ILE C 473 19.41 -33.40 4.39
N ILE C 474 18.62 -34.24 3.71
CA ILE C 474 17.62 -33.74 2.79
C ILE C 474 16.45 -33.16 3.58
N GLU C 475 16.17 -31.87 3.36
CA GLU C 475 14.99 -31.25 3.97
C GLU C 475 13.73 -31.52 3.16
N LYS C 476 13.75 -31.23 1.86
CA LYS C 476 12.57 -31.39 1.03
C LYS C 476 12.96 -31.80 -0.38
N GLU C 477 12.22 -32.76 -0.92
CA GLU C 477 12.32 -33.14 -2.33
C GLU C 477 11.11 -32.61 -3.07
N PHE C 478 11.34 -32.04 -4.24
CA PHE C 478 10.29 -31.63 -5.15
C PHE C 478 10.25 -32.62 -6.30
N THR C 479 9.08 -33.18 -6.56
CA THR C 479 8.99 -34.12 -7.67
C THR C 479 8.19 -33.51 -8.81
N PRO C 480 8.50 -33.86 -10.07
CA PRO C 480 7.89 -33.15 -11.19
C PRO C 480 6.42 -33.48 -11.34
N LYS C 481 5.64 -32.47 -11.67
CA LYS C 481 4.25 -32.65 -12.09
C LYS C 481 4.20 -32.60 -13.62
N GLU C 482 3.52 -33.59 -14.21
CA GLU C 482 3.51 -33.73 -15.65
C GLU C 482 2.50 -32.81 -16.30
N ASP C 483 2.97 -32.00 -17.25
CA ASP C 483 2.12 -31.15 -18.08
C ASP C 483 2.87 -30.95 -19.39
N LYS C 484 3.02 -32.03 -20.17
CA LYS C 484 4.05 -32.06 -21.21
C LYS C 484 3.82 -30.96 -22.24
N THR C 485 2.58 -30.82 -22.73
CA THR C 485 2.33 -29.83 -23.76
C THR C 485 2.57 -28.42 -23.26
N LYS C 486 2.11 -28.09 -22.05
CA LYS C 486 2.37 -26.75 -21.53
C LYS C 486 3.86 -26.48 -21.42
N ILE C 487 4.64 -27.47 -20.93
CA ILE C 487 6.06 -27.23 -20.65
C ILE C 487 6.85 -27.04 -21.94
N ASP C 488 6.58 -27.87 -22.95
CA ASP C 488 7.24 -27.69 -24.24
C ASP C 488 6.97 -26.30 -24.80
N ASN C 489 5.74 -25.80 -24.66
CA ASN C 489 5.35 -24.50 -25.20
CA ASN C 489 5.45 -24.51 -25.25
C ASN C 489 6.02 -23.36 -24.44
N MET C 490 6.09 -23.50 -23.10
CA MET C 490 6.78 -22.50 -22.29
C MET C 490 8.26 -22.42 -22.66
N VAL C 491 8.91 -23.58 -22.78
CA VAL C 491 10.35 -23.56 -23.07
C VAL C 491 10.59 -22.95 -24.46
N SER C 492 9.71 -23.23 -25.42
CA SER C 492 9.87 -22.69 -26.77
C SER C 492 9.74 -21.17 -26.77
N PHE C 493 8.71 -20.62 -26.10
CA PHE C 493 8.59 -19.17 -26.02
C PHE C 493 9.69 -18.52 -25.20
N TRP C 494 10.18 -19.20 -24.16
CA TRP C 494 11.38 -18.72 -23.47
C TRP C 494 12.52 -18.49 -24.46
N HIS C 495 12.82 -19.49 -25.27
CA HIS C 495 13.93 -19.34 -26.22
C HIS C 495 13.62 -18.24 -27.24
N LYS C 496 12.35 -18.11 -27.64
CA LYS C 496 11.98 -17.00 -28.50
C LYS C 496 12.19 -15.66 -27.80
N ALA C 497 11.77 -15.57 -26.54
CA ALA C 497 11.98 -14.34 -25.78
C ALA C 497 13.46 -14.02 -25.65
N VAL C 498 14.28 -15.03 -25.36
CA VAL C 498 15.72 -14.78 -25.18
C VAL C 498 16.27 -14.08 -26.41
N LYS C 499 15.92 -14.56 -27.60
CA LYS C 499 16.42 -13.93 -28.81
C LYS C 499 15.98 -12.48 -28.91
N ARG C 500 14.78 -12.15 -28.44
CA ARG C 500 14.31 -10.76 -28.50
C ARG C 500 15.10 -9.85 -27.55
N SER C 501 15.77 -10.40 -26.54
CA SER C 501 16.55 -9.61 -25.60
C SER C 501 17.98 -9.34 -26.07
N GLN C 502 18.44 -10.04 -27.09
CA GLN C 502 19.85 -10.07 -27.46
C GLN C 502 20.24 -8.90 -28.34
N ALA C 503 21.55 -8.61 -28.35
CA ALA C 503 22.13 -7.60 -29.24
C ALA C 503 21.35 -6.29 -29.15
N TRP C 504 21.05 -5.89 -27.92
CA TRP C 504 20.29 -4.66 -27.65
C TRP C 504 21.20 -3.43 -27.56
N ILE C 505 22.15 -3.44 -26.63
CA ILE C 505 23.07 -2.32 -26.50
C ILE C 505 24.04 -2.30 -27.68
N GLU C 506 24.38 -1.10 -28.15
CA GLU C 506 25.31 -0.94 -29.26
C GLU C 506 26.65 -0.32 -28.87
N ASP C 507 26.73 0.39 -27.75
CA ASP C 507 27.96 1.13 -27.42
C ASP C 507 28.67 0.55 -26.20
N GLU D 12 43.50 13.04 13.84
CA GLU D 12 42.63 13.59 14.87
C GLU D 12 42.00 12.46 15.69
N LYS D 13 42.04 12.58 17.01
CA LYS D 13 41.40 11.60 17.87
C LYS D 13 39.90 11.88 17.94
N LEU D 14 39.12 10.82 18.19
CA LEU D 14 37.69 10.93 18.35
C LEU D 14 37.26 10.25 19.64
N ILE D 15 36.10 10.66 20.15
CA ILE D 15 35.44 10.01 21.28
C ILE D 15 34.28 9.19 20.75
N LEU D 16 34.12 7.98 21.27
CA LEU D 16 33.04 7.06 20.90
C LEU D 16 31.96 7.09 21.98
N ALA D 17 30.75 7.51 21.60
CA ALA D 17 29.62 7.46 22.51
C ALA D 17 28.76 6.27 22.12
N LEU D 18 28.45 5.41 23.10
CA LEU D 18 27.54 4.29 22.91
C LEU D 18 26.24 4.66 23.62
N ASP D 19 25.18 4.84 22.85
CA ASP D 19 23.89 5.27 23.37
C ASP D 19 22.94 4.10 23.19
N GLN D 20 22.74 3.32 24.24
CA GLN D 20 21.87 2.16 24.16
C GLN D 20 20.45 2.62 24.50
N GLY D 21 19.65 2.93 23.47
CA GLY D 21 18.31 3.45 23.68
C GLY D 21 17.24 2.37 23.89
N THR D 22 16.02 2.83 24.24
CA THR D 22 14.90 1.91 24.43
C THR D 22 14.46 1.26 23.12
N THR D 23 14.66 1.96 22.01
CA THR D 23 14.21 1.62 20.67
C THR D 23 15.33 1.11 19.78
N SER D 24 16.53 1.67 19.93
CA SER D 24 17.65 1.29 19.08
C SER D 24 18.95 1.56 19.82
N SER D 25 20.01 0.86 19.40
CA SER D 25 21.37 1.12 19.87
C SER D 25 22.10 1.99 18.84
N ARG D 26 22.86 2.96 19.33
CA ARG D 26 23.63 3.83 18.45
C ARG D 26 25.07 3.92 18.93
N ALA D 27 25.97 4.14 17.98
CA ALA D 27 27.36 4.49 18.27
C ALA D 27 27.70 5.74 17.47
N ILE D 28 28.23 6.76 18.13
CA ILE D 28 28.58 8.01 17.46
C ILE D 28 30.02 8.37 17.78
N LEU D 29 30.78 8.73 16.76
CA LEU D 29 32.13 9.24 16.96
C LEU D 29 32.10 10.75 16.77
N PHE D 30 32.53 11.47 17.80
CA PHE D 30 32.62 12.93 17.80
C PHE D 30 34.07 13.36 17.69
N ASN D 31 34.31 14.48 17.00
CA ASN D 31 35.63 15.07 17.02
C ASN D 31 35.73 16.11 18.14
N LYS D 32 36.90 16.76 18.23
CA LYS D 32 37.17 17.71 19.29
C LYS D 32 36.22 18.89 19.26
N SER D 33 35.66 19.19 18.09
CA SER D 33 34.70 20.28 17.94
C SER D 33 33.28 19.86 18.31
N GLY D 34 33.08 18.61 18.72
CA GLY D 34 31.75 18.15 19.04
C GLY D 34 30.86 17.87 17.85
N GLU D 35 31.43 17.73 16.65
CA GLU D 35 30.68 17.39 15.46
C GLU D 35 30.63 15.88 15.30
N ILE D 36 29.52 15.39 14.75
CA ILE D 36 29.37 13.96 14.48
C ILE D 36 30.17 13.62 13.23
N LYS D 37 31.14 12.72 13.38
CA LYS D 37 31.90 12.27 12.22
C LYS D 37 31.38 10.97 11.64
N PHE D 38 30.90 10.06 12.49
CA PHE D 38 30.28 8.81 12.04
C PHE D 38 29.17 8.44 13.01
N VAL D 39 28.08 7.88 12.49
CA VAL D 39 26.98 7.43 13.35
C VAL D 39 26.38 6.19 12.72
N SER D 40 26.12 5.20 13.56
CA SER D 40 25.35 4.02 13.17
C SER D 40 24.27 3.75 14.19
N GLN D 41 23.12 3.29 13.70
CA GLN D 41 21.95 3.04 14.54
C GLN D 41 21.35 1.71 14.12
N LYS D 42 20.87 0.93 15.08
CA LYS D 42 20.22 -0.34 14.78
C LYS D 42 19.15 -0.63 15.83
N SER D 43 17.93 -0.87 15.36
CA SER D 43 16.83 -1.16 16.26
C SER D 43 16.89 -2.60 16.72
N PHE D 44 16.18 -2.89 17.81
CA PHE D 44 16.09 -4.25 18.35
C PHE D 44 14.66 -4.47 18.84
N GLU D 45 14.35 -5.74 19.15
CA GLU D 45 12.95 -6.13 19.29
C GLU D 45 12.34 -5.61 20.59
N GLN D 46 11.14 -5.02 20.47
CA GLN D 46 10.32 -4.68 21.63
C GLN D 46 9.39 -5.86 21.90
N ILE D 47 9.61 -6.56 22.99
CA ILE D 47 8.87 -7.80 23.27
C ILE D 47 7.76 -7.51 24.26
N PHE D 48 6.55 -7.96 23.94
CA PHE D 48 5.36 -7.71 24.76
C PHE D 48 4.71 -9.04 25.09
N PRO D 49 5.14 -9.71 26.16
CA PRO D 49 4.56 -11.04 26.47
C PRO D 49 3.08 -10.99 26.74
N THR D 50 2.60 -9.89 27.32
CA THR D 50 1.19 -9.64 27.56
C THR D 50 1.06 -8.12 27.60
N PRO D 51 -0.09 -7.58 27.22
CA PRO D 51 -0.25 -6.11 27.22
C PRO D 51 0.05 -5.53 28.59
N GLY D 52 0.88 -4.48 28.61
CA GLY D 52 1.40 -3.90 29.82
C GLY D 52 2.85 -4.27 30.09
N TRP D 53 3.30 -5.41 29.59
CA TRP D 53 4.68 -5.82 29.81
C TRP D 53 5.54 -5.34 28.65
N VAL D 54 6.79 -5.04 28.96
CA VAL D 54 7.75 -4.58 27.96
C VAL D 54 9.10 -5.18 28.31
N GLU D 55 9.67 -5.94 27.39
CA GLU D 55 10.92 -6.65 27.61
C GLU D 55 11.84 -6.48 26.42
N HIS D 56 13.14 -6.56 26.69
CA HIS D 56 14.15 -6.62 25.65
C HIS D 56 14.99 -7.87 25.84
N ASP D 57 15.48 -8.41 24.73
CA ASP D 57 16.47 -9.50 24.73
C ASP D 57 17.83 -8.93 25.07
N PRO D 58 18.37 -9.21 26.26
CA PRO D 58 19.68 -8.64 26.62
C PRO D 58 20.78 -9.00 25.65
N ASN D 59 20.69 -10.17 25.02
CA ASN D 59 21.66 -10.54 24.00
C ASN D 59 21.50 -9.70 22.74
N GLU D 60 20.29 -9.17 22.49
CA GLU D 60 20.10 -8.31 21.32
C GLU D 60 20.41 -6.85 21.62
N ILE D 61 20.20 -6.42 22.87
CA ILE D 61 20.78 -5.15 23.29
C ILE D 61 22.29 -5.16 23.06
N TRP D 62 22.95 -6.26 23.45
CA TRP D 62 24.40 -6.39 23.29
C TRP D 62 24.79 -6.44 21.82
N SER D 63 24.21 -7.35 21.06
CA SER D 63 24.61 -7.49 19.65
C SER D 63 24.30 -6.23 18.86
N SER D 64 23.18 -5.55 19.13
CA SER D 64 22.88 -4.35 18.36
C SER D 64 23.87 -3.24 18.69
N GLN D 65 24.30 -3.16 19.96
CA GLN D 65 25.25 -2.13 20.38
C GLN D 65 26.64 -2.40 19.83
N ILE D 66 27.07 -3.67 19.80
CA ILE D 66 28.36 -4.03 19.24
C ILE D 66 28.39 -3.82 17.73
N SER D 67 27.29 -4.19 17.07
CA SER D 67 27.22 -4.06 15.62
C SER D 67 27.44 -2.61 15.18
N VAL D 68 26.78 -1.66 15.85
CA VAL D 68 26.93 -0.27 15.45
C VAL D 68 28.31 0.25 15.85
N ALA D 69 28.82 -0.19 17.01
CA ALA D 69 30.17 0.21 17.42
C ALA D 69 31.21 -0.29 16.41
N ALA D 70 31.11 -1.57 16.03
CA ALA D 70 32.06 -2.09 15.06
C ALA D 70 31.95 -1.38 13.72
N GLU D 71 30.74 -0.94 13.35
CA GLU D 71 30.58 -0.31 12.04
C GLU D 71 31.23 1.08 12.03
N VAL D 72 30.98 1.89 13.06
CA VAL D 72 31.57 3.23 13.06
C VAL D 72 33.07 3.15 13.23
N ILE D 73 33.56 2.19 14.02
CA ILE D 73 35.00 2.02 14.16
C ILE D 73 35.63 1.61 12.84
N ALA D 74 34.89 0.85 12.03
CA ALA D 74 35.37 0.43 10.73
C ALA D 74 35.46 1.62 9.76
N LYS D 75 34.44 2.49 9.78
CA LYS D 75 34.48 3.66 8.91
C LYS D 75 35.57 4.64 9.33
N ALA D 76 35.79 4.79 10.64
CA ALA D 76 36.85 5.66 11.13
C ALA D 76 38.24 5.18 10.71
N GLY D 77 38.46 3.86 10.71
CA GLY D 77 39.74 3.33 10.29
C GLY D 77 40.00 3.63 8.83
N GLU D 82 42.52 5.19 17.20
CA GLU D 82 42.25 6.61 17.20
C GLU D 82 40.97 6.94 17.98
N VAL D 83 40.41 5.97 18.70
CA VAL D 83 39.30 6.23 19.61
C VAL D 83 39.92 6.54 20.97
N ALA D 84 39.87 7.81 21.36
CA ALA D 84 40.54 8.22 22.59
C ALA D 84 39.87 7.64 23.82
N ALA D 85 38.57 7.40 23.77
CA ALA D 85 37.84 6.88 24.93
C ALA D 85 36.40 6.57 24.51
N ILE D 86 35.70 5.88 25.40
CA ILE D 86 34.32 5.47 25.19
C ILE D 86 33.48 6.05 26.30
N GLY D 87 32.36 6.68 25.93
CA GLY D 87 31.32 7.07 26.87
C GLY D 87 30.11 6.16 26.72
N ILE D 88 29.56 5.72 27.84
CA ILE D 88 28.43 4.80 27.88
C ILE D 88 27.20 5.54 28.41
N THR D 89 26.10 5.46 27.66
CA THR D 89 24.84 6.00 28.19
C THR D 89 23.69 5.13 27.72
N ASN D 90 22.57 5.17 28.45
CA ASN D 90 21.64 4.06 28.31
C ASN D 90 20.23 4.43 28.77
N GLN D 91 19.24 3.75 28.19
CA GLN D 91 17.91 3.70 28.79
C GLN D 91 18.05 3.32 30.26
N ARG D 92 17.41 4.11 31.12
CA ARG D 92 17.58 3.91 32.55
C ARG D 92 16.55 2.88 33.06
N GLU D 93 16.71 2.50 34.33
CA GLU D 93 15.81 1.64 35.10
C GLU D 93 15.71 0.21 34.59
N THR D 94 15.66 0.02 33.27
CA THR D 94 15.61 -1.32 32.67
C THR D 94 16.60 -2.26 33.34
N THR D 95 16.11 -3.45 33.72
CA THR D 95 16.76 -4.33 34.69
C THR D 95 17.20 -5.63 34.03
N VAL D 96 18.50 -5.94 34.12
CA VAL D 96 19.10 -7.14 33.55
C VAL D 96 19.72 -7.96 34.67
N VAL D 97 19.46 -9.26 34.68
CA VAL D 97 19.99 -10.18 35.68
C VAL D 97 20.63 -11.36 34.96
N TRP D 98 21.90 -11.64 35.25
CA TRP D 98 22.65 -12.66 34.54
C TRP D 98 23.51 -13.50 35.49
N ASP D 99 23.90 -14.68 35.01
CA ASP D 99 24.79 -15.55 35.75
C ASP D 99 26.19 -14.95 35.77
N ARG D 100 26.79 -14.89 36.96
CA ARG D 100 28.12 -14.27 37.09
C ARG D 100 29.18 -15.08 36.35
N HIS D 101 29.03 -16.40 36.28
CA HIS D 101 30.08 -17.27 35.75
C HIS D 101 29.91 -17.62 34.28
N THR D 102 28.71 -17.51 33.72
CA THR D 102 28.49 -17.83 32.31
C THR D 102 28.10 -16.61 31.47
N SER D 103 27.81 -15.48 32.10
CA SER D 103 27.26 -14.26 31.49
C SER D 103 25.88 -14.46 30.85
N GLU D 104 25.27 -15.63 30.99
CA GLU D 104 23.94 -15.83 30.41
C GLU D 104 22.89 -15.09 31.24
N PRO D 105 22.04 -14.29 30.62
CA PRO D 105 20.92 -13.72 31.37
C PRO D 105 19.95 -14.81 31.79
N ILE D 106 19.37 -14.65 32.98
CA ILE D 106 18.43 -15.65 33.49
C ILE D 106 16.99 -15.30 33.17
N TYR D 107 16.77 -14.12 32.57
CA TYR D 107 15.45 -13.67 32.14
C TYR D 107 15.70 -12.53 31.16
N ASN D 108 14.66 -12.19 30.39
CA ASN D 108 14.75 -11.00 29.57
C ASN D 108 15.04 -9.79 30.43
N ALA D 109 15.53 -8.72 29.80
CA ALA D 109 15.56 -7.43 30.46
C ALA D 109 14.13 -6.92 30.62
N ILE D 110 13.76 -6.52 31.83
CA ILE D 110 12.46 -5.91 32.08
C ILE D 110 12.60 -4.41 31.94
N VAL D 111 11.95 -3.85 30.93
CA VAL D 111 12.18 -2.46 30.52
C VAL D 111 11.51 -1.52 31.51
N TRP D 112 11.97 -0.26 31.52
CA TRP D 112 11.42 0.73 32.43
C TRP D 112 9.92 0.94 32.22
N GLN D 113 9.43 0.80 30.98
CA GLN D 113 8.01 0.97 30.69
C GLN D 113 7.14 -0.13 31.27
N ASP D 114 7.73 -1.30 31.56
CA ASP D 114 6.98 -2.46 32.02
C ASP D 114 6.14 -2.16 33.26
N ARG D 115 4.88 -2.59 33.25
CA ARG D 115 3.92 -2.29 34.32
C ARG D 115 3.66 -3.47 35.26
N ARG D 116 4.34 -4.61 35.09
CA ARG D 116 3.90 -5.82 35.79
C ARG D 116 3.98 -5.71 37.31
N THR D 117 4.87 -4.86 37.84
CA THR D 117 5.04 -4.79 39.29
C THR D 117 4.12 -3.75 39.93
N SER D 118 3.12 -3.28 39.19
CA SER D 118 2.27 -2.18 39.66
C SER D 118 1.53 -2.54 40.94
N LYS D 119 0.94 -3.73 40.98
CA LYS D 119 0.17 -4.10 42.17
C LYS D 119 1.05 -4.23 43.41
N TYR D 120 2.30 -4.63 43.23
CA TYR D 120 3.20 -4.69 44.38
C TYR D 120 3.65 -3.31 44.81
N CYS D 121 3.81 -2.37 43.88
CA CYS D 121 4.09 -0.99 44.29
C CYS D 121 2.94 -0.42 45.09
N ASP D 122 1.70 -0.68 44.65
CA ASP D 122 0.53 -0.25 45.42
C ASP D 122 0.49 -0.91 46.78
N GLU D 123 0.97 -2.16 46.88
CA GLU D 123 1.02 -2.81 48.18
C GLU D 123 1.99 -2.10 49.13
N LEU D 124 3.13 -1.67 48.59
CA LEU D 124 4.11 -0.93 49.40
C LEU D 124 3.60 0.44 49.79
N LYS D 125 2.84 1.11 48.91
CA LYS D 125 2.19 2.36 49.30
C LYS D 125 1.23 2.16 50.45
N SER D 126 0.40 1.11 50.38
CA SER D 126 -0.58 0.87 51.43
C SER D 126 0.10 0.60 52.77
N GLN D 127 1.29 0.02 52.75
CA GLN D 127 2.02 -0.30 53.97
C GLN D 127 2.87 0.86 54.46
N GLY D 128 2.68 2.05 53.89
CA GLY D 128 3.22 3.28 54.44
C GLY D 128 4.64 3.59 54.08
N HIS D 129 5.14 3.09 52.94
CA HIS D 129 6.54 3.25 52.56
C HIS D 129 6.79 4.41 51.61
N THR D 130 5.80 5.26 51.35
CA THR D 130 5.98 6.30 50.33
C THR D 130 7.01 7.35 50.78
N ASP D 131 6.86 7.87 51.99
CA ASP D 131 7.75 8.93 52.45
C ASP D 131 9.19 8.42 52.57
N GLU D 132 9.38 7.22 53.10
CA GLU D 132 10.72 6.64 53.21
C GLU D 132 11.39 6.51 51.84
N ILE D 133 10.66 5.97 50.87
CA ILE D 133 11.20 5.83 49.51
C ILE D 133 11.57 7.20 48.94
N LYS D 134 10.71 8.19 49.15
CA LYS D 134 10.96 9.50 48.57
C LYS D 134 12.16 10.18 49.23
N GLN D 135 12.27 10.08 50.56
CA GLN D 135 13.40 10.73 51.23
C GLN D 135 14.71 10.06 50.88
N LYS D 136 14.73 8.72 50.80
CA LYS D 136 15.95 7.98 50.56
C LYS D 136 16.38 8.01 49.09
N THR D 137 15.43 7.90 48.14
CA THR D 137 15.77 7.74 46.74
C THR D 137 15.34 8.89 45.84
N GLY D 138 14.47 9.78 46.31
CA GLY D 138 13.88 10.78 45.46
C GLY D 138 12.79 10.27 44.55
N LEU D 139 12.43 8.99 44.66
CA LEU D 139 11.54 8.35 43.71
C LEU D 139 10.18 8.08 44.34
N VAL D 140 9.20 7.76 43.50
CA VAL D 140 7.86 7.41 43.96
C VAL D 140 7.69 5.92 43.69
N LEU D 141 6.76 5.30 44.42
CA LEU D 141 6.51 3.87 44.27
C LEU D 141 5.72 3.64 42.98
N ASP D 142 6.43 3.27 41.93
CA ASP D 142 5.88 3.04 40.61
C ASP D 142 6.66 1.91 39.96
N ALA D 143 5.99 1.16 39.08
CA ALA D 143 6.65 0.05 38.38
C ALA D 143 7.79 0.52 37.48
N TYR D 144 7.95 1.83 37.33
CA TYR D 144 9.04 2.44 36.59
C TYR D 144 10.41 1.93 37.04
N PHE D 145 10.61 1.74 38.34
CA PHE D 145 11.98 1.65 38.84
C PHE D 145 12.46 0.21 39.02
N SER D 146 13.80 0.06 39.07
CA SER D 146 14.45 -1.24 38.94
C SER D 146 14.08 -2.20 40.06
N ALA D 147 13.99 -1.71 41.30
CA ALA D 147 13.98 -2.59 42.47
C ALA D 147 12.90 -3.66 42.36
N THR D 148 11.68 -3.27 42.00
CA THR D 148 10.60 -4.26 41.96
C THR D 148 10.79 -5.21 40.79
N LYS D 149 11.47 -4.76 39.74
CA LYS D 149 11.76 -5.62 38.60
C LYS D 149 12.79 -6.67 38.97
N LEU D 150 13.85 -6.27 39.69
CA LEU D 150 14.81 -7.24 40.20
C LEU D 150 14.13 -8.22 41.15
N LYS D 151 13.27 -7.72 42.03
CA LYS D 151 12.56 -8.60 42.96
C LYS D 151 11.68 -9.60 42.23
N TRP D 152 10.99 -9.14 41.17
CA TRP D 152 10.15 -10.05 40.39
C TRP D 152 10.99 -11.18 39.80
N ILE D 153 12.14 -10.83 39.22
CA ILE D 153 12.98 -11.86 38.61
C ILE D 153 13.49 -12.83 39.66
N LEU D 154 13.96 -12.31 40.80
CA LEU D 154 14.43 -13.21 41.85
C LEU D 154 13.30 -14.08 42.41
N ASP D 155 12.07 -13.55 42.41
CA ASP D 155 10.94 -14.30 42.96
C ASP D 155 10.38 -15.31 41.97
N ASN D 156 10.36 -14.99 40.67
CA ASN D 156 9.58 -15.75 39.70
C ASN D 156 10.42 -16.67 38.82
N VAL D 157 11.73 -16.50 38.77
CA VAL D 157 12.60 -17.35 37.98
C VAL D 157 13.15 -18.45 38.88
N GLU D 158 12.91 -19.70 38.51
CA GLU D 158 13.32 -20.84 39.33
C GLU D 158 14.81 -20.81 39.61
N GLY D 159 15.18 -21.05 40.88
CA GLY D 159 16.57 -21.07 41.29
C GLY D 159 17.24 -19.72 41.33
N ALA D 160 16.58 -18.65 40.89
CA ALA D 160 17.22 -17.34 40.89
C ALA D 160 17.59 -16.90 42.30
N ARG D 161 16.69 -17.08 43.26
CA ARG D 161 16.92 -16.55 44.59
C ARG D 161 18.08 -17.27 45.27
N GLU D 162 18.15 -18.59 45.14
CA GLU D 162 19.29 -19.33 45.67
C GLU D 162 20.60 -18.79 45.11
N LYS D 163 20.66 -18.60 43.79
CA LYS D 163 21.88 -18.10 43.19
C LYS D 163 22.20 -16.69 43.68
N ALA D 164 21.17 -15.86 43.88
CA ALA D 164 21.41 -14.48 44.30
C ALA D 164 21.97 -14.41 45.71
N GLU D 165 21.43 -15.24 46.63
CA GLU D 165 21.95 -15.23 47.99
C GLU D 165 23.39 -15.74 48.05
N ALA D 166 23.75 -16.67 47.18
CA ALA D 166 25.11 -17.19 47.14
C ALA D 166 26.08 -16.28 46.38
N GLY D 167 25.60 -15.17 45.84
CA GLY D 167 26.48 -14.29 45.08
C GLY D 167 26.85 -14.82 43.71
N ASP D 168 26.01 -15.67 43.14
CA ASP D 168 26.24 -16.25 41.82
C ASP D 168 25.55 -15.48 40.70
N LEU D 169 24.88 -14.36 41.01
CA LEU D 169 24.19 -13.54 40.02
C LEU D 169 24.73 -12.12 40.02
N CYS D 170 24.50 -11.43 38.90
CA CYS D 170 24.75 -9.99 38.81
C CYS D 170 23.46 -9.30 38.43
N PHE D 171 23.17 -8.18 39.10
CA PHE D 171 22.16 -7.23 38.64
C PHE D 171 22.85 -6.03 38.00
N GLY D 172 22.23 -5.48 36.97
CA GLY D 172 22.72 -4.23 36.41
C GLY D 172 21.62 -3.53 35.65
N THR D 173 21.63 -2.20 35.72
CA THR D 173 21.01 -1.43 34.66
C THR D 173 21.83 -1.62 33.37
N VAL D 174 21.36 -1.05 32.28
CA VAL D 174 21.92 -1.37 30.96
C VAL D 174 23.38 -0.94 30.85
N ASP D 175 23.78 0.14 31.54
CA ASP D 175 25.20 0.52 31.54
C ASP D 175 26.06 -0.60 32.13
N THR D 176 25.61 -1.21 33.22
CA THR D 176 26.40 -2.25 33.86
C THR D 176 26.49 -3.50 33.00
N TRP D 177 25.37 -3.85 32.36
CA TRP D 177 25.36 -4.98 31.44
C TRP D 177 26.34 -4.76 30.29
N LEU D 178 26.34 -3.56 29.70
CA LEU D 178 27.23 -3.30 28.57
C LEU D 178 28.69 -3.35 28.99
N ILE D 179 29.01 -2.77 30.15
CA ILE D 179 30.41 -2.76 30.59
C ILE D 179 30.86 -4.17 30.95
N TRP D 180 29.97 -4.96 31.56
CA TRP D 180 30.24 -6.36 31.84
C TRP D 180 30.63 -7.11 30.57
N LYS D 181 29.84 -6.96 29.51
CA LYS D 181 30.10 -7.67 28.26
C LYS D 181 31.32 -7.10 27.55
N LEU D 182 31.49 -5.78 27.58
CA LEU D 182 32.64 -5.14 26.95
C LEU D 182 33.95 -5.54 27.60
N THR D 183 33.94 -5.91 28.88
CA THR D 183 35.14 -6.30 29.59
C THR D 183 35.17 -7.79 29.91
N ARG D 184 34.30 -8.58 29.27
CA ARG D 184 34.24 -10.03 29.50
C ARG D 184 34.20 -10.35 30.99
N GLY D 185 33.38 -9.60 31.72
CA GLY D 185 33.15 -9.83 33.12
C GLY D 185 34.19 -9.27 34.07
N LYS D 186 35.16 -8.50 33.58
CA LYS D 186 36.22 -8.00 34.46
C LYS D 186 35.82 -6.75 35.23
N MET D 187 34.85 -5.97 34.75
CA MET D 187 34.38 -4.78 35.46
C MET D 187 32.87 -4.88 35.70
N PHE D 188 32.46 -4.71 36.96
CA PHE D 188 31.07 -4.80 37.36
C PHE D 188 30.67 -3.49 38.04
N ILE D 189 30.29 -2.49 37.25
CA ILE D 189 30.16 -1.11 37.74
C ILE D 189 28.93 -0.43 37.16
N THR D 190 28.54 0.65 37.83
CA THR D 190 27.52 1.58 37.38
C THR D 190 27.94 2.97 37.83
N ASP D 191 27.22 4.01 37.40
CA ASP D 191 27.52 5.35 37.90
C ASP D 191 26.42 5.81 38.85
N VAL D 192 26.63 6.99 39.45
CA VAL D 192 25.70 7.52 40.44
C VAL D 192 24.34 7.80 39.80
N SER D 193 24.32 8.34 38.58
CA SER D 193 23.04 8.72 37.96
C SER D 193 22.20 7.48 37.65
N ASN D 194 22.79 6.45 37.04
CA ASN D 194 22.06 5.21 36.81
C ASN D 194 21.64 4.55 38.13
N ALA D 195 22.55 4.50 39.11
CA ALA D 195 22.21 3.85 40.38
C ALA D 195 21.02 4.53 41.06
N SER D 196 20.93 5.86 40.95
CA SER D 196 19.85 6.60 41.62
C SER D 196 18.48 6.17 41.12
N ARG D 197 18.40 5.50 39.97
CA ARG D 197 17.15 5.14 39.34
C ARG D 197 16.66 3.75 39.75
N THR D 198 17.43 3.03 40.55
CA THR D 198 17.10 1.65 40.89
C THR D 198 16.11 1.55 42.05
N MET D 199 15.95 2.63 42.82
CA MET D 199 15.22 2.67 44.08
C MET D 199 15.87 1.79 45.15
N MET D 200 17.12 1.37 44.95
CA MET D 200 17.91 0.71 45.98
C MET D 200 19.09 1.56 46.43
N PHE D 201 19.31 2.70 45.79
CA PHE D 201 20.43 3.60 46.02
C PHE D 201 19.93 4.80 46.80
N ASN D 202 20.52 5.06 47.96
CA ASN D 202 20.18 6.23 48.76
C ASN D 202 20.94 7.43 48.21
N ILE D 203 20.20 8.44 47.74
CA ILE D 203 20.83 9.59 47.10
C ILE D 203 21.30 10.63 48.11
N ARG D 204 20.97 10.47 49.38
CA ARG D 204 21.45 11.37 50.41
C ARG D 204 22.78 10.90 50.96
N THR D 205 22.88 9.61 51.26
CA THR D 205 24.16 9.01 51.67
C THR D 205 25.02 8.63 50.47
N MET D 206 24.44 8.60 49.27
CA MET D 206 25.14 8.27 48.02
C MET D 206 25.72 6.86 48.07
N ASP D 207 24.89 5.89 48.46
CA ASP D 207 25.31 4.50 48.59
C ASP D 207 24.08 3.60 48.53
N TRP D 208 24.30 2.33 48.16
CA TRP D 208 23.24 1.34 48.26
C TRP D 208 22.69 1.32 49.69
N ASP D 209 21.38 1.18 49.82
CA ASP D 209 20.69 1.34 51.10
C ASP D 209 20.27 -0.03 51.63
N ASP D 210 20.84 -0.43 52.77
CA ASP D 210 20.53 -1.73 53.35
C ASP D 210 19.07 -1.83 53.77
N ASP D 211 18.47 -0.73 54.22
CA ASP D 211 17.07 -0.75 54.61
C ASP D 211 16.18 -1.03 53.41
N LEU D 212 16.47 -0.39 52.27
CA LEU D 212 15.69 -0.65 51.06
C LEU D 212 15.93 -2.06 50.56
N LEU D 213 17.18 -2.54 50.61
CA LEU D 213 17.46 -3.90 50.18
C LEU D 213 16.69 -4.91 51.01
N LYS D 214 16.63 -4.70 52.32
CA LYS D 214 15.81 -5.56 53.17
C LYS D 214 14.34 -5.50 52.75
N LEU D 215 13.83 -4.28 52.55
CA LEU D 215 12.43 -4.11 52.13
C LEU D 215 12.13 -4.95 50.89
N PHE D 216 13.00 -4.88 49.88
CA PHE D 216 12.75 -5.56 48.61
C PHE D 216 13.31 -6.98 48.56
N ASN D 217 13.92 -7.46 49.65
CA ASN D 217 14.49 -8.80 49.73
C ASN D 217 15.53 -9.02 48.62
N ILE D 218 16.45 -8.08 48.50
CA ILE D 218 17.53 -8.12 47.51
C ILE D 218 18.84 -8.30 48.25
N PRO D 219 19.67 -9.30 47.90
CA PRO D 219 20.98 -9.44 48.56
C PRO D 219 21.99 -8.45 47.99
N ARG D 220 22.74 -7.81 48.88
CA ARG D 220 23.73 -6.82 48.47
C ARG D 220 24.77 -7.40 47.52
N ALA D 221 24.97 -8.72 47.54
CA ALA D 221 26.02 -9.36 46.77
C ALA D 221 25.77 -9.35 45.26
N ILE D 222 24.61 -8.93 44.78
CA ILE D 222 24.37 -8.92 43.35
C ILE D 222 24.47 -7.54 42.73
N LEU D 223 24.77 -6.50 43.52
CA LEU D 223 24.82 -5.14 43.01
C LEU D 223 26.23 -4.77 42.54
N PRO D 224 26.36 -3.91 41.54
CA PRO D 224 27.69 -3.47 41.10
C PRO D 224 28.25 -2.38 42.02
N GLU D 225 29.50 -1.99 41.75
CA GLU D 225 30.14 -0.90 42.45
C GLU D 225 29.79 0.43 41.78
N VAL D 226 29.34 1.40 42.58
CA VAL D 226 28.91 2.69 42.05
C VAL D 226 30.12 3.62 41.91
N LYS D 227 30.29 4.21 40.73
CA LYS D 227 31.43 5.04 40.36
C LYS D 227 30.98 6.45 39.98
N GLN D 228 31.96 7.34 39.84
CA GLN D 228 31.70 8.66 39.26
C GLN D 228 31.17 8.53 37.82
N SER D 229 30.62 9.64 37.31
CA SER D 229 30.11 9.69 35.95
C SER D 229 31.20 10.00 34.92
N SER D 230 32.33 10.56 35.35
CA SER D 230 33.47 10.83 34.48
C SER D 230 34.73 10.38 35.21
N GLU D 231 35.35 9.32 34.72
CA GLU D 231 36.51 8.70 35.36
C GLU D 231 36.98 7.54 34.50
N VAL D 232 38.29 7.41 34.30
CA VAL D 232 38.83 6.26 33.58
C VAL D 232 38.66 5.02 34.44
N TYR D 233 37.62 4.24 34.15
CA TYR D 233 37.32 3.05 34.94
C TYR D 233 38.22 1.88 34.56
N GLY D 234 38.59 1.80 33.30
CA GLY D 234 39.38 0.69 32.80
C GLY D 234 39.34 0.73 31.29
N GLU D 235 39.49 -0.44 30.69
CA GLU D 235 39.50 -0.53 29.25
C GLU D 235 38.65 -1.70 28.79
N THR D 236 38.11 -1.57 27.57
CA THR D 236 37.42 -2.70 26.95
C THR D 236 38.40 -3.85 26.74
N SER D 237 37.85 -5.05 26.66
CA SER D 237 38.67 -6.20 26.31
C SER D 237 39.01 -6.18 24.82
N THR D 238 40.06 -6.92 24.48
CA THR D 238 40.44 -7.07 23.08
C THR D 238 39.35 -7.79 22.31
N THR D 239 38.99 -7.22 21.16
CA THR D 239 38.03 -7.82 20.25
C THR D 239 38.69 -8.08 18.90
N LEU D 240 37.94 -8.72 18.00
CA LEU D 240 38.44 -8.94 16.64
C LEU D 240 38.56 -7.63 15.87
N PHE D 241 37.77 -6.62 16.22
CA PHE D 241 37.67 -5.41 15.42
C PHE D 241 38.37 -4.18 16.01
N SER D 242 38.92 -4.26 17.23
CA SER D 242 39.48 -3.07 17.83
C SER D 242 40.48 -3.42 18.93
N THR D 243 41.37 -2.48 19.20
CA THR D 243 42.27 -2.58 20.34
C THR D 243 41.51 -2.22 21.61
N LYS D 244 42.22 -2.29 22.74
CA LYS D 244 41.64 -1.91 24.01
C LYS D 244 41.44 -0.40 24.07
N ILE D 245 40.22 0.03 24.38
CA ILE D 245 39.85 1.44 24.41
C ILE D 245 39.46 1.81 25.84
N PRO D 246 39.94 2.93 26.38
CA PRO D 246 39.51 3.32 27.73
C PRO D 246 38.01 3.58 27.79
N ILE D 247 37.37 3.04 28.83
CA ILE D 247 36.01 3.41 29.19
C ILE D 247 36.09 4.50 30.26
N ALA D 248 35.47 5.65 30.00
CA ALA D 248 35.79 6.83 30.79
C ALA D 248 34.60 7.71 31.14
N GLY D 249 33.39 7.34 30.73
CA GLY D 249 32.20 8.07 31.14
C GLY D 249 30.99 7.16 31.15
N ILE D 250 30.10 7.35 32.14
CA ILE D 250 28.82 6.64 32.24
C ILE D 250 27.78 7.60 32.79
N ALA D 251 26.61 7.67 32.14
CA ALA D 251 25.49 8.35 32.78
C ALA D 251 24.19 7.83 32.19
N GLY D 252 23.13 7.83 33.01
CA GLY D 252 21.82 7.54 32.47
C GLY D 252 21.52 8.44 31.29
N ASP D 253 20.75 7.98 30.30
CA ASP D 253 20.69 8.75 29.06
C ASP D 253 20.13 10.16 29.29
N GLN D 254 19.13 10.31 30.16
CA GLN D 254 18.52 11.63 30.28
C GLN D 254 19.41 12.61 31.04
N GLN D 255 20.21 12.11 31.98
CA GLN D 255 21.23 12.95 32.61
C GLN D 255 22.34 13.29 31.63
N ALA D 256 22.73 12.35 30.77
CA ALA D 256 23.69 12.62 29.71
C ALA D 256 23.23 13.75 28.80
N ALA D 257 21.93 13.77 28.46
CA ALA D 257 21.38 14.86 27.65
C ALA D 257 21.44 16.19 28.40
N LEU D 258 21.17 16.15 29.71
CA LEU D 258 21.31 17.36 30.52
C LEU D 258 22.73 17.89 30.46
N PHE D 259 23.71 16.99 30.54
CA PHE D 259 25.11 17.39 30.38
C PHE D 259 25.38 17.85 28.96
N GLY D 260 24.85 17.13 27.97
CA GLY D 260 25.04 17.50 26.57
C GLY D 260 24.44 18.84 26.19
N GLN D 261 23.41 19.30 26.91
CA GLN D 261 22.82 20.62 26.73
C GLN D 261 23.54 21.70 27.53
N MET D 262 24.70 21.39 28.12
CA MET D 262 25.49 22.31 28.93
C MET D 262 24.74 22.80 30.17
N CYS D 263 23.75 22.05 30.64
CA CYS D 263 22.94 22.50 31.77
C CYS D 263 23.63 22.13 33.08
N THR D 264 24.78 22.78 33.30
CA THR D 264 25.67 22.48 34.41
C THR D 264 25.57 23.52 35.52
N LYS D 265 24.63 24.46 35.43
CA LYS D 265 24.42 25.45 36.46
C LYS D 265 23.01 25.30 37.04
N PRO D 266 22.84 25.57 38.33
CA PRO D 266 21.52 25.40 38.95
C PRO D 266 20.46 26.22 38.23
N GLY D 267 19.31 25.59 38.01
CA GLY D 267 18.21 26.22 37.32
C GLY D 267 18.14 25.94 35.83
N MET D 268 19.20 25.42 35.23
CA MET D 268 19.20 25.16 33.79
C MET D 268 18.44 23.88 33.49
N VAL D 269 17.67 23.91 32.39
CA VAL D 269 16.63 22.93 32.08
C VAL D 269 16.75 22.52 30.62
N LYS D 270 16.43 21.27 30.33
CA LYS D 270 16.21 20.81 28.96
C LYS D 270 15.07 19.80 28.96
N ASN D 271 14.47 19.62 27.79
CA ASN D 271 13.54 18.51 27.59
C ASN D 271 13.95 17.69 26.37
N THR D 272 13.99 16.37 26.54
CA THR D 272 14.32 15.45 25.46
C THR D 272 13.04 14.83 24.92
N TYR D 273 12.90 14.82 23.60
CA TYR D 273 11.78 14.17 22.92
C TYR D 273 12.37 12.92 22.26
N GLY D 274 12.32 11.80 22.96
CA GLY D 274 12.88 10.55 22.46
C GLY D 274 11.81 9.48 22.45
N THR D 275 12.16 8.26 22.87
CA THR D 275 11.13 7.23 23.07
C THR D 275 10.06 7.72 24.05
N GLY D 276 10.50 8.21 25.22
CA GLY D 276 9.68 9.00 26.09
C GLY D 276 10.06 10.46 26.00
N CYS D 277 9.57 11.24 26.96
CA CYS D 277 9.92 12.66 27.07
C CYS D 277 10.42 12.93 28.47
N PHE D 278 11.54 13.65 28.60
CA PHE D 278 12.15 13.80 29.92
C PHE D 278 12.67 15.21 30.09
N LEU D 279 12.17 15.84 31.13
CA LEU D 279 12.45 17.23 31.45
C LEU D 279 13.31 17.22 32.71
N LEU D 280 14.53 17.74 32.62
CA LEU D 280 15.42 17.74 33.78
C LEU D 280 15.93 19.14 34.05
N MET D 281 15.90 19.54 35.32
CA MET D 281 16.51 20.78 35.76
C MET D 281 17.64 20.46 36.72
N ASN D 282 18.80 21.07 36.49
CA ASN D 282 19.93 20.98 37.41
C ASN D 282 19.61 21.74 38.70
N THR D 283 19.76 21.07 39.84
CA THR D 283 19.57 21.72 41.15
C THR D 283 20.88 21.79 41.94
N GLY D 284 22.03 21.68 41.26
CA GLY D 284 23.29 21.86 41.95
C GLY D 284 23.59 20.76 42.95
N ASN D 285 24.25 21.12 44.05
CA ASN D 285 24.62 20.11 45.03
C ASN D 285 23.51 19.85 46.04
N GLU D 286 22.32 20.39 45.79
CA GLU D 286 21.17 20.28 46.68
C GLU D 286 20.12 19.37 46.05
N ALA D 287 19.79 18.28 46.73
CA ALA D 287 18.62 17.48 46.36
C ALA D 287 17.37 18.25 46.73
N VAL D 288 16.51 18.50 45.74
CA VAL D 288 15.28 19.26 45.92
C VAL D 288 14.12 18.28 45.82
N TYR D 289 13.31 18.20 46.88
CA TYR D 289 12.12 17.35 46.88
C TYR D 289 10.94 18.09 46.26
N SER D 290 10.27 17.43 45.32
CA SER D 290 9.16 18.05 44.60
C SER D 290 7.90 18.15 45.46
N LYS D 291 7.13 19.20 45.21
CA LYS D 291 5.78 19.32 45.72
C LYS D 291 4.73 19.19 44.61
N ASN D 292 5.15 18.84 43.41
CA ASN D 292 4.27 18.79 42.25
C ASN D 292 4.50 17.53 41.43
N ASN D 293 4.76 16.41 42.11
CA ASN D 293 4.74 15.06 41.51
C ASN D 293 5.91 14.81 40.57
N LEU D 294 7.04 15.47 40.78
CA LEU D 294 8.25 15.23 40.01
C LEU D 294 9.21 14.33 40.81
N LEU D 295 10.32 13.96 40.18
CA LEU D 295 11.32 13.09 40.78
C LEU D 295 12.55 13.90 41.16
N THR D 296 13.17 13.53 42.29
CA THR D 296 14.47 14.04 42.69
C THR D 296 15.50 12.98 42.33
N THR D 297 16.56 13.38 41.62
CA THR D 297 17.48 12.38 41.10
C THR D 297 18.89 12.96 41.04
N VAL D 298 19.86 12.06 40.90
CA VAL D 298 21.27 12.44 40.79
C VAL D 298 21.55 12.80 39.33
N ALA D 299 22.09 14.00 39.11
CA ALA D 299 22.50 14.41 37.78
C ALA D 299 23.76 13.66 37.34
N TRP D 300 24.84 13.79 38.11
CA TRP D 300 26.12 13.18 37.82
C TRP D 300 27.04 13.45 39.01
N LYS D 301 28.17 12.74 39.03
CA LYS D 301 29.26 13.07 39.94
C LYS D 301 30.53 13.22 39.11
N ILE D 302 31.14 14.41 39.17
CA ILE D 302 32.34 14.73 38.42
C ILE D 302 33.30 15.45 39.36
N ASN D 303 34.59 15.14 39.24
CA ASN D 303 35.61 15.73 40.11
C ASN D 303 35.23 15.62 41.58
N GLY D 304 34.59 14.52 41.96
CA GLY D 304 34.23 14.35 43.35
C GLY D 304 33.06 15.18 43.84
N GLU D 305 32.30 15.82 42.95
CA GLU D 305 31.17 16.66 43.32
C GLU D 305 29.88 16.08 42.74
N VAL D 306 28.92 15.78 43.62
CA VAL D 306 27.60 15.29 43.20
C VAL D 306 26.72 16.46 42.80
N SER D 307 26.03 16.33 41.67
CA SER D 307 25.03 17.27 41.19
C SER D 307 23.67 16.58 41.13
N TYR D 308 22.61 17.30 41.48
CA TYR D 308 21.26 16.77 41.55
C TYR D 308 20.37 17.39 40.48
N ALA D 309 19.18 16.80 40.31
CA ALA D 309 18.21 17.31 39.36
C ALA D 309 16.78 17.06 39.84
N LEU D 310 15.86 17.86 39.31
CA LEU D 310 14.43 17.56 39.32
C LEU D 310 14.02 17.04 37.94
N GLU D 311 13.14 16.04 37.90
CA GLU D 311 12.78 15.40 36.64
C GLU D 311 11.28 15.14 36.52
N GLY D 312 10.76 15.48 35.34
CA GLY D 312 9.45 15.03 34.91
C GLY D 312 9.63 14.00 33.80
N SER D 313 8.95 12.87 33.96
CA SER D 313 9.14 11.68 33.15
C SER D 313 7.82 11.33 32.45
N VAL D 314 7.85 11.32 31.12
CA VAL D 314 6.71 10.96 30.27
C VAL D 314 7.09 9.67 29.55
N PHE D 315 6.28 8.61 29.76
CA PHE D 315 6.72 7.29 29.32
C PHE D 315 6.68 7.13 27.80
N VAL D 316 5.70 7.70 27.13
CA VAL D 316 5.49 7.43 25.71
C VAL D 316 5.37 8.77 24.99
N GLY D 317 6.44 9.15 24.28
CA GLY D 317 6.41 10.35 23.49
C GLY D 317 6.61 9.96 22.05
N GLY D 318 7.87 9.89 21.63
CA GLY D 318 8.18 9.40 20.32
C GLY D 318 7.72 7.98 20.10
N ALA D 319 7.58 7.19 21.17
CA ALA D 319 7.10 5.83 21.01
C ALA D 319 5.66 5.80 20.47
N ALA D 320 4.90 6.87 20.68
CA ALA D 320 3.55 6.91 20.11
C ALA D 320 3.59 7.07 18.59
N ILE D 321 4.62 7.73 18.07
CA ILE D 321 4.83 7.84 16.64
C ILE D 321 5.23 6.48 16.07
N GLN D 322 6.10 5.75 16.79
CA GLN D 322 6.44 4.39 16.40
C GLN D 322 5.21 3.49 16.42
N TRP D 323 4.27 3.74 17.32
CA TRP D 323 3.05 2.93 17.31
C TRP D 323 2.22 3.21 16.06
N LEU D 324 2.12 4.48 15.64
CA LEU D 324 1.48 4.80 14.37
C LEU D 324 2.14 4.09 13.20
N ARG D 325 3.46 3.90 13.27
CA ARG D 325 4.18 3.24 12.19
C ARG D 325 4.01 1.72 12.22
N ASP D 326 4.25 1.09 13.38
CA ASP D 326 4.32 -0.36 13.47
C ASP D 326 2.99 -1.00 13.85
N GLY D 327 2.20 -0.33 14.68
CA GLY D 327 0.95 -0.91 15.12
C GLY D 327 -0.17 -0.56 14.16
N LEU D 328 -0.52 0.72 14.12
CA LEU D 328 -1.65 1.17 13.31
C LEU D 328 -1.30 1.18 11.84
N LYS D 329 -0.03 1.43 11.51
CA LYS D 329 0.51 1.36 10.16
C LYS D 329 -0.07 2.43 9.25
N ILE D 330 -0.41 3.61 9.80
CA ILE D 330 -0.86 4.72 8.97
C ILE D 330 0.29 5.60 8.51
N ILE D 331 1.51 5.35 8.97
CA ILE D 331 2.72 5.90 8.39
C ILE D 331 3.69 4.74 8.20
N HIS D 332 4.64 4.93 7.28
CA HIS D 332 5.63 3.89 7.06
CA HIS D 332 5.65 3.93 6.95
C HIS D 332 7.01 4.23 7.60
N ASP D 333 7.30 5.50 7.83
CA ASP D 333 8.54 5.94 8.46
C ASP D 333 8.16 6.99 9.48
N SER D 334 8.91 7.05 10.58
CA SER D 334 8.55 7.96 11.68
C SER D 334 8.43 9.39 11.20
N SER D 335 9.26 9.79 10.24
CA SER D 335 9.25 11.17 9.74
C SER D 335 7.97 11.51 8.98
N GLU D 336 7.18 10.52 8.58
CA GLU D 336 5.94 10.86 7.89
C GLU D 336 4.84 11.38 8.82
N VAL D 337 5.03 11.31 10.15
CA VAL D 337 3.96 11.77 11.04
C VAL D 337 3.66 13.26 10.82
N SER D 338 4.68 14.08 10.60
CA SER D 338 4.42 15.50 10.46
C SER D 338 3.70 15.80 9.16
N THR D 339 4.14 15.18 8.06
CA THR D 339 3.48 15.38 6.78
C THR D 339 2.02 14.95 6.85
N LEU D 340 1.75 13.78 7.43
CA LEU D 340 0.38 13.31 7.57
C LEU D 340 -0.43 14.25 8.46
N ALA D 341 0.17 14.71 9.56
CA ALA D 341 -0.54 15.65 10.44
C ALA D 341 -0.82 16.96 9.71
N GLU D 342 0.02 17.35 8.76
CA GLU D 342 -0.22 18.57 8.02
C GLU D 342 -1.29 18.44 6.93
N THR D 343 -1.88 17.26 6.75
CA THR D 343 -3.01 17.15 5.84
C THR D 343 -4.30 17.66 6.45
N VAL D 344 -4.33 17.96 7.75
CA VAL D 344 -5.49 18.59 8.37
C VAL D 344 -5.02 19.88 9.03
N GLU D 345 -6.00 20.75 9.31
CA GLU D 345 -5.70 22.08 9.82
C GLU D 345 -5.61 22.13 11.35
N ASP D 346 -6.18 21.14 12.04
CA ASP D 346 -6.20 21.09 13.49
C ASP D 346 -6.51 19.65 13.90
N ASN D 347 -6.71 19.42 15.19
CA ASN D 347 -6.90 18.06 15.67
C ASN D 347 -8.30 17.50 15.36
N GLY D 348 -9.18 18.29 14.76
CA GLY D 348 -10.51 17.82 14.41
C GLY D 348 -11.36 17.38 15.59
N GLY D 349 -11.05 17.85 16.80
CA GLY D 349 -11.73 17.39 18.00
C GLY D 349 -11.17 16.13 18.60
N VAL D 350 -10.10 15.57 18.04
CA VAL D 350 -9.57 14.29 18.48
C VAL D 350 -8.44 14.52 19.46
N TYR D 351 -8.45 13.78 20.57
CA TYR D 351 -7.40 13.79 21.58
C TYR D 351 -6.86 12.37 21.79
N PHE D 352 -5.55 12.25 21.90
CA PHE D 352 -4.87 10.96 22.02
C PHE D 352 -4.01 11.01 23.28
N VAL D 353 -4.45 10.34 24.34
CA VAL D 353 -3.61 10.17 25.53
C VAL D 353 -2.71 8.95 25.32
N PRO D 354 -1.38 9.14 25.04
CA PRO D 354 -0.52 8.00 24.70
C PRO D 354 -0.05 7.20 25.92
N ALA D 355 -0.99 6.85 26.81
CA ALA D 355 -0.67 6.07 28.01
C ALA D 355 -0.45 4.59 27.71
N LEU D 356 0.29 4.27 26.64
CA LEU D 356 0.47 2.89 26.21
C LEU D 356 1.20 2.04 27.24
N THR D 357 1.95 2.66 28.16
CA THR D 357 2.61 1.98 29.27
C THR D 357 2.23 2.64 30.60
N GLY D 358 0.96 3.06 30.73
CA GLY D 358 0.55 3.81 31.89
C GLY D 358 0.93 5.27 31.73
N LEU D 359 0.79 6.02 32.82
CA LEU D 359 1.10 7.45 32.83
C LEU D 359 2.17 7.74 33.86
N GLY D 360 3.21 8.46 33.45
CA GLY D 360 4.22 8.93 34.37
C GLY D 360 3.87 10.28 34.96
N ALA D 361 4.86 11.15 35.14
CA ALA D 361 4.60 12.42 35.83
C ALA D 361 3.68 13.31 34.99
N PRO D 362 2.80 14.09 35.64
CA PRO D 362 2.59 14.20 37.08
C PRO D 362 1.48 13.28 37.59
N TYR D 363 1.02 12.34 36.76
CA TYR D 363 -0.17 11.54 37.06
C TYR D 363 0.16 10.27 37.84
N TRP D 364 1.23 9.57 37.44
CA TRP D 364 1.68 8.37 38.12
C TRP D 364 0.54 7.35 38.26
N ASP D 365 -0.12 7.09 37.16
CA ASP D 365 -1.23 6.16 37.11
C ASP D 365 -0.75 4.93 36.34
N GLN D 366 -0.40 3.87 37.08
CA GLN D 366 0.10 2.65 36.48
C GLN D 366 -0.94 1.93 35.65
N TYR D 367 -2.21 2.31 35.78
CA TYR D 367 -3.33 1.57 35.20
C TYR D 367 -3.99 2.32 34.05
N ALA D 368 -3.52 3.51 33.74
CA ALA D 368 -4.00 4.22 32.57
C ALA D 368 -3.51 3.52 31.31
N ARG D 369 -4.31 3.57 30.25
CA ARG D 369 -3.91 2.98 28.96
C ARG D 369 -4.22 3.93 27.82
N GLY D 370 -3.70 3.61 26.63
CA GLY D 370 -3.84 4.47 25.49
C GLY D 370 -5.30 4.74 25.16
N THR D 371 -5.66 6.03 25.03
CA THR D 371 -7.05 6.44 24.83
C THR D 371 -7.12 7.46 23.70
N ILE D 372 -7.92 7.17 22.67
CA ILE D 372 -8.23 8.11 21.59
C ILE D 372 -9.71 8.46 21.69
N ILE D 373 -10.02 9.76 21.80
CA ILE D 373 -11.39 10.20 22.12
C ILE D 373 -11.72 11.44 21.30
N GLY D 374 -13.00 11.56 20.94
CA GLY D 374 -13.45 12.65 20.10
C GLY D 374 -13.71 12.28 18.65
N VAL D 375 -13.64 11.00 18.30
CA VAL D 375 -13.74 10.61 16.90
C VAL D 375 -15.15 10.81 16.38
N THR D 376 -15.26 11.42 15.20
CA THR D 376 -16.50 11.53 14.44
C THR D 376 -16.30 10.91 13.05
N ARG D 377 -17.35 10.95 12.24
CA ARG D 377 -17.29 10.26 10.95
C ARG D 377 -16.27 10.90 9.99
N GLY D 378 -16.05 12.19 10.08
CA GLY D 378 -15.07 12.83 9.22
C GLY D 378 -13.65 12.82 9.74
N THR D 379 -13.38 12.15 10.86
CA THR D 379 -12.03 12.08 11.41
C THR D 379 -11.16 11.26 10.46
N THR D 380 -9.94 11.75 10.21
CA THR D 380 -9.03 11.07 9.29
C THR D 380 -7.76 10.62 10.01
N ASP D 381 -7.01 9.75 9.33
CA ASP D 381 -5.67 9.43 9.79
C ASP D 381 -4.84 10.69 9.95
N GLY D 382 -5.13 11.72 9.16
CA GLY D 382 -4.49 13.01 9.37
C GLY D 382 -4.71 13.55 10.77
N HIS D 383 -5.97 13.58 11.23
CA HIS D 383 -6.26 14.01 12.59
C HIS D 383 -5.58 13.12 13.63
N ILE D 384 -5.51 11.81 13.37
CA ILE D 384 -4.86 10.90 14.32
C ILE D 384 -3.37 11.24 14.44
N ALA D 385 -2.70 11.49 13.33
CA ALA D 385 -1.30 11.93 13.39
C ALA D 385 -1.18 13.25 14.15
N ARG D 386 -2.07 14.20 13.88
CA ARG D 386 -2.01 15.49 14.56
C ARG D 386 -2.26 15.33 16.06
N ALA D 387 -3.17 14.45 16.44
CA ALA D 387 -3.46 14.24 17.87
C ALA D 387 -2.30 13.53 18.57
N THR D 388 -1.54 12.72 17.84
CA THR D 388 -0.36 12.09 18.44
C THR D 388 0.70 13.12 18.78
N LEU D 389 1.00 14.03 17.84
CA LEU D 389 1.94 15.12 18.12
C LEU D 389 1.43 15.99 19.24
N GLU D 390 0.15 16.35 19.21
CA GLU D 390 -0.38 17.18 20.29
C GLU D 390 -0.31 16.44 21.62
N GLY D 391 -0.54 15.12 21.61
CA GLY D 391 -0.48 14.37 22.83
C GLY D 391 0.92 14.30 23.41
N ILE D 392 1.93 14.19 22.54
CA ILE D 392 3.31 14.36 22.99
C ILE D 392 3.48 15.73 23.62
N ALA D 393 3.05 16.78 22.91
CA ALA D 393 3.24 18.13 23.41
C ALA D 393 2.43 18.37 24.70
N PHE D 394 1.24 17.78 24.80
CA PHE D 394 0.43 17.99 25.99
C PHE D 394 1.11 17.39 27.22
N GLN D 395 1.72 16.22 27.06
CA GLN D 395 2.37 15.58 28.21
C GLN D 395 3.56 16.40 28.69
N VAL D 396 4.31 16.97 27.76
CA VAL D 396 5.44 17.82 28.13
C VAL D 396 4.94 19.09 28.78
N TYR D 397 3.86 19.67 28.25
CA TYR D 397 3.18 20.79 28.89
C TYR D 397 2.93 20.51 30.37
N ASP D 398 2.43 19.31 30.68
CA ASP D 398 2.07 19.01 32.06
C ASP D 398 3.30 18.94 32.96
N ILE D 399 4.42 18.40 32.48
CA ILE D 399 5.56 18.31 33.39
C ILE D 399 6.30 19.63 33.51
N VAL D 400 6.24 20.48 32.48
CA VAL D 400 6.78 21.83 32.60
C VAL D 400 5.96 22.66 33.60
N LYS D 401 4.62 22.54 33.56
CA LYS D 401 3.83 23.30 34.53
C LYS D 401 4.17 22.85 35.95
N ALA D 402 4.34 21.55 36.16
CA ALA D 402 4.70 21.08 37.49
C ALA D 402 6.09 21.58 37.89
N MET D 403 7.03 21.58 36.94
CA MET D 403 8.37 22.07 37.24
C MET D 403 8.38 23.56 37.54
N GLU D 404 7.61 24.35 36.79
CA GLU D 404 7.53 25.78 37.10
C GLU D 404 7.02 26.02 38.52
N ALA D 405 6.11 25.17 38.99
CA ALA D 405 5.60 25.30 40.35
C ALA D 405 6.68 24.96 41.38
N ASP D 406 7.41 23.85 41.17
CA ASP D 406 8.52 23.51 42.06
C ASP D 406 9.55 24.64 42.09
N ALA D 407 9.91 25.16 40.93
CA ALA D 407 10.94 26.19 40.86
C ALA D 407 10.39 27.58 41.11
N GLU D 408 9.08 27.74 41.25
CA GLU D 408 8.43 29.04 41.48
C GLU D 408 8.88 30.08 40.45
N THR D 409 8.95 29.67 39.19
CA THR D 409 9.44 30.54 38.13
C THR D 409 8.68 30.26 36.84
N GLN D 410 8.35 31.33 36.11
CA GLN D 410 7.74 31.21 34.79
C GLN D 410 8.84 31.17 33.74
N SER D 411 8.92 30.07 33.01
CA SER D 411 9.90 29.94 31.94
C SER D 411 9.59 30.92 30.82
N THR D 412 10.66 31.37 30.15
CA THR D 412 10.55 32.17 28.94
C THR D 412 11.09 31.45 27.72
N GLU D 413 11.62 30.24 27.90
CA GLU D 413 12.25 29.48 26.83
C GLU D 413 12.41 28.04 27.31
N LEU D 414 12.68 27.14 26.37
CA LEU D 414 13.00 25.76 26.71
C LEU D 414 13.92 25.19 25.65
N ARG D 415 15.10 24.71 26.08
CA ARG D 415 15.98 23.97 25.18
C ARG D 415 15.48 22.54 25.03
N VAL D 416 15.51 22.04 23.80
CA VAL D 416 14.98 20.71 23.51
C VAL D 416 15.98 19.92 22.69
N ASP D 417 15.80 18.61 22.67
CA ASP D 417 16.64 17.73 21.87
C ASP D 417 15.88 16.42 21.66
N GLY D 418 16.54 15.44 21.04
CA GLY D 418 16.01 14.11 20.88
C GLY D 418 15.45 13.87 19.47
N GLY D 419 15.25 12.60 19.16
CA GLY D 419 14.86 12.23 17.81
C GLY D 419 13.56 12.88 17.35
N ALA D 420 12.58 12.99 18.24
CA ALA D 420 11.30 13.55 17.82
C ALA D 420 11.30 15.07 17.73
N SER D 421 12.29 15.75 18.30
CA SER D 421 12.35 17.21 18.20
C SER D 421 12.66 17.67 16.79
N ALA D 422 13.06 16.77 15.89
CA ALA D 422 13.27 17.15 14.49
C ALA D 422 11.98 17.56 13.80
N SER D 423 10.82 17.22 14.38
CA SER D 423 9.55 17.61 13.78
C SER D 423 9.28 19.09 14.07
N ASN D 424 9.40 19.93 13.03
CA ASN D 424 9.11 21.36 13.18
C ASN D 424 7.68 21.58 13.65
N LEU D 425 6.73 20.76 13.18
CA LEU D 425 5.34 20.90 13.60
C LEU D 425 5.20 20.63 15.10
N LEU D 426 5.81 19.56 15.59
CA LEU D 426 5.77 19.27 17.01
C LEU D 426 6.32 20.42 17.85
N MET D 427 7.45 21.00 17.42
CA MET D 427 8.04 22.08 18.19
C MET D 427 7.17 23.33 18.16
N GLN D 428 6.50 23.60 17.03
CA GLN D 428 5.62 24.75 16.96
C GLN D 428 4.38 24.57 17.83
N ILE D 429 3.81 23.36 17.81
CA ILE D 429 2.68 23.04 18.69
C ILE D 429 3.07 23.30 20.15
N GLN D 430 4.24 22.80 20.54
CA GLN D 430 4.72 22.95 21.91
C GLN D 430 4.89 24.41 22.28
N SER D 431 5.52 25.18 21.40
CA SER D 431 5.66 26.61 21.63
C SER D 431 4.30 27.27 21.78
N ASP D 432 3.38 26.99 20.85
CA ASP D 432 2.03 27.56 20.93
C ASP D 432 1.38 27.25 22.27
N LEU D 433 1.45 25.99 22.71
CA LEU D 433 0.85 25.63 24.00
C LEU D 433 1.55 26.35 25.15
N PHE D 434 2.88 26.40 25.12
CA PHE D 434 3.61 27.04 26.20
C PHE D 434 3.42 28.53 26.23
N GLY D 435 3.29 29.16 25.07
CA GLY D 435 3.34 30.61 25.03
C GLY D 435 4.73 31.19 25.17
N PHE D 436 5.78 30.38 25.15
CA PHE D 436 7.14 30.91 25.11
C PHE D 436 7.93 30.15 24.06
N LYS D 437 9.20 30.50 23.89
CA LYS D 437 9.94 29.99 22.74
C LYS D 437 10.59 28.66 23.04
N ILE D 438 10.81 27.89 21.97
CA ILE D 438 11.52 26.61 22.01
C ILE D 438 12.83 26.79 21.27
N ILE D 439 13.93 26.38 21.89
CA ILE D 439 15.27 26.49 21.33
C ILE D 439 15.74 25.09 20.98
N ARG D 440 16.05 24.86 19.71
CA ARG D 440 16.52 23.55 19.26
C ARG D 440 17.95 23.70 18.75
N PRO D 441 18.92 22.99 19.31
CA PRO D 441 20.32 23.17 18.91
C PRO D 441 20.63 22.34 17.66
N LYS D 442 21.86 22.51 17.16
CA LYS D 442 22.26 21.90 15.90
C LYS D 442 22.32 20.37 16.01
N THR D 443 22.84 19.86 17.11
CA THR D 443 22.95 18.42 17.32
C THR D 443 21.84 17.96 18.25
N LEU D 444 20.93 17.12 17.73
CA LEU D 444 19.82 16.65 18.53
C LEU D 444 20.22 15.49 19.42
N GLU D 445 21.34 14.84 19.12
CA GLU D 445 21.80 13.68 19.89
C GLU D 445 22.58 14.14 21.12
N THR D 446 21.93 14.93 21.97
CA THR D 446 22.60 15.48 23.16
C THR D 446 22.88 14.41 24.21
N THR D 447 22.09 13.33 24.20
CA THR D 447 22.40 12.20 25.07
C THR D 447 23.78 11.64 24.76
N ALA D 448 24.01 11.29 23.49
CA ALA D 448 25.32 10.77 23.10
C ALA D 448 26.40 11.82 23.30
N LEU D 449 26.10 13.07 22.97
CA LEU D 449 27.08 14.14 23.16
C LEU D 449 27.50 14.24 24.63
N GLY D 450 26.56 14.14 25.56
CA GLY D 450 26.90 14.20 26.98
C GLY D 450 27.78 13.05 27.42
N ALA D 451 27.47 11.83 26.96
CA ALA D 451 28.35 10.70 27.23
C ALA D 451 29.76 10.96 26.74
N ALA D 452 29.87 11.48 25.51
CA ALA D 452 31.18 11.80 24.95
C ALA D 452 31.91 12.84 25.78
N TYR D 453 31.21 13.92 26.15
CA TYR D 453 31.80 14.97 26.98
C TYR D 453 32.33 14.39 28.28
N LEU D 454 31.55 13.56 28.96
CA LEU D 454 31.99 12.94 30.20
C LEU D 454 33.26 12.11 30.00
N ALA D 455 33.28 11.27 28.95
CA ALA D 455 34.45 10.46 28.68
C ALA D 455 35.64 11.33 28.29
N GLY D 456 35.42 12.34 27.45
CA GLY D 456 36.52 13.16 26.96
C GLY D 456 37.17 13.99 28.05
N LEU D 457 36.36 14.55 28.95
CA LEU D 457 36.93 15.26 30.09
C LEU D 457 37.81 14.35 30.93
N ALA D 458 37.37 13.10 31.11
CA ALA D 458 38.12 12.16 31.95
C ALA D 458 39.50 11.87 31.38
N VAL D 459 39.62 11.76 30.06
CA VAL D 459 40.93 11.45 29.45
C VAL D 459 41.65 12.69 28.97
N GLY D 460 41.09 13.88 29.16
CA GLY D 460 41.75 15.09 28.75
C GLY D 460 41.60 15.44 27.29
N PHE D 461 40.69 14.77 26.57
CA PHE D 461 40.36 15.18 25.21
C PHE D 461 39.90 16.62 25.19
N TRP D 462 38.99 16.98 26.09
CA TRP D 462 38.76 18.38 26.45
C TRP D 462 39.37 18.62 27.83
N GLU D 463 39.96 19.79 28.01
CA GLU D 463 40.61 20.08 29.29
C GLU D 463 39.71 20.82 30.27
N SER D 464 38.50 21.23 29.87
CA SER D 464 37.59 21.86 30.83
C SER D 464 36.18 21.90 30.27
N ILE D 465 35.22 22.08 31.19
CA ILE D 465 33.84 22.35 30.80
C ILE D 465 33.75 23.61 29.96
N ASP D 466 34.52 24.64 30.32
CA ASP D 466 34.46 25.89 29.58
C ASP D 466 34.87 25.70 28.13
N GLU D 467 35.79 24.77 27.87
CA GLU D 467 36.25 24.53 26.50
C GLU D 467 35.12 24.10 25.59
N ILE D 468 34.19 23.27 26.08
CA ILE D 468 33.15 22.72 25.22
C ILE D 468 31.92 23.64 25.11
N GLN D 469 31.86 24.72 25.89
CA GLN D 469 30.65 25.54 25.95
C GLN D 469 30.25 26.07 24.57
N SER D 470 31.22 26.53 23.79
CA SER D 470 30.96 27.11 22.48
C SER D 470 30.43 26.10 21.47
N GLN D 471 30.42 24.81 21.80
CA GLN D 471 29.93 23.80 20.87
C GLN D 471 28.40 23.78 20.79
N TRP D 472 27.73 24.51 21.67
CA TRP D 472 26.27 24.54 21.72
C TRP D 472 25.80 25.66 20.80
N ILE D 473 25.12 25.30 19.72
CA ILE D 473 24.76 26.23 18.65
C ILE D 473 23.26 26.14 18.40
N ILE D 474 22.56 27.27 18.47
CA ILE D 474 21.13 27.26 18.22
C ILE D 474 20.90 27.09 16.72
N GLU D 475 20.09 26.10 16.35
CA GLU D 475 19.74 25.86 14.96
C GLU D 475 18.42 26.48 14.57
N LYS D 476 17.41 26.45 15.44
CA LYS D 476 16.15 27.11 15.15
C LYS D 476 15.47 27.48 16.47
N GLU D 477 14.80 28.62 16.48
CA GLU D 477 13.95 29.03 17.59
C GLU D 477 12.51 29.08 17.11
N PHE D 478 11.60 28.51 17.89
CA PHE D 478 10.17 28.52 17.61
C PHE D 478 9.49 29.53 18.52
N THR D 479 8.71 30.46 17.93
CA THR D 479 8.00 31.42 18.77
C THR D 479 6.49 31.15 18.75
N PRO D 480 5.79 31.39 19.85
CA PRO D 480 4.36 31.03 19.92
C PRO D 480 3.52 31.94 19.05
N LYS D 481 2.49 31.36 18.44
CA LYS D 481 1.61 32.11 17.55
C LYS D 481 0.18 31.57 17.60
N GLU D 482 -0.41 31.56 18.79
CA GLU D 482 -1.81 31.16 18.94
C GLU D 482 -2.42 31.88 20.14
N ASP D 483 -3.74 32.02 20.11
CA ASP D 483 -4.48 32.69 21.17
C ASP D 483 -4.49 31.85 22.45
N LYS D 484 -4.15 32.48 23.58
CA LYS D 484 -4.01 31.74 24.83
C LYS D 484 -5.29 31.08 25.27
N THR D 485 -6.45 31.68 24.95
CA THR D 485 -7.73 31.09 25.35
C THR D 485 -8.07 29.87 24.51
N LYS D 486 -7.76 29.91 23.20
CA LYS D 486 -7.97 28.74 22.35
C LYS D 486 -7.03 27.60 22.72
N ILE D 487 -5.84 27.94 23.22
CA ILE D 487 -4.93 26.95 23.78
C ILE D 487 -5.50 26.41 25.09
N ASP D 488 -5.99 27.31 25.96
CA ASP D 488 -6.57 26.88 27.25
C ASP D 488 -7.70 25.88 27.05
N ASN D 489 -8.49 26.02 25.97
CA ASN D 489 -9.59 25.10 25.70
C ASN D 489 -9.10 23.76 25.15
N MET D 490 -8.10 23.78 24.27
CA MET D 490 -7.42 22.54 23.90
C MET D 490 -6.84 21.85 25.14
N VAL D 491 -6.16 22.64 25.98
CA VAL D 491 -5.56 22.09 27.19
C VAL D 491 -6.65 21.55 28.11
N SER D 492 -7.77 22.26 28.21
CA SER D 492 -8.89 21.77 29.02
C SER D 492 -9.36 20.41 28.53
N PHE D 493 -9.57 20.28 27.22
CA PHE D 493 -10.01 18.99 26.68
C PHE D 493 -8.92 17.93 26.83
N TRP D 494 -7.66 18.32 26.71
CA TRP D 494 -6.59 17.35 26.97
C TRP D 494 -6.72 16.77 28.37
N HIS D 495 -6.89 17.65 29.38
CA HIS D 495 -7.03 17.19 30.76
C HIS D 495 -8.30 16.37 30.96
N LYS D 496 -9.36 16.71 30.22
CA LYS D 496 -10.56 15.89 30.27
C LYS D 496 -10.28 14.48 29.73
N ALA D 497 -9.52 14.41 28.63
CA ALA D 497 -9.20 13.12 28.01
C ALA D 497 -8.29 12.28 28.92
N VAL D 498 -7.29 12.90 29.56
CA VAL D 498 -6.43 12.16 30.48
C VAL D 498 -7.27 11.43 31.52
N LYS D 499 -8.20 12.15 32.16
CA LYS D 499 -9.07 11.49 33.13
C LYS D 499 -9.83 10.33 32.50
N ARG D 500 -10.23 10.44 31.22
CA ARG D 500 -10.93 9.32 30.60
C ARG D 500 -10.01 8.11 30.39
N SER D 501 -8.69 8.32 30.38
CA SER D 501 -7.74 7.23 30.18
C SER D 501 -7.37 6.50 31.47
N GLN D 502 -7.67 7.08 32.64
CA GLN D 502 -7.11 6.66 33.92
C GLN D 502 -7.89 5.51 34.56
N ALA D 503 -7.22 4.81 35.48
CA ALA D 503 -7.83 3.71 36.25
C ALA D 503 -8.55 2.72 35.33
N TRP D 504 -7.89 2.36 34.23
CA TRP D 504 -8.48 1.48 33.23
C TRP D 504 -8.24 0.00 33.54
N ILE D 505 -6.96 -0.39 33.69
CA ILE D 505 -6.63 -1.76 34.04
C ILE D 505 -6.98 -2.01 35.50
N GLU D 506 -7.49 -3.22 35.79
CA GLU D 506 -7.85 -3.59 37.17
C GLU D 506 -6.92 -4.62 37.79
N ASP D 507 -6.10 -5.29 36.98
CA ASP D 507 -5.25 -6.37 37.47
C ASP D 507 -3.78 -6.01 37.33
PB ADP E . -11.81 7.31 -24.41
O1B ADP E . -12.28 6.55 -23.25
O2B ADP E . -11.05 6.47 -25.39
O3B ADP E . -12.93 8.07 -25.13
PA ADP E . -10.64 9.55 -22.87
O1A ADP E . -11.80 9.41 -21.95
O2A ADP E . -10.58 10.87 -23.52
O3A ADP E . -10.75 8.42 -23.99
O5' ADP E . -9.33 9.22 -22.01
C5' ADP E . -9.18 7.97 -21.28
C4' ADP E . -7.72 7.75 -20.98
O4' ADP E . -7.16 8.90 -20.32
C3' ADP E . -7.44 6.55 -20.08
O3' ADP E . -6.75 5.59 -20.86
C2' ADP E . -6.59 7.12 -18.92
O2' ADP E . -5.47 6.28 -18.70
C1' ADP E . -6.13 8.47 -19.47
N9 ADP E . -5.94 9.50 -18.45
C8 ADP E . -6.92 10.05 -17.66
N7 ADP E . -6.50 11.04 -16.91
C5 ADP E . -5.15 11.15 -17.22
C6 ADP E . -4.14 12.02 -16.78
N6 ADP E . -4.37 13.04 -15.95
N1 ADP E . -2.90 11.86 -17.29
C2 ADP E . -2.69 10.89 -18.19
N3 ADP E . -3.57 10.02 -18.70
C4 ADP E . -4.79 10.20 -18.17
C1 GOL F . -11.72 4.02 -29.95
O1 GOL F . -11.81 5.33 -29.43
C2 GOL F . -11.77 4.15 -31.52
O2 GOL F . -13.10 4.42 -31.98
C3 GOL F . -11.29 2.78 -32.06
O3 GOL F . -11.35 2.86 -33.50
MG MG G . -13.16 5.07 -22.37
PB ADP H . -27.90 0.88 4.73
O1B ADP H . -27.96 1.68 6.01
O2B ADP H . -27.06 1.55 3.69
O3B ADP H . -29.31 0.56 4.24
PA ADP H . -26.61 -1.71 4.30
O1A ADP H . -27.41 -2.93 4.48
O2A ADP H . -26.39 -1.34 2.86
O3A ADP H . -27.27 -0.52 5.12
O5' ADP H . -25.13 -1.91 4.92
C5' ADP H . -24.09 -0.94 4.68
C4' ADP H . -22.96 -1.22 5.63
O4' ADP H . -22.44 -2.54 5.39
C3' ADP H . -21.77 -0.26 5.52
O3' ADP H . -21.74 0.60 6.65
C2' ADP H . -20.54 -1.18 5.39
O2' ADP H . -19.52 -0.78 6.30
C1' ADP H . -21.09 -2.57 5.72
N9 ADP H . -20.46 -3.65 4.97
C8 ADP H . -20.53 -3.86 3.62
N7 ADP H . -19.95 -4.96 3.22
C5 ADP H . -19.46 -5.53 4.38
C6 ADP H . -18.77 -6.72 4.65
N6 ADP H . -18.43 -7.61 3.71
N1 ADP H . -18.44 -6.99 5.93
C2 ADP H . -18.79 -6.11 6.87
N3 ADP H . -19.45 -4.96 6.75
C4 ADP H . -19.77 -4.72 5.48
C1 GOL I . -32.25 5.66 10.92
O1 GOL I . -33.41 5.72 11.74
C2 GOL I . -32.47 4.51 9.90
O2 GOL I . -33.55 4.80 9.08
C3 GOL I . -31.12 4.40 9.08
O3 GOL I . -31.21 3.26 8.26
MG MG J . -26.55 3.27 2.94
PB ADP K . 24.40 -14.65 -2.77
O1B ADP K . 25.30 -15.18 -1.64
O2B ADP K . 24.45 -15.62 -3.94
O3B ADP K . 24.71 -13.26 -3.15
PA ADP K . 21.93 -15.48 -1.32
O1A ADP K . 21.98 -14.82 0.03
O2A ADP K . 22.18 -16.94 -1.31
O3A ADP K . 22.89 -14.65 -2.27
O5' ADP K . 20.51 -15.17 -1.97
C5' ADP K . 20.22 -13.80 -2.29
C4' ADP K . 18.94 -13.76 -3.08
O4' ADP K . 17.91 -14.47 -2.37
C3' ADP K . 18.43 -12.35 -3.33
O3' ADP K . 18.67 -12.03 -4.69
C2' ADP K . 16.93 -12.40 -2.92
O2' ADP K . 16.11 -11.86 -3.95
C1' ADP K . 16.67 -13.91 -2.77
N9 ADP K . 15.68 -14.27 -1.77
C8 ADP K . 15.76 -14.10 -0.41
N7 ADP K . 14.76 -14.61 0.26
C5 ADP K . 13.94 -15.14 -0.74
C6 ADP K . 12.73 -15.86 -0.70
N6 ADP K . 12.09 -16.17 0.43
N1 ADP K . 12.20 -16.27 -1.87
C2 ADP K . 12.85 -15.99 -3.00
N3 ADP K . 14.00 -15.34 -3.17
C4 ADP K . 14.50 -14.94 -1.99
C1 GOL L . 29.88 -14.52 -9.41
O1 GOL L . 30.79 -15.25 -10.23
C2 GOL L . 29.56 -15.36 -8.14
O2 GOL L . 30.69 -15.48 -7.39
C3 GOL L . 28.46 -14.52 -7.35
O3 GOL L . 27.91 -15.35 -6.33
MG MG M . 24.56 -11.49 -1.25
PB ADP N . 15.75 7.61 22.70
O1B ADP N . 17.26 7.52 22.80
O2B ADP N . 15.29 8.81 23.53
O3B ADP N . 15.08 6.35 23.12
PA ADP N . 15.78 9.02 20.07
O1A ADP N . 16.45 10.24 20.59
O2A ADP N . 16.58 8.30 19.02
O3A ADP N . 15.41 7.94 21.19
O5' ADP N . 14.35 9.24 19.43
C5' ADP N . 13.59 8.08 19.05
C4' ADP N . 12.20 8.51 18.68
O4' ADP N . 12.27 9.50 17.65
C3' ADP N . 11.29 7.39 18.16
O3' ADP N . 10.23 7.16 19.07
C2' ADP N . 10.78 7.90 16.80
O2' ADP N . 9.37 7.72 16.70
C1' ADP N . 11.11 9.39 16.85
N9 ADP N . 11.41 10.00 15.57
C8 ADP N . 12.45 9.68 14.73
N7 ADP N . 12.54 10.45 13.67
C5 ADP N . 11.48 11.34 13.82
C6 ADP N . 11.01 12.39 13.02
N6 ADP N . 11.63 12.82 11.91
N1 ADP N . 9.89 13.03 13.42
C2 ADP N . 9.31 12.65 14.55
N3 ADP N . 9.68 11.69 15.41
C4 ADP N . 10.77 11.06 14.98
C1 GOL O . 14.39 6.37 28.65
O1 GOL O . 15.20 7.19 27.80
C2 GOL O . 14.71 6.79 30.14
O2 GOL O . 16.03 6.50 30.47
C3 GOL O . 13.66 6.09 31.08
O3 GOL O . 14.02 6.49 32.41
MG MG P . 15.83 4.43 21.14
#